data_1YWH
#
_entry.id   1YWH
#
_cell.length_a   106.928
_cell.length_b   136.831
_cell.length_c   140.536
_cell.angle_alpha   90.00
_cell.angle_beta   97.27
_cell.angle_gamma   90.00
#
_symmetry.space_group_name_H-M   'P 1 21 1'
#
loop_
_entity.id
_entity.type
_entity.pdbx_description
1 polymer 'Urokinase plasminogen activator surface receptor'
2 polymer 'antagonist peptide'
3 branched 2-acetamido-2-deoxy-beta-D-glucopyranose-(1-4)-[alpha-L-fucopyranose-(1-6)]2-acetamido-2-deoxy-beta-D-glucopyranose
4 branched alpha-L-fucopyranose-(1-6)-2-acetamido-2-deoxy-beta-D-glucopyranose
5 branched 2-acetamido-2-deoxy-beta-D-glucopyranose-(1-4)-2-acetamido-2-deoxy-beta-D-glucopyranose
6 branched alpha-D-mannopyranose-(1-3)-[alpha-D-mannopyranose-(1-6)]beta-D-mannopyranose-(1-4)-2-acetamido-2-deoxy-beta-D-glucopyranose-(1-4)-2-acetamido-2-deoxy-beta-D-glucopyranose
7 non-polymer 2-acetamido-2-deoxy-beta-D-glucopyranose
8 non-polymer 'SULFATE ION'
9 water water
#
loop_
_entity_poly.entity_id
_entity_poly.type
_entity_poly.pdbx_seq_one_letter_code
_entity_poly.pdbx_strand_id
1 'polypeptide(L)'
;LRCMQCKTNGDCRVEECALGQDLCRTTIVRLWEEGEELELVEKSCTHSEKTNRTLSYRTGLKITSLTEVVCGLDLCNQGN
SGRAVTYSRSRYLECISCGSSDMSCERGRHQSLQCRSPEEQCLDVVTHWIQEGEEGRPKDDRHLRGCGYLPGCPGSNGFH
NNDTFHFLKCCNTTKCNEGPILELENLPQNGRQCYSCKGQSTHGCSSEETFLIDCRGPMNQCLVATGTHEPKNQSYMVRG
CATASMCQHAHLGDAFSMNHIDVSCCTKSGCNHPDLDVQYRSGAAPQPGPAHLSLTITLLMTARLWGGTLLWT
;
A,C,E,G,I,K,M,O
2 'polypeptide(L)' KSD(ALC)F(DSN)(DLY)YLWSSK B,D,F,H,J,L,N,P
#
loop_
_chem_comp.id
_chem_comp.type
_chem_comp.name
_chem_comp.formula
BMA D-saccharide, beta linking beta-D-mannopyranose 'C6 H12 O6'
FUC L-saccharide, alpha linking alpha-L-fucopyranose 'C6 H12 O5'
MAN D-saccharide, alpha linking alpha-D-mannopyranose 'C6 H12 O6'
NAG D-saccharide, beta linking 2-acetamido-2-deoxy-beta-D-glucopyranose 'C8 H15 N O6'
SO4 non-polymer 'SULFATE ION' 'O4 S -2'
#
# COMPACT_ATOMS: atom_id res chain seq x y z
N LEU A 1 14.55 -26.07 25.25
CA LEU A 1 14.41 -24.66 24.78
C LEU A 1 13.51 -24.57 23.53
N ARG A 2 12.69 -23.52 23.49
CA ARG A 2 11.81 -23.25 22.36
C ARG A 2 12.09 -21.87 21.77
N CYS A 3 12.20 -21.81 20.45
CA CYS A 3 12.43 -20.55 19.78
C CYS A 3 11.50 -20.42 18.64
N MET A 4 11.52 -19.23 18.07
CA MET A 4 10.90 -19.00 16.80
C MET A 4 11.88 -19.44 15.74
N GLN A 5 11.35 -19.97 14.66
CA GLN A 5 12.14 -20.24 13.47
C GLN A 5 11.49 -19.43 12.38
N CYS A 6 12.28 -18.72 11.59
CA CYS A 6 11.75 -17.92 10.48
C CYS A 6 12.73 -17.85 9.33
N LYS A 7 12.36 -18.44 8.20
CA LYS A 7 13.09 -18.21 6.97
C LYS A 7 13.00 -16.71 6.62
N THR A 8 14.04 -16.15 5.97
CA THR A 8 14.02 -14.72 5.58
C THR A 8 12.76 -14.33 4.84
N ASN A 9 12.12 -15.32 4.22
CA ASN A 9 10.69 -15.39 3.82
C ASN A 9 9.65 -14.71 4.69
N GLY A 10 9.83 -14.80 6.01
CA GLY A 10 8.73 -14.62 6.95
C GLY A 10 7.91 -15.90 7.22
N ASP A 11 8.35 -17.02 6.66
CA ASP A 11 7.76 -18.32 7.01
C ASP A 11 8.28 -18.74 8.39
N CYS A 12 7.37 -18.80 9.36
CA CYS A 12 7.71 -18.95 10.78
C CYS A 12 6.95 -20.12 11.41
N ARG A 13 7.62 -20.76 12.37
CA ARG A 13 7.07 -21.84 13.16
C ARG A 13 7.68 -21.76 14.55
N VAL A 14 7.09 -22.49 15.49
CA VAL A 14 7.68 -22.73 16.80
C VAL A 14 8.57 -23.95 16.68
N GLU A 15 9.78 -23.86 17.24
CA GLU A 15 10.73 -24.95 17.17
C GLU A 15 11.01 -25.54 18.55
N GLU A 16 11.20 -26.85 18.62
CA GLU A 16 11.79 -27.47 19.80
C GLU A 16 13.26 -27.69 19.49
N CYS A 17 14.13 -26.95 20.16
CA CYS A 17 15.56 -26.97 19.85
C CYS A 17 16.22 -28.33 20.08
N ALA A 18 17.08 -28.72 19.14
CA ALA A 18 17.80 -29.99 19.21
C ALA A 18 18.81 -29.95 20.35
N LEU A 19 19.12 -31.10 20.93
CA LEU A 19 20.05 -31.17 22.06
C LEU A 19 21.38 -30.50 21.73
N GLY A 20 21.89 -29.73 22.69
CA GLY A 20 23.12 -28.97 22.49
C GLY A 20 22.82 -27.61 21.92
N GLN A 21 21.58 -27.39 21.49
CA GLN A 21 21.19 -26.08 21.00
C GLN A 21 20.35 -25.40 22.05
N ASP A 22 21.01 -24.72 22.98
CA ASP A 22 20.31 -24.03 24.08
C ASP A 22 20.36 -22.48 24.00
N LEU A 23 20.32 -21.96 22.78
CA LEU A 23 20.08 -20.54 22.54
C LEU A 23 19.13 -20.33 21.35
N CYS A 24 18.39 -19.23 21.40
CA CYS A 24 17.70 -18.71 20.24
C CYS A 24 18.50 -17.56 19.67
N ARG A 25 18.47 -17.42 18.35
CA ARG A 25 19.03 -16.25 17.68
C ARG A 25 17.99 -15.54 16.80
N THR A 26 18.18 -14.23 16.65
CA THR A 26 17.66 -13.48 15.54
C THR A 26 18.82 -12.78 14.83
N THR A 27 18.87 -12.92 13.51
CA THR A 27 19.92 -12.35 12.68
C THR A 27 19.28 -11.31 11.80
N ILE A 28 19.72 -10.07 11.89
CA ILE A 28 19.20 -9.00 11.02
C ILE A 28 20.28 -8.31 10.19
N VAL A 29 19.99 -8.19 8.90
CA VAL A 29 20.75 -7.34 8.01
C VAL A 29 19.85 -6.21 7.51
N ARG A 30 20.26 -4.97 7.78
CA ARG A 30 19.69 -3.77 7.16
C ARG A 30 20.67 -3.31 6.11
N LEU A 31 20.22 -3.14 4.87
CA LEU A 31 21.09 -2.61 3.80
C LEU A 31 20.44 -1.60 2.85
N TRP A 32 21.25 -1.09 1.92
CA TRP A 32 20.82 -0.13 0.92
C TRP A 32 21.12 -0.62 -0.47
N GLU A 33 20.09 -1.02 -1.20
CA GLU A 33 20.29 -1.26 -2.62
C GLU A 33 19.47 -0.29 -3.41
N GLU A 34 20.13 0.36 -4.36
CA GLU A 34 19.55 1.41 -5.17
C GLU A 34 19.13 2.57 -4.26
N GLY A 35 17.91 3.05 -4.45
CA GLY A 35 17.42 4.15 -3.61
C GLY A 35 16.49 3.66 -2.51
N GLU A 36 16.65 2.41 -2.10
CA GLU A 36 15.73 1.88 -1.13
C GLU A 36 16.39 1.07 -0.03
N GLU A 37 15.66 0.92 1.07
CA GLU A 37 16.18 0.31 2.28
C GLU A 37 15.65 -1.12 2.45
N LEU A 38 16.56 -2.09 2.53
CA LEU A 38 16.15 -3.48 2.62
C LEU A 38 16.41 -4.14 3.98
N GLU A 39 15.57 -5.09 4.36
CA GLU A 39 15.76 -5.82 5.62
C GLU A 39 15.60 -7.33 5.44
N LEU A 40 16.46 -8.11 6.06
CA LEU A 40 16.30 -9.55 6.13
C LEU A 40 16.38 -10.00 7.58
N VAL A 41 15.37 -10.75 8.00
CA VAL A 41 15.36 -11.32 9.35
C VAL A 41 15.30 -12.84 9.27
N GLU A 42 16.18 -13.46 10.05
CA GLU A 42 16.25 -14.90 10.22
C GLU A 42 16.30 -15.20 11.72
N LYS A 43 15.48 -16.15 12.16
CA LYS A 43 15.39 -16.51 13.57
C LYS A 43 15.45 -18.01 13.71
N SER A 44 16.07 -18.51 14.78
CA SER A 44 16.06 -19.96 15.06
C SER A 44 16.81 -20.41 16.33
N CYS A 45 16.82 -21.71 16.53
CA CYS A 45 17.59 -22.33 17.60
C CYS A 45 19.01 -22.41 17.13
N THR A 46 19.87 -21.68 17.82
CA THR A 46 21.27 -21.71 17.50
C THR A 46 22.03 -22.57 18.54
N HIS A 47 23.33 -22.79 18.32
CA HIS A 47 24.13 -23.80 19.04
C HIS A 47 24.78 -23.19 20.30
N SER A 48 24.85 -23.95 21.39
CA SER A 48 25.07 -23.39 22.74
C SER A 48 26.25 -22.42 22.90
N GLU A 49 27.32 -22.69 22.15
CA GLU A 49 28.59 -21.97 22.26
C GLU A 49 28.48 -20.51 21.84
N LYS A 50 27.39 -20.17 21.13
CA LYS A 50 27.28 -18.91 20.38
C LYS A 50 27.06 -17.63 21.21
N THR A 51 27.12 -16.48 20.53
CA THR A 51 27.21 -15.16 21.16
C THR A 51 26.70 -14.03 20.26
N ASN A 52 26.37 -12.89 20.86
CA ASN A 52 26.06 -11.68 20.11
C ASN A 52 27.19 -11.33 19.18
N ARG A 53 26.84 -11.09 17.92
CA ARG A 53 27.80 -10.70 16.90
C ARG A 53 27.20 -9.54 16.13
N THR A 54 28.08 -8.66 15.65
CA THR A 54 27.69 -7.44 14.95
C THR A 54 28.69 -7.11 13.84
N LEU A 55 28.19 -6.62 12.70
CA LEU A 55 29.03 -6.21 11.60
C LEU A 55 28.40 -5.05 10.85
N SER A 56 29.18 -4.04 10.50
CA SER A 56 28.68 -2.95 9.66
C SER A 56 29.78 -2.26 8.87
N TYR A 57 29.49 -1.84 7.64
CA TYR A 57 30.42 -1.05 6.82
C TYR A 57 29.68 -0.11 5.89
N ARG A 58 30.42 0.87 5.37
CA ARG A 58 29.94 1.92 4.46
C ARG A 58 29.49 1.42 3.09
N THR A 59 28.42 1.98 2.54
CA THR A 59 28.00 1.63 1.18
C THR A 59 27.73 2.84 0.29
N GLY A 60 27.22 3.91 0.88
CA GLY A 60 27.02 5.18 0.18
C GLY A 60 26.78 6.29 1.17
N LEU A 61 27.12 6.02 2.44
CA LEU A 61 26.88 6.92 3.61
C LEU A 61 25.68 6.41 4.40
N LYS A 62 24.78 5.84 3.63
CA LYS A 62 24.09 4.65 3.97
C LYS A 62 25.12 3.58 4.37
N ILE A 63 24.75 2.68 5.28
CA ILE A 63 25.63 1.59 5.70
C ILE A 63 24.94 0.24 5.61
N THR A 64 25.69 -0.81 5.36
CA THR A 64 25.16 -2.13 5.57
C THR A 64 25.39 -2.43 7.05
N SER A 65 24.39 -2.97 7.74
CA SER A 65 24.63 -3.38 9.10
C SER A 65 23.92 -4.68 9.39
N LEU A 66 24.58 -5.52 10.16
CA LEU A 66 24.15 -6.87 10.38
C LEU A 66 24.31 -7.19 11.86
N THR A 67 23.21 -7.45 12.57
CA THR A 67 23.34 -7.83 13.97
C THR A 67 22.85 -9.26 14.13
N GLU A 68 23.46 -9.98 15.07
CA GLU A 68 23.00 -11.30 15.47
C GLU A 68 22.91 -11.25 16.99
N VAL A 69 21.72 -11.49 17.52
CA VAL A 69 21.56 -11.56 18.97
C VAL A 69 21.04 -12.93 19.41
N VAL A 70 21.47 -13.34 20.59
CA VAL A 70 21.18 -14.68 21.11
C VAL A 70 20.59 -14.55 22.51
N CYS A 71 19.73 -15.50 22.88
CA CYS A 71 19.13 -15.52 24.21
C CYS A 71 18.76 -16.95 24.61
N GLY A 72 18.54 -17.20 25.89
CA GLY A 72 18.29 -18.58 26.38
C GLY A 72 16.97 -18.88 27.06
N LEU A 73 15.93 -18.13 26.71
CA LEU A 73 14.63 -18.28 27.34
C LEU A 73 13.60 -18.69 26.30
N ASP A 74 12.62 -19.50 26.70
CA ASP A 74 11.59 -19.95 25.74
C ASP A 74 11.08 -18.77 24.91
N LEU A 75 11.01 -18.98 23.60
CA LEU A 75 10.53 -17.97 22.64
C LEU A 75 11.05 -16.55 22.80
N CYS A 76 12.18 -16.36 23.49
CA CYS A 76 12.76 -15.00 23.64
C CYS A 76 13.06 -14.43 22.27
N ASN A 77 12.67 -15.22 21.28
CA ASN A 77 13.03 -15.06 19.89
C ASN A 77 12.08 -14.16 19.10
N GLN A 78 10.97 -13.73 19.71
CA GLN A 78 10.14 -12.70 19.07
C GLN A 78 10.81 -11.34 19.19
N GLY A 79 11.56 -11.16 20.28
CA GLY A 79 12.47 -10.03 20.46
C GLY A 79 13.49 -9.90 19.32
N ASN A 80 14.07 -8.71 19.21
CA ASN A 80 14.89 -8.39 18.06
C ASN A 80 16.33 -8.02 18.41
N SER A 81 17.04 -7.57 17.38
CA SER A 81 18.46 -7.28 17.45
C SER A 81 18.73 -5.79 17.76
N GLY A 82 18.82 -4.98 16.71
CA GLY A 82 19.05 -3.53 16.84
C GLY A 82 19.85 -3.11 18.06
N ARG A 89 19.79 5.78 16.87
CA ARG A 89 21.21 5.60 16.61
C ARG A 89 22.11 6.19 17.71
N SER A 90 23.40 6.36 17.39
CA SER A 90 24.42 7.09 18.19
C SER A 90 25.83 6.77 17.64
N ARG A 91 26.80 7.67 17.84
CA ARG A 91 28.12 7.49 17.23
C ARG A 91 29.22 7.20 18.26
N TYR A 92 30.10 6.26 17.96
CA TYR A 92 31.11 5.77 18.93
C TYR A 92 32.53 5.75 18.37
N LEU A 93 33.19 4.60 18.43
CA LEU A 93 34.55 4.43 17.92
C LEU A 93 34.63 4.68 16.41
N GLU A 94 35.50 5.60 16.03
CA GLU A 94 35.78 5.93 14.63
C GLU A 94 36.69 4.87 13.99
N CYS A 95 36.20 4.29 12.90
CA CYS A 95 36.94 3.28 12.16
C CYS A 95 36.95 3.55 10.66
N ILE A 96 37.93 2.97 9.98
CA ILE A 96 37.94 2.94 8.52
C ILE A 96 36.90 1.94 8.00
N SER A 97 36.24 2.31 6.92
CA SER A 97 35.39 1.38 6.21
C SER A 97 35.63 1.47 4.71
N CYS A 98 35.84 0.29 4.12
CA CYS A 98 36.07 0.15 2.69
C CYS A 98 35.88 -1.31 2.34
N GLY A 99 35.79 -1.59 1.03
CA GLY A 99 35.64 -2.95 0.56
C GLY A 99 34.22 -3.30 0.17
N SER A 100 33.32 -2.30 0.21
CA SER A 100 31.96 -2.48 -0.29
C SER A 100 31.97 -2.55 -1.81
N SER A 101 30.80 -2.80 -2.38
CA SER A 101 30.64 -2.77 -3.82
C SER A 101 31.12 -1.44 -4.41
N ASP A 102 30.68 -0.32 -3.81
CA ASP A 102 30.89 1.04 -4.37
C ASP A 102 32.36 1.49 -4.34
N MET A 103 33.09 1.14 -3.29
CA MET A 103 34.50 1.54 -3.17
C MET A 103 35.42 0.50 -2.52
N SER A 104 36.31 -0.05 -3.35
CA SER A 104 37.31 -1.07 -2.96
C SER A 104 38.30 -0.56 -1.91
N CYS A 105 38.96 -1.50 -1.23
CA CYS A 105 39.86 -1.16 -0.13
C CYS A 105 41.16 -0.45 -0.51
N GLU A 106 41.63 -0.68 -1.74
CA GLU A 106 42.52 0.31 -2.37
C GLU A 106 41.63 1.42 -2.88
N ARG A 107 42.00 2.66 -2.54
CA ARG A 107 41.14 3.85 -2.73
C ARG A 107 40.23 4.11 -1.52
N GLY A 108 39.57 3.06 -1.03
CA GLY A 108 38.57 3.20 0.03
C GLY A 108 39.11 3.53 1.41
N ARG A 109 40.36 3.18 1.68
CA ARG A 109 41.00 3.45 2.96
C ARG A 109 41.04 4.96 3.21
N HIS A 110 41.05 5.34 4.47
CA HIS A 110 40.86 6.75 4.93
C HIS A 110 39.39 7.16 5.03
N GLN A 111 38.54 6.59 4.19
CA GLN A 111 37.08 6.72 4.35
C GLN A 111 36.65 6.15 5.70
N SER A 112 35.94 6.96 6.47
CA SER A 112 35.72 6.69 7.88
C SER A 112 34.29 6.29 8.19
N LEU A 113 34.09 5.64 9.32
CA LEU A 113 32.77 5.29 9.82
C LEU A 113 32.78 5.25 11.34
N GLN A 114 31.76 5.82 11.96
CA GLN A 114 31.62 5.70 13.39
C GLN A 114 30.70 4.53 13.79
N CYS A 115 31.22 3.61 14.61
CA CYS A 115 30.44 2.46 15.05
C CYS A 115 29.24 2.87 15.89
N ARG A 116 28.19 2.07 15.82
CA ARG A 116 26.92 2.48 16.39
C ARG A 116 26.57 1.72 17.67
N SER A 117 27.49 0.86 18.09
CA SER A 117 27.40 0.16 19.36
C SER A 117 28.72 0.35 20.08
N PRO A 118 28.67 0.63 21.39
CA PRO A 118 29.87 0.87 22.19
C PRO A 118 30.87 -0.31 22.24
N GLU A 119 30.41 -1.54 21.97
CA GLU A 119 31.31 -2.71 21.98
C GLU A 119 32.02 -2.89 20.66
N GLU A 120 31.47 -2.30 19.60
CA GLU A 120 31.99 -2.52 18.25
C GLU A 120 33.44 -2.09 18.14
N GLN A 121 34.21 -2.86 17.40
CA GLN A 121 35.61 -2.59 17.24
C GLN A 121 35.85 -2.37 15.76
N CYS A 122 37.05 -1.93 15.40
CA CYS A 122 37.46 -1.81 14.02
C CYS A 122 37.90 -3.15 13.48
N LEU A 123 37.51 -3.42 12.24
CA LEU A 123 37.76 -4.70 11.59
C LEU A 123 38.59 -4.53 10.33
N ASP A 124 39.49 -5.48 10.10
CA ASP A 124 40.07 -5.70 8.78
C ASP A 124 40.00 -7.18 8.46
N VAL A 125 39.31 -7.53 7.38
CA VAL A 125 39.28 -8.93 6.96
C VAL A 125 39.75 -9.12 5.52
N VAL A 126 40.74 -9.99 5.37
CA VAL A 126 41.35 -10.31 4.08
C VAL A 126 41.28 -11.79 3.73
N THR A 127 41.01 -12.06 2.46
CA THR A 127 41.22 -13.35 1.88
C THR A 127 42.01 -13.13 0.60
N HIS A 128 43.19 -13.74 0.53
CA HIS A 128 44.02 -13.63 -0.65
C HIS A 128 44.25 -15.02 -1.19
N TRP A 129 43.97 -15.18 -2.48
CA TRP A 129 44.34 -16.40 -3.16
C TRP A 129 45.65 -16.15 -3.89
N ILE A 130 46.67 -16.86 -3.45
CA ILE A 130 48.05 -16.54 -3.79
C ILE A 130 48.41 -16.98 -5.21
N GLN A 131 48.80 -15.99 -6.01
CA GLN A 131 49.10 -16.19 -7.43
C GLN A 131 50.54 -15.76 -7.74
N ARG A 137 45.92 -13.91 -10.97
CA ARG A 137 44.47 -13.86 -11.18
C ARG A 137 43.78 -15.23 -10.94
N PRO A 138 43.63 -15.62 -9.67
CA PRO A 138 42.90 -16.85 -9.31
C PRO A 138 41.40 -16.59 -8.99
N LYS A 139 41.07 -16.35 -7.72
CA LYS A 139 39.70 -16.09 -7.30
C LYS A 139 39.51 -14.64 -6.85
N ASP A 140 38.51 -14.41 -6.01
CA ASP A 140 38.13 -13.04 -5.66
C ASP A 140 38.73 -12.54 -4.34
N ASP A 141 40.02 -12.21 -4.38
CA ASP A 141 40.68 -11.51 -3.29
C ASP A 141 39.69 -10.57 -2.63
N ARG A 142 39.36 -10.81 -1.37
CA ARG A 142 38.45 -9.90 -0.67
C ARG A 142 39.08 -9.19 0.52
N HIS A 143 38.80 -7.90 0.63
CA HIS A 143 39.34 -7.06 1.68
C HIS A 143 38.22 -6.17 2.19
N LEU A 144 37.95 -6.26 3.48
CA LEU A 144 36.86 -5.47 4.06
C LEU A 144 37.29 -4.81 5.34
N ARG A 145 36.88 -3.56 5.51
CA ARG A 145 37.08 -2.90 6.79
C ARG A 145 35.78 -2.29 7.21
N GLY A 146 35.57 -2.23 8.52
CA GLY A 146 34.37 -1.62 9.05
C GLY A 146 34.29 -1.80 10.54
N CYS A 147 33.07 -1.82 11.02
CA CYS A 147 32.79 -2.00 12.43
C CYS A 147 32.25 -3.39 12.67
N GLY A 148 32.59 -3.95 13.82
CA GLY A 148 32.01 -5.22 14.17
C GLY A 148 32.33 -5.63 15.58
N TYR A 149 31.46 -6.50 16.10
CA TYR A 149 31.70 -7.17 17.37
C TYR A 149 31.83 -8.68 17.17
N LEU A 150 33.02 -9.18 17.40
CA LEU A 150 33.27 -10.62 17.36
C LEU A 150 33.83 -11.08 18.70
N PRO A 151 33.51 -12.31 19.10
CA PRO A 151 34.09 -12.88 20.31
C PRO A 151 35.57 -13.07 20.10
N GLY A 152 36.36 -12.89 21.16
CA GLY A 152 37.82 -13.04 21.08
C GLY A 152 38.51 -11.83 20.48
N CYS A 153 37.92 -10.67 20.71
CA CYS A 153 38.50 -9.43 20.28
C CYS A 153 38.83 -8.63 21.52
N PRO A 154 39.82 -7.73 21.44
CA PRO A 154 40.59 -7.46 20.23
C PRO A 154 41.67 -8.52 19.95
N GLY A 155 42.08 -8.63 18.69
CA GLY A 155 43.18 -9.52 18.33
C GLY A 155 43.38 -9.74 16.84
N SER A 156 44.38 -10.55 16.53
CA SER A 156 44.65 -10.91 15.17
C SER A 156 44.47 -12.41 15.02
N ASN A 157 43.77 -12.79 13.97
CA ASN A 157 43.46 -14.17 13.72
C ASN A 157 43.73 -14.43 12.25
N GLY A 158 44.13 -15.65 11.91
CA GLY A 158 44.29 -15.98 10.51
C GLY A 158 44.81 -17.36 10.17
N PHE A 159 44.74 -17.69 8.89
CA PHE A 159 45.23 -18.94 8.35
C PHE A 159 46.04 -18.66 7.11
N HIS A 160 47.12 -19.42 6.91
CA HIS A 160 47.72 -19.52 5.56
C HIS A 160 48.26 -20.89 5.20
N ASN A 161 48.28 -21.17 3.91
CA ASN A 161 49.02 -22.27 3.34
C ASN A 161 49.59 -21.80 2.00
N ASN A 162 49.98 -22.73 1.12
CA ASN A 162 50.54 -22.33 -0.16
C ASN A 162 49.52 -21.75 -1.15
N ASP A 163 48.23 -22.01 -0.93
CA ASP A 163 47.17 -21.53 -1.83
C ASP A 163 46.40 -20.35 -1.28
N THR A 164 46.13 -20.39 0.03
CA THR A 164 45.15 -19.51 0.63
C THR A 164 45.70 -18.70 1.79
N PHE A 165 45.15 -17.52 1.96
CA PHE A 165 45.45 -16.66 3.10
C PHE A 165 44.16 -15.96 3.57
N HIS A 166 43.75 -16.24 4.81
CA HIS A 166 42.62 -15.57 5.43
C HIS A 166 43.12 -14.89 6.66
N PHE A 167 42.59 -13.71 6.93
CA PHE A 167 43.03 -12.93 8.07
C PHE A 167 41.92 -12.04 8.59
N LEU A 168 41.86 -11.96 9.91
CA LEU A 168 40.91 -11.08 10.56
C LEU A 168 41.60 -10.45 11.74
N LYS A 169 41.70 -9.12 11.68
CA LYS A 169 42.09 -8.35 12.85
C LYS A 169 40.93 -7.52 13.39
N CYS A 170 40.85 -7.43 14.71
CA CYS A 170 39.96 -6.51 15.38
C CYS A 170 40.76 -5.80 16.45
N CYS A 171 40.46 -4.53 16.65
CA CYS A 171 41.20 -3.72 17.59
C CYS A 171 40.23 -2.67 18.15
N ASN A 172 40.60 -2.00 19.25
CA ASN A 172 39.70 -1.03 19.87
C ASN A 172 40.21 0.41 20.04
N THR A 173 41.02 0.88 19.10
CA THR A 173 41.45 2.28 19.11
C THR A 173 41.09 2.97 17.81
N THR A 174 41.14 4.29 17.80
CA THR A 174 40.69 5.08 16.66
C THR A 174 41.50 4.79 15.40
N LYS A 175 40.80 4.33 14.36
CA LYS A 175 41.36 4.16 13.01
C LYS A 175 42.52 3.14 12.90
N CYS A 176 42.81 2.40 13.97
CA CYS A 176 43.89 1.42 13.93
C CYS A 176 43.67 0.53 12.69
N ASN A 177 42.40 0.48 12.31
CA ASN A 177 41.92 -0.04 11.06
C ASN A 177 42.75 0.34 9.82
N GLU A 178 43.53 1.41 9.94
CA GLU A 178 44.21 2.02 8.81
C GLU A 178 45.45 1.26 8.35
N GLY A 179 46.18 1.88 7.43
CA GLY A 179 47.41 1.30 6.91
C GLY A 179 47.15 0.73 5.54
N PRO A 180 48.19 0.24 4.88
CA PRO A 180 48.03 -0.39 3.58
C PRO A 180 47.30 -1.73 3.72
N ILE A 181 47.11 -2.42 2.60
CA ILE A 181 46.54 -3.75 2.68
C ILE A 181 47.57 -4.80 3.13
N LEU A 182 47.16 -5.63 4.09
CA LEU A 182 47.97 -6.71 4.63
C LEU A 182 48.19 -7.82 3.60
N GLU A 183 49.42 -7.91 3.12
CA GLU A 183 49.83 -8.93 2.15
C GLU A 183 50.63 -9.93 2.94
N LEU A 184 50.36 -11.23 2.75
CA LEU A 184 51.02 -12.28 3.52
C LEU A 184 52.54 -12.12 3.51
N GLU A 185 53.10 -11.98 2.31
CA GLU A 185 54.54 -11.83 2.09
C GLU A 185 55.19 -10.77 3.02
N ASN A 186 54.44 -9.74 3.40
CA ASN A 186 54.95 -8.67 4.28
C ASN A 186 55.07 -9.06 5.76
N LEU A 187 54.96 -10.36 6.03
CA LEU A 187 55.00 -10.87 7.39
C LEU A 187 56.24 -11.71 7.58
N PRO A 188 56.92 -11.56 8.71
CA PRO A 188 58.14 -12.31 8.96
C PRO A 188 57.78 -13.74 9.29
N GLN A 189 58.72 -14.66 9.10
CA GLN A 189 58.59 -15.99 9.63
C GLN A 189 58.64 -15.91 11.14
N ASN A 190 57.86 -16.76 11.81
CA ASN A 190 57.96 -16.90 13.27
C ASN A 190 58.69 -18.19 13.65
N GLY A 191 59.37 -18.79 12.67
CA GLY A 191 60.17 -19.99 12.89
C GLY A 191 59.33 -21.20 13.20
N ARG A 192 58.15 -21.26 12.59
CA ARG A 192 57.26 -22.38 12.76
C ARG A 192 57.05 -22.99 11.39
N GLN A 193 57.07 -24.31 11.33
CA GLN A 193 56.81 -25.00 10.08
C GLN A 193 55.63 -25.93 10.23
N CYS A 194 54.64 -25.75 9.34
CA CYS A 194 53.47 -26.60 9.27
C CYS A 194 53.37 -27.22 7.90
N TYR A 195 52.74 -28.39 7.84
CA TYR A 195 52.44 -28.99 6.57
C TYR A 195 51.32 -28.24 5.90
N SER A 196 51.36 -28.18 4.58
CA SER A 196 50.42 -27.41 3.79
C SER A 196 49.77 -28.27 2.72
N CYS A 197 48.44 -28.21 2.65
CA CYS A 197 47.69 -28.86 1.57
C CYS A 197 46.24 -28.41 1.51
N LYS A 198 45.59 -28.84 0.44
CA LYS A 198 44.24 -28.48 0.11
C LYS A 198 43.74 -29.54 -0.86
N GLY A 199 42.59 -30.14 -0.54
CA GLY A 199 42.00 -31.21 -1.35
C GLY A 199 41.38 -32.32 -0.52
N GLN A 200 41.34 -33.53 -1.10
CA GLN A 200 40.81 -34.73 -0.42
C GLN A 200 41.93 -35.64 0.09
N SER A 201 41.57 -36.64 0.89
CA SER A 201 42.51 -37.66 1.36
C SER A 201 43.40 -38.24 0.26
N THR A 202 42.83 -38.38 -0.95
CA THR A 202 43.54 -38.96 -2.10
C THR A 202 43.94 -37.92 -3.18
N HIS A 203 43.35 -36.72 -3.09
CA HIS A 203 43.66 -35.61 -4.01
C HIS A 203 44.17 -34.39 -3.25
N GLY A 204 45.34 -33.90 -3.62
CA GLY A 204 45.86 -32.63 -3.07
C GLY A 204 46.24 -32.61 -1.60
N CYS A 205 45.59 -33.45 -0.80
CA CYS A 205 45.89 -33.60 0.63
C CYS A 205 46.39 -35.00 0.99
N SER A 206 46.77 -35.75 -0.05
CA SER A 206 47.51 -37.00 0.09
C SER A 206 48.90 -36.73 0.68
N SER A 207 49.58 -37.80 1.10
CA SER A 207 50.94 -37.67 1.65
C SER A 207 51.92 -36.99 0.69
N GLU A 208 52.12 -37.59 -0.48
CA GLU A 208 53.10 -37.09 -1.45
C GLU A 208 52.72 -35.75 -2.10
N GLU A 209 51.61 -35.16 -1.65
CA GLU A 209 51.16 -33.85 -2.12
C GLU A 209 51.45 -32.82 -1.04
N THR A 210 51.34 -33.26 0.21
CA THR A 210 51.49 -32.41 1.38
C THR A 210 52.96 -32.16 1.69
N PHE A 211 53.36 -30.89 1.68
CA PHE A 211 54.75 -30.51 1.99
C PHE A 211 54.83 -29.43 3.06
N LEU A 212 56.05 -29.24 3.56
CA LEU A 212 56.34 -28.36 4.70
C LEU A 212 56.54 -26.90 4.26
N ILE A 213 55.86 -25.99 4.95
CA ILE A 213 55.92 -24.56 4.62
C ILE A 213 56.33 -23.74 5.86
N ASP A 214 56.79 -22.51 5.65
CA ASP A 214 57.24 -21.67 6.77
C ASP A 214 56.20 -20.66 7.25
N CYS A 215 55.77 -20.80 8.50
CA CYS A 215 54.69 -19.97 9.08
C CYS A 215 55.04 -18.49 9.23
N ARG A 216 54.03 -17.64 9.28
CA ARG A 216 54.25 -16.19 9.29
C ARG A 216 53.43 -15.48 10.32
N GLY A 217 53.96 -14.37 10.81
CA GLY A 217 53.24 -13.46 11.69
C GLY A 217 52.71 -14.13 12.94
N PRO A 218 51.46 -13.85 13.29
CA PRO A 218 50.83 -14.47 14.46
C PRO A 218 50.44 -15.94 14.27
N MET A 219 50.53 -16.43 13.04
CA MET A 219 50.04 -17.77 12.71
C MET A 219 51.07 -18.85 13.11
N ASN A 220 51.18 -19.05 14.42
CA ASN A 220 52.26 -19.87 14.99
C ASN A 220 51.88 -21.30 15.35
N GLN A 221 50.67 -21.71 14.99
CA GLN A 221 50.25 -23.09 15.20
C GLN A 221 50.07 -23.88 13.91
N CYS A 222 49.72 -25.16 14.03
CA CYS A 222 49.44 -25.98 12.87
C CYS A 222 47.99 -26.40 12.84
N LEU A 223 47.40 -26.34 11.64
CA LEU A 223 45.98 -26.57 11.46
C LEU A 223 45.66 -27.58 10.37
N VAL A 224 44.84 -28.55 10.74
CA VAL A 224 44.11 -29.35 9.76
C VAL A 224 42.61 -29.16 9.98
N ALA A 225 41.90 -28.77 8.92
CA ALA A 225 40.45 -28.66 9.00
C ALA A 225 39.79 -29.66 8.07
N THR A 226 38.78 -30.32 8.60
CA THR A 226 38.04 -31.34 7.88
C THR A 226 36.59 -30.93 7.71
N GLY A 227 35.99 -31.29 6.57
CA GLY A 227 34.59 -30.99 6.32
C GLY A 227 34.08 -31.51 4.97
N THR A 228 32.97 -30.93 4.52
CA THR A 228 32.35 -31.34 3.25
C THR A 228 32.35 -30.18 2.27
N HIS A 229 32.37 -30.52 0.98
CA HIS A 229 32.53 -29.53 -0.07
C HIS A 229 31.51 -29.82 -1.17
N GLU A 230 30.28 -29.32 -0.99
CA GLU A 230 29.27 -29.37 -2.05
C GLU A 230 29.75 -28.44 -3.16
N PRO A 231 30.05 -28.95 -4.35
CA PRO A 231 29.45 -30.13 -5.03
C PRO A 231 28.18 -30.83 -4.47
N LYS A 232 28.28 -32.13 -4.21
CA LYS A 232 27.17 -32.89 -3.62
C LYS A 232 27.70 -33.82 -2.53
N ASN A 233 27.95 -33.21 -1.36
CA ASN A 233 28.63 -33.85 -0.22
C ASN A 233 29.80 -34.76 -0.57
N GLN A 234 30.93 -34.11 -0.87
CA GLN A 234 32.18 -34.77 -1.18
C GLN A 234 32.86 -35.22 0.12
N SER A 235 33.98 -34.56 0.42
CA SER A 235 34.87 -34.85 1.54
C SER A 235 36.10 -34.00 1.28
N TYR A 236 36.54 -33.26 2.29
CA TYR A 236 37.54 -32.21 2.07
C TYR A 236 38.45 -31.95 3.27
N MET A 237 39.72 -31.67 2.96
CA MET A 237 40.75 -31.40 3.96
C MET A 237 41.56 -30.17 3.58
N VAL A 238 41.93 -29.39 4.60
CA VAL A 238 42.83 -28.26 4.40
C VAL A 238 43.87 -28.30 5.50
N ARG A 239 45.11 -28.01 5.14
CA ARG A 239 46.20 -27.93 6.12
C ARG A 239 46.94 -26.62 5.93
N GLY A 240 47.58 -26.13 6.98
CA GLY A 240 48.37 -24.90 6.93
C GLY A 240 48.61 -24.28 8.29
N CYS A 241 49.30 -23.14 8.32
CA CYS A 241 49.55 -22.41 9.55
C CYS A 241 48.30 -21.64 9.99
N ALA A 242 48.17 -21.39 11.30
CA ALA A 242 47.00 -20.71 11.87
C ALA A 242 47.30 -20.04 13.20
N THR A 243 46.40 -19.15 13.61
CA THR A 243 46.32 -18.74 15.00
C THR A 243 45.42 -19.72 15.74
N ALA A 244 45.72 -19.94 17.02
CA ALA A 244 44.92 -20.83 17.89
C ALA A 244 43.44 -20.50 17.82
N SER A 245 43.13 -19.21 17.59
CA SER A 245 41.76 -18.75 17.37
C SER A 245 41.02 -19.50 16.26
N MET A 246 41.71 -19.80 15.16
CA MET A 246 41.05 -20.42 14.00
C MET A 246 40.36 -21.74 14.35
N CYS A 247 40.68 -22.28 15.53
CA CYS A 247 40.08 -23.51 16.02
C CYS A 247 39.05 -23.27 17.13
N GLN A 248 39.04 -22.06 17.68
CA GLN A 248 38.20 -21.76 18.83
C GLN A 248 36.92 -21.00 18.49
N HIS A 249 36.86 -20.38 17.31
CA HIS A 249 35.66 -19.61 16.94
C HIS A 249 35.08 -20.00 15.58
N ALA A 250 33.82 -20.41 15.58
CA ALA A 250 33.12 -20.78 14.35
C ALA A 250 33.15 -19.68 13.27
N HIS A 251 33.12 -18.42 13.67
CA HIS A 251 33.17 -17.34 12.69
C HIS A 251 34.50 -17.32 11.92
N LEU A 252 35.60 -17.67 12.59
CA LEU A 252 36.87 -17.78 11.92
C LEU A 252 36.93 -19.02 11.04
N GLY A 253 36.38 -20.12 11.52
CA GLY A 253 36.34 -21.36 10.77
C GLY A 253 35.45 -21.26 9.55
N ASP A 254 34.67 -20.18 9.50
CA ASP A 254 33.75 -19.91 8.39
C ASP A 254 34.48 -19.35 7.17
N ALA A 255 35.76 -18.97 7.35
CA ALA A 255 36.59 -18.53 6.22
C ALA A 255 36.83 -19.69 5.24
N PHE A 256 37.02 -20.88 5.78
CA PHE A 256 37.06 -22.09 4.96
C PHE A 256 35.66 -22.39 4.43
N SER A 257 35.57 -22.81 3.17
CA SER A 257 34.29 -23.22 2.59
C SER A 257 34.02 -24.70 2.83
N MET A 258 33.45 -25.03 3.99
CA MET A 258 33.24 -26.42 4.42
C MET A 258 31.96 -26.53 5.26
N ASN A 259 31.15 -27.55 5.01
CA ASN A 259 29.76 -27.56 5.48
C ASN A 259 29.42 -28.15 6.86
N HIS A 260 30.24 -29.09 7.34
CA HIS A 260 30.26 -29.38 8.77
C HIS A 260 31.70 -29.65 9.13
N ILE A 261 32.33 -28.59 9.62
CA ILE A 261 33.78 -28.53 9.75
C ILE A 261 34.28 -29.10 11.08
N ASP A 262 35.41 -29.79 11.01
CA ASP A 262 36.12 -30.25 12.20
C ASP A 262 37.48 -29.56 12.17
N VAL A 263 37.56 -28.41 12.83
CA VAL A 263 38.80 -27.62 12.89
C VAL A 263 39.69 -28.12 14.01
N SER A 264 40.97 -28.31 13.69
CA SER A 264 41.92 -28.81 14.70
C SER A 264 43.26 -28.07 14.69
N CYS A 265 43.73 -27.68 15.86
CA CYS A 265 45.04 -27.05 16.00
C CYS A 265 46.00 -27.83 16.89
N CYS A 266 47.23 -27.35 16.94
CA CYS A 266 48.31 -28.04 17.62
C CYS A 266 49.52 -27.11 17.86
N THR A 267 50.28 -27.40 18.91
CA THR A 267 51.30 -26.49 19.41
C THR A 267 52.67 -26.59 18.70
N LYS A 268 53.26 -27.78 18.67
CA LYS A 268 54.64 -27.97 18.17
C LYS A 268 54.73 -28.18 16.64
N SER A 269 55.87 -27.82 16.06
CA SER A 269 56.06 -27.79 14.59
C SER A 269 55.83 -29.13 13.91
N GLY A 270 55.46 -29.07 12.63
CA GLY A 270 55.33 -30.25 11.77
C GLY A 270 54.33 -31.31 12.18
N CYS A 271 53.40 -30.96 13.05
CA CYS A 271 52.46 -31.91 13.65
C CYS A 271 51.23 -32.26 12.81
N ASN A 272 51.32 -32.12 11.49
CA ASN A 272 50.19 -32.44 10.63
C ASN A 272 50.09 -33.93 10.19
N HIS A 273 50.45 -34.21 8.93
CA HIS A 273 49.82 -35.27 8.15
C HIS A 273 49.30 -36.56 8.83
N PRO A 274 50.16 -37.50 9.19
CA PRO A 274 49.68 -38.84 9.58
C PRO A 274 49.01 -38.83 10.96
N ASP A 275 47.91 -38.08 11.07
CA ASP A 275 47.20 -37.88 12.33
C ASP A 275 45.73 -37.57 12.11
N LEU A 276 44.94 -37.72 13.18
CA LEU A 276 43.48 -37.46 13.23
C LEU A 276 42.67 -38.66 13.74
N ASP A 277 42.28 -38.63 15.01
CA ASP A 277 41.41 -39.66 15.60
C ASP A 277 39.95 -39.39 15.23
N VAL A 278 39.62 -38.11 15.03
CA VAL A 278 38.27 -37.69 14.63
C VAL A 278 38.09 -37.86 13.10
N GLN A 279 38.32 -36.78 12.34
CA GLN A 279 38.17 -36.75 10.86
C GLN A 279 36.86 -37.38 10.37
N LYS B 1 23.48 -24.39 4.63
CA LYS B 1 24.70 -24.18 3.78
C LYS B 1 25.89 -23.67 4.62
N SER B 2 25.95 -22.36 4.88
CA SER B 2 26.91 -21.77 5.82
C SER B 2 26.28 -20.55 6.47
N ASP B 3 26.51 -20.41 7.78
CA ASP B 3 25.92 -19.35 8.60
C ASP B 3 25.71 -18.03 7.82
N ALC B 4 24.56 -17.40 8.03
CA ALC B 4 24.25 -16.13 7.40
C ALC B 4 25.22 -15.03 7.78
O ALC B 4 25.66 -14.28 6.92
CB ALC B 4 22.83 -15.81 7.85
CG ALC B 4 21.92 -15.05 6.91
CD2 ALC B 4 20.95 -14.29 7.82
CE2 ALC B 4 19.86 -13.59 7.01
CZ ALC B 4 20.44 -12.62 5.98
CE1 ALC B 4 21.58 -13.24 5.18
CD1 ALC B 4 22.59 -13.98 6.05
N PHE B 5 25.54 -14.92 9.07
CA PHE B 5 26.54 -13.97 9.52
C PHE B 5 27.93 -14.30 8.93
N DSN B 6 28.38 -15.54 9.09
CA DSN B 6 29.65 -16.00 8.50
C DSN B 6 29.91 -15.46 7.12
O DSN B 6 30.96 -14.84 6.84
CB DSN B 6 30.83 -15.70 9.44
OG DSN B 6 30.59 -16.25 10.73
N DLY B 7 28.92 -15.67 6.23
CA DLY B 7 28.95 -15.24 4.83
C DLY B 7 29.36 -13.80 4.69
O DLY B 7 30.29 -13.49 3.93
CB DLY B 7 29.88 -16.12 3.99
CG DLY B 7 29.32 -17.53 3.77
CD DLY B 7 30.44 -18.55 3.65
CE DLY B 7 30.94 -18.68 2.21
NZ DLY B 7 32.37 -18.38 2.12
N TYR B 8 28.69 -12.92 5.43
CA TYR B 8 28.95 -11.49 5.34
C TYR B 8 30.36 -11.10 5.75
N LEU B 9 30.81 -11.66 6.87
CA LEU B 9 32.14 -11.43 7.36
C LEU B 9 33.21 -11.85 6.35
N TRP B 10 32.88 -12.84 5.51
CA TRP B 10 33.89 -13.41 4.60
C TRP B 10 33.65 -13.23 3.11
N SER B 11 32.40 -13.08 2.69
CA SER B 11 32.08 -12.95 1.27
C SER B 11 31.49 -11.58 0.89
N SER B 12 30.68 -11.02 1.77
CA SER B 12 29.88 -9.85 1.41
C SER B 12 30.66 -8.61 0.98
N LYS B 13 30.16 -8.03 -0.11
CA LYS B 13 30.65 -6.81 -0.71
C LYS B 13 29.58 -5.69 -0.61
N LEU C 1 29.82 -18.50 -3.78
CA LEU C 1 28.94 -17.36 -4.15
C LEU C 1 27.56 -17.53 -3.56
N ARG C 2 27.00 -16.43 -3.07
CA ARG C 2 25.61 -16.40 -2.59
C ARG C 2 24.80 -15.51 -3.51
N CYS C 3 23.58 -15.93 -3.82
CA CYS C 3 22.63 -15.08 -4.56
C CYS C 3 21.26 -15.10 -3.92
N MET C 4 20.44 -14.11 -4.25
CA MET C 4 19.02 -14.15 -3.94
C MET C 4 18.38 -15.10 -4.90
N GLN C 5 17.59 -16.01 -4.39
CA GLN C 5 16.84 -16.91 -5.26
C GLN C 5 15.36 -16.59 -5.03
N CYS C 6 14.76 -15.88 -5.98
CA CYS C 6 13.37 -15.45 -5.80
C CYS C 6 12.43 -16.00 -6.84
N LYS C 7 11.34 -16.56 -6.35
CA LYS C 7 10.24 -16.91 -7.20
C LYS C 7 9.49 -15.65 -7.55
N THR C 8 8.62 -15.80 -8.54
CA THR C 8 7.88 -14.73 -9.19
C THR C 8 6.86 -14.07 -8.24
N ASN C 9 6.65 -14.70 -7.10
CA ASN C 9 5.72 -14.18 -6.10
C ASN C 9 6.41 -13.39 -5.00
N GLY C 10 7.72 -13.22 -5.12
CA GLY C 10 8.50 -12.50 -4.13
C GLY C 10 8.98 -13.33 -2.95
N ASP C 11 8.92 -14.65 -3.07
CA ASP C 11 9.38 -15.56 -2.03
C ASP C 11 10.88 -15.87 -2.20
N CYS C 12 11.70 -15.31 -1.31
CA CYS C 12 13.15 -15.34 -1.43
C CYS C 12 13.95 -16.15 -0.37
N ARG C 13 15.09 -16.66 -0.81
CA ARG C 13 16.12 -17.14 0.08
C ARG C 13 17.50 -16.66 -0.41
N VAL C 14 18.44 -16.65 0.52
CA VAL C 14 19.84 -16.61 0.22
C VAL C 14 20.15 -17.98 -0.34
N GLU C 15 20.72 -18.03 -1.54
CA GLU C 15 21.13 -19.29 -2.14
C GLU C 15 22.65 -19.42 -2.09
N GLU C 16 23.15 -20.63 -1.83
CA GLU C 16 24.55 -20.91 -2.12
C GLU C 16 24.68 -21.64 -3.45
N CYS C 17 25.25 -20.92 -4.40
CA CYS C 17 25.53 -21.43 -5.71
C CYS C 17 26.34 -22.72 -5.64
N ALA C 18 25.88 -23.71 -6.38
CA ALA C 18 26.60 -24.95 -6.57
C ALA C 18 27.82 -24.74 -7.48
N LEU C 19 28.70 -25.73 -7.53
CA LEU C 19 29.87 -25.70 -8.42
C LEU C 19 29.50 -25.23 -9.83
N GLY C 20 30.40 -24.48 -10.44
CA GLY C 20 30.21 -24.01 -11.82
C GLY C 20 29.23 -22.87 -11.97
N GLN C 21 28.53 -22.54 -10.88
CA GLN C 21 27.54 -21.47 -10.91
C GLN C 21 28.12 -20.24 -10.23
N ASP C 22 28.82 -19.42 -10.99
CA ASP C 22 29.45 -18.26 -10.38
C ASP C 22 28.92 -16.89 -10.84
N LEU C 23 27.60 -16.80 -10.96
CA LEU C 23 26.92 -15.58 -11.29
C LEU C 23 25.53 -15.55 -10.64
N CYS C 24 25.09 -14.36 -10.27
CA CYS C 24 23.70 -14.15 -9.93
C CYS C 24 22.98 -13.68 -11.16
N ARG C 25 21.66 -13.71 -11.10
CA ARG C 25 20.84 -13.44 -12.26
C ARG C 25 19.49 -12.87 -11.81
N THR C 26 18.99 -11.91 -12.58
CA THR C 26 17.68 -11.33 -12.35
C THR C 26 16.97 -11.32 -13.69
N THR C 27 15.82 -11.97 -13.74
CA THR C 27 15.02 -12.06 -14.95
C THR C 27 13.72 -11.34 -14.69
N ILE C 28 13.43 -10.35 -15.52
CA ILE C 28 12.21 -9.56 -15.40
C ILE C 28 11.42 -9.66 -16.69
N VAL C 29 10.18 -10.09 -16.59
CA VAL C 29 9.25 -10.06 -17.72
C VAL C 29 8.21 -9.02 -17.39
N ARG C 30 7.95 -8.11 -18.33
CA ARG C 30 6.87 -7.13 -18.20
C ARG C 30 5.89 -7.37 -19.32
N LEU C 31 4.71 -7.87 -18.97
CA LEU C 31 3.64 -8.08 -19.94
C LEU C 31 2.52 -7.08 -19.78
N TRP C 32 1.60 -7.11 -20.73
CA TRP C 32 0.38 -6.34 -20.68
C TRP C 32 -0.81 -7.28 -20.68
N GLU C 33 -1.48 -7.37 -19.53
CA GLU C 33 -2.70 -8.14 -19.42
C GLU C 33 -3.92 -7.26 -19.22
N GLU C 34 -4.92 -7.45 -20.08
CA GLU C 34 -6.12 -6.59 -20.16
C GLU C 34 -5.69 -5.19 -20.57
N GLY C 35 -5.49 -4.34 -19.57
CA GLY C 35 -4.94 -3.00 -19.79
C GLY C 35 -3.78 -2.75 -18.84
N GLU C 36 -3.71 -3.56 -17.79
CA GLU C 36 -2.68 -3.42 -16.75
C GLU C 36 -1.30 -3.92 -17.19
N GLU C 37 -0.27 -3.27 -16.68
CA GLU C 37 1.11 -3.72 -16.88
C GLU C 37 1.47 -4.68 -15.76
N LEU C 38 1.72 -5.93 -16.13
CA LEU C 38 2.24 -6.90 -15.17
C LEU C 38 3.73 -6.73 -15.01
N GLU C 39 4.32 -7.67 -14.29
CA GLU C 39 5.76 -7.75 -14.03
C GLU C 39 5.99 -9.05 -13.30
N LEU C 40 6.83 -9.92 -13.84
CA LEU C 40 7.30 -11.10 -13.13
C LEU C 40 8.80 -11.01 -12.92
N VAL C 41 9.24 -11.23 -11.69
CA VAL C 41 10.67 -11.20 -11.38
C VAL C 41 11.17 -12.54 -10.86
N GLU C 42 12.19 -13.08 -11.51
CA GLU C 42 12.87 -14.29 -11.01
C GLU C 42 14.37 -14.02 -10.78
N LYS C 43 14.88 -14.44 -9.63
CA LYS C 43 16.30 -14.29 -9.29
C LYS C 43 16.88 -15.63 -8.89
N SER C 44 18.15 -15.88 -9.20
CA SER C 44 18.82 -17.10 -8.75
C SER C 44 20.31 -17.13 -9.12
N CYS C 45 21.00 -18.16 -8.60
CA CYS C 45 22.33 -18.53 -9.07
C CYS C 45 22.19 -19.07 -10.48
N THR C 46 23.18 -18.81 -11.30
CA THR C 46 23.13 -19.21 -12.69
C THR C 46 24.53 -19.57 -13.10
N HIS C 47 24.63 -20.30 -14.20
CA HIS C 47 25.86 -20.82 -14.72
C HIS C 47 26.83 -19.70 -15.11
N SER C 48 28.13 -19.97 -15.05
CA SER C 48 29.18 -18.96 -15.26
C SER C 48 29.33 -18.47 -16.69
N GLU C 49 28.75 -19.21 -17.63
CA GLU C 49 28.84 -18.82 -19.03
C GLU C 49 27.78 -17.79 -19.37
N LYS C 50 26.73 -17.72 -18.56
CA LYS C 50 25.61 -16.80 -18.83
C LYS C 50 26.02 -15.34 -18.91
N THR C 51 25.21 -14.55 -19.63
CA THR C 51 25.43 -13.09 -19.83
C THR C 51 24.10 -12.35 -19.76
N ASN C 52 24.19 -11.03 -19.85
CA ASN C 52 23.02 -10.19 -20.00
C ASN C 52 22.36 -10.52 -21.31
N ARG C 53 21.03 -10.62 -21.30
CA ARG C 53 20.26 -10.74 -22.52
C ARG C 53 18.94 -10.01 -22.36
N THR C 54 18.29 -9.71 -23.49
CA THR C 54 17.15 -8.81 -23.45
C THR C 54 16.29 -8.93 -24.71
N LEU C 55 14.98 -8.75 -24.56
CA LEU C 55 14.03 -8.79 -25.69
C LEU C 55 12.93 -7.77 -25.48
N SER C 56 12.60 -7.05 -26.55
CA SER C 56 11.48 -6.13 -26.51
C SER C 56 10.69 -6.17 -27.78
N TYR C 57 9.38 -6.01 -27.66
CA TYR C 57 8.51 -5.79 -28.81
C TYR C 57 7.21 -5.08 -28.46
N ARG C 58 6.63 -4.48 -29.48
CA ARG C 58 5.42 -3.69 -29.38
C ARG C 58 4.18 -4.52 -29.16
N THR C 59 3.32 -4.06 -28.26
CA THR C 59 2.07 -4.76 -28.02
C THR C 59 0.84 -3.85 -27.92
N GLY C 60 1.03 -2.55 -28.10
CA GLY C 60 -0.09 -1.61 -28.05
C GLY C 60 0.36 -0.18 -27.82
N LEU C 61 1.68 0.02 -27.88
CA LEU C 61 2.40 1.26 -27.47
C LEU C 61 2.93 1.06 -26.05
N LYS C 62 2.24 0.14 -25.42
CA LYS C 62 2.71 -0.63 -24.33
C LYS C 62 3.71 -1.60 -24.96
N ILE C 63 4.84 -1.82 -24.28
CA ILE C 63 5.93 -2.65 -24.79
C ILE C 63 6.13 -3.86 -23.90
N THR C 64 6.16 -5.05 -24.49
CA THR C 64 6.51 -6.24 -23.74
C THR C 64 8.02 -6.37 -23.71
N SER C 65 8.53 -6.68 -22.53
CA SER C 65 9.95 -6.66 -22.30
C SER C 65 10.39 -7.85 -21.47
N LEU C 66 11.58 -8.37 -21.81
CA LEU C 66 12.24 -9.42 -21.03
C LEU C 66 13.66 -8.94 -20.70
N THR C 67 14.11 -9.12 -19.47
CA THR C 67 15.46 -8.65 -19.11
C THR C 67 16.22 -9.51 -18.11
N GLU C 68 17.19 -10.28 -18.62
CA GLU C 68 18.12 -11.03 -17.77
C GLU C 68 19.42 -10.25 -17.58
N VAL C 69 19.67 -9.83 -16.34
CA VAL C 69 20.95 -9.23 -15.99
C VAL C 69 21.70 -10.15 -15.04
N VAL C 70 23.00 -10.00 -15.03
CA VAL C 70 23.89 -11.00 -14.47
C VAL C 70 25.04 -10.25 -13.83
N CYS C 71 25.59 -10.83 -12.76
CA CYS C 71 26.51 -10.13 -11.86
C CYS C 71 27.16 -11.15 -10.90
N GLY C 72 28.40 -10.90 -10.51
CA GLY C 72 29.16 -11.89 -9.76
C GLY C 72 29.73 -11.49 -8.42
N LEU C 73 29.09 -10.55 -7.74
CA LEU C 73 29.49 -10.22 -6.35
C LEU C 73 28.45 -10.72 -5.40
N ASP C 74 28.88 -11.17 -4.23
CA ASP C 74 27.98 -11.58 -3.18
C ASP C 74 26.63 -10.82 -3.16
N LEU C 75 25.57 -11.55 -3.45
CA LEU C 75 24.20 -11.05 -3.32
C LEU C 75 23.87 -9.78 -4.13
N CYS C 76 24.61 -9.54 -5.20
CA CYS C 76 24.47 -8.36 -6.08
C CYS C 76 23.09 -8.30 -6.72
N ASN C 77 22.36 -9.40 -6.50
CA ASN C 77 20.98 -9.67 -6.82
C ASN C 77 19.87 -8.88 -6.15
N GLN C 78 20.17 -8.08 -5.14
CA GLN C 78 19.11 -7.39 -4.41
C GLN C 78 18.62 -6.14 -5.15
N GLY C 79 17.30 -6.03 -5.33
CA GLY C 79 16.70 -4.90 -6.06
C GLY C 79 15.18 -4.82 -5.98
N ASN C 80 14.59 -5.69 -5.16
CA ASN C 80 13.13 -5.81 -5.04
C ASN C 80 12.60 -5.73 -3.60
N ARG C 91 21.12 4.81 -25.69
CA ARG C 91 21.03 5.00 -27.14
C ARG C 91 19.80 4.28 -27.74
N TYR C 92 19.39 4.69 -28.93
CA TYR C 92 18.08 4.34 -29.50
C TYR C 92 18.18 3.89 -30.98
N LEU C 93 18.27 2.58 -31.22
CA LEU C 93 18.26 2.05 -32.59
C LEU C 93 16.85 1.65 -33.04
N GLU C 94 16.51 1.93 -34.29
CA GLU C 94 15.18 1.65 -34.82
C GLU C 94 15.14 0.25 -35.44
N CYS C 95 14.10 -0.51 -35.09
CA CYS C 95 13.89 -1.85 -35.60
C CYS C 95 12.42 -2.04 -35.95
N ILE C 96 12.15 -3.05 -36.77
CA ILE C 96 10.78 -3.43 -37.00
C ILE C 96 10.35 -4.28 -35.82
N SER C 97 9.10 -4.08 -35.41
CA SER C 97 8.50 -4.83 -34.33
C SER C 97 7.13 -5.31 -34.77
N CYS C 98 6.95 -6.63 -34.75
CA CYS C 98 5.69 -7.25 -35.08
C CYS C 98 5.68 -8.68 -34.57
N GLY C 99 4.51 -9.31 -34.65
CA GLY C 99 4.37 -10.71 -34.28
C GLY C 99 3.75 -10.93 -32.93
N SER C 100 3.30 -9.86 -32.29
CA SER C 100 2.59 -9.97 -31.02
C SER C 100 1.18 -10.48 -31.21
N SER C 101 0.59 -10.98 -30.12
CA SER C 101 -0.78 -11.45 -30.05
C SER C 101 -1.71 -10.84 -31.11
N ASP C 102 -1.77 -9.51 -31.20
CA ASP C 102 -2.74 -8.86 -32.10
C ASP C 102 -2.19 -8.11 -33.31
N MET C 103 -0.97 -7.59 -33.21
CA MET C 103 -0.31 -6.98 -34.38
C MET C 103 0.57 -8.02 -35.05
N SER C 104 0.15 -8.48 -36.23
CA SER C 104 0.81 -9.60 -36.89
C SER C 104 2.02 -9.22 -37.72
N CYS C 105 3.01 -10.11 -37.78
CA CYS C 105 4.15 -9.97 -38.67
C CYS C 105 3.75 -10.23 -40.11
N GLU C 106 2.54 -10.76 -40.30
CA GLU C 106 2.00 -10.96 -41.65
C GLU C 106 1.25 -9.73 -42.17
N ARG C 107 0.65 -8.94 -41.26
CA ARG C 107 -0.24 -7.83 -41.65
C ARG C 107 0.51 -6.62 -42.22
N GLY C 108 0.99 -5.73 -41.35
CA GLY C 108 1.56 -4.47 -41.78
C GLY C 108 2.92 -4.21 -41.15
N ARG C 109 3.77 -5.23 -41.25
CA ARG C 109 5.11 -5.30 -40.64
C ARG C 109 6.12 -4.21 -41.03
N HIS C 110 5.68 -2.97 -41.12
CA HIS C 110 6.59 -1.83 -41.26
C HIS C 110 6.49 -0.97 -40.01
N GLN C 111 5.97 -1.59 -38.95
CA GLN C 111 5.87 -0.95 -37.65
C GLN C 111 7.19 -1.07 -36.93
N SER C 112 7.71 0.07 -36.51
CA SER C 112 9.04 0.11 -35.94
C SER C 112 9.03 0.46 -34.46
N LEU C 113 10.18 0.26 -33.83
CA LEU C 113 10.35 0.52 -32.43
C LEU C 113 11.77 1.00 -32.20
N GLN C 114 11.96 1.83 -31.18
CA GLN C 114 13.28 2.29 -30.81
C GLN C 114 13.77 1.53 -29.61
N CYS C 115 14.89 0.83 -29.78
CA CYS C 115 15.49 0.04 -28.72
C CYS C 115 15.88 0.94 -27.55
N ARG C 116 15.39 0.57 -26.37
CA ARG C 116 15.50 1.41 -25.19
C ARG C 116 16.89 1.40 -24.56
N SER C 117 17.80 0.63 -25.15
CA SER C 117 19.18 0.56 -24.66
C SER C 117 20.19 0.43 -25.81
N PRO C 118 21.36 1.06 -25.67
CA PRO C 118 22.37 1.10 -26.75
C PRO C 118 22.80 -0.27 -27.24
N GLU C 119 22.84 -1.24 -26.32
CA GLU C 119 23.30 -2.61 -26.60
C GLU C 119 22.43 -3.39 -27.58
N GLU C 120 21.14 -3.04 -27.69
CA GLU C 120 20.19 -3.87 -28.43
C GLU C 120 20.39 -3.87 -29.94
N GLN C 121 19.89 -4.91 -30.59
CA GLN C 121 19.96 -5.02 -32.04
C GLN C 121 18.56 -5.25 -32.60
N CYS C 122 18.45 -5.61 -33.87
CA CYS C 122 17.14 -5.96 -34.45
C CYS C 122 17.02 -7.47 -34.60
N LEU C 123 16.02 -8.02 -33.94
CA LEU C 123 15.79 -9.45 -33.87
C LEU C 123 14.68 -9.89 -34.80
N ASP C 124 14.86 -11.08 -35.35
CA ASP C 124 13.81 -11.77 -36.08
C ASP C 124 13.85 -13.24 -35.67
N VAL C 125 12.87 -13.68 -34.87
CA VAL C 125 12.84 -15.08 -34.44
C VAL C 125 11.62 -15.83 -35.00
N VAL C 126 11.89 -16.91 -35.75
CA VAL C 126 10.80 -17.65 -36.42
C VAL C 126 10.79 -19.11 -36.03
N THR C 127 9.59 -19.66 -35.90
CA THR C 127 9.40 -21.09 -35.76
C THR C 127 8.30 -21.54 -36.69
N HIS C 128 8.62 -22.48 -37.56
CA HIS C 128 7.68 -22.97 -38.54
C HIS C 128 7.66 -24.48 -38.56
N TRP C 129 6.47 -25.06 -38.52
CA TRP C 129 6.30 -26.50 -38.68
C TRP C 129 6.00 -26.86 -40.13
N ILE C 130 6.73 -27.84 -40.65
CA ILE C 130 6.64 -28.16 -42.07
C ILE C 130 5.46 -29.10 -42.37
N GLN C 131 4.32 -28.49 -42.67
CA GLN C 131 3.12 -29.14 -43.20
C GLN C 131 1.94 -28.17 -43.17
N PRO C 138 0.81 -28.12 -36.99
CA PRO C 138 0.58 -27.08 -35.98
C PRO C 138 0.63 -25.69 -36.62
N LYS C 139 -0.49 -24.97 -36.55
CA LYS C 139 -0.54 -23.58 -37.01
C LYS C 139 -0.02 -22.63 -35.90
N ASP C 140 0.68 -23.22 -34.94
CA ASP C 140 1.37 -22.51 -33.87
C ASP C 140 2.62 -21.83 -34.45
N ASP C 141 2.45 -21.18 -35.60
CA ASP C 141 3.56 -20.67 -36.40
C ASP C 141 4.03 -19.29 -35.94
N ARG C 142 5.11 -19.25 -35.17
CA ARG C 142 5.56 -18.00 -34.57
C ARG C 142 6.55 -17.24 -35.44
N HIS C 143 6.28 -15.96 -35.64
CA HIS C 143 7.17 -15.02 -36.33
C HIS C 143 7.27 -13.72 -35.56
N LEU C 144 8.35 -13.55 -34.80
CA LEU C 144 8.52 -12.36 -33.97
C LEU C 144 9.68 -11.47 -34.40
N ARG C 145 9.40 -10.19 -34.50
CA ARG C 145 10.44 -9.18 -34.72
C ARG C 145 10.40 -8.11 -33.65
N GLY C 146 11.57 -7.70 -33.20
CA GLY C 146 11.65 -6.64 -32.20
C GLY C 146 13.08 -6.27 -31.91
N CYS C 147 13.29 -5.59 -30.79
CA CYS C 147 14.63 -5.32 -30.28
C CYS C 147 15.11 -6.50 -29.49
N GLY C 148 16.35 -6.42 -29.05
CA GLY C 148 16.94 -7.46 -28.21
C GLY C 148 18.45 -7.54 -28.27
N TYR C 149 19.00 -8.27 -27.30
CA TYR C 149 20.42 -8.58 -27.25
C TYR C 149 20.60 -10.03 -26.81
N LEU C 150 21.37 -10.77 -27.61
CA LEU C 150 21.78 -12.13 -27.30
C LEU C 150 23.25 -12.26 -27.67
N PRO C 151 24.04 -13.01 -26.91
CA PRO C 151 25.46 -13.14 -27.21
C PRO C 151 25.61 -13.86 -28.56
N GLY C 152 26.66 -13.54 -29.30
CA GLY C 152 26.82 -14.11 -30.64
C GLY C 152 26.13 -13.29 -31.71
N CYS C 153 25.68 -12.09 -31.33
CA CYS C 153 25.08 -11.14 -32.26
C CYS C 153 26.10 -10.10 -32.71
N PRO C 154 26.00 -9.64 -33.97
CA PRO C 154 24.97 -10.08 -34.91
C PRO C 154 25.24 -11.46 -35.51
N GLY C 155 24.19 -12.09 -36.04
CA GLY C 155 24.33 -13.36 -36.74
C GLY C 155 23.04 -13.92 -37.28
N SER C 156 23.14 -15.01 -38.03
CA SER C 156 22.00 -15.82 -38.39
C SER C 156 22.14 -17.15 -37.69
N ASN C 157 21.11 -17.52 -36.95
CA ASN C 157 21.13 -18.78 -36.20
C ASN C 157 19.93 -19.65 -36.54
N GLY C 158 20.18 -20.90 -36.88
CA GLY C 158 19.07 -21.72 -37.29
C GLY C 158 19.20 -23.22 -37.20
N PHE C 159 18.04 -23.86 -37.32
CA PHE C 159 17.94 -25.30 -37.40
C PHE C 159 16.82 -25.65 -38.36
N HIS C 160 17.02 -26.71 -39.11
CA HIS C 160 15.91 -27.36 -39.81
C HIS C 160 16.11 -28.85 -40.02
N ASN C 161 15.01 -29.59 -39.91
CA ASN C 161 14.92 -30.92 -40.45
C ASN C 161 13.66 -30.98 -41.26
N ASN C 162 13.05 -32.16 -41.36
CA ASN C 162 11.82 -32.31 -42.11
C ASN C 162 10.59 -31.79 -41.37
N ASP C 163 10.64 -31.78 -40.04
CA ASP C 163 9.49 -31.42 -39.22
C ASP C 163 9.48 -29.95 -38.74
N THR C 164 10.60 -29.47 -38.19
CA THR C 164 10.64 -28.11 -37.65
C THR C 164 11.73 -27.22 -38.24
N PHE C 165 11.43 -25.93 -38.33
CA PHE C 165 12.36 -24.91 -38.75
C PHE C 165 12.42 -23.80 -37.68
N HIS C 166 13.57 -23.68 -37.00
CA HIS C 166 13.83 -22.61 -36.03
C HIS C 166 14.90 -21.65 -36.55
N PHE C 167 14.61 -20.35 -36.49
CA PHE C 167 15.55 -19.31 -36.94
C PHE C 167 15.63 -18.05 -36.04
N LEU C 168 16.85 -17.58 -35.79
CA LEU C 168 17.01 -16.32 -35.06
C LEU C 168 18.08 -15.41 -35.67
N LYS C 169 17.61 -14.44 -36.45
CA LYS C 169 18.47 -13.47 -37.11
C LYS C 169 18.59 -12.26 -36.19
N CYS C 170 19.65 -11.49 -36.39
CA CYS C 170 20.03 -10.50 -35.42
C CYS C 170 21.08 -9.56 -36.05
N CYS C 171 20.81 -8.26 -36.06
CA CYS C 171 21.69 -7.32 -36.77
C CYS C 171 21.64 -5.89 -36.24
N ASN C 172 22.77 -5.19 -36.35
CA ASN C 172 22.91 -3.83 -35.78
C ASN C 172 22.82 -2.64 -36.75
N THR C 173 21.90 -2.70 -37.72
CA THR C 173 21.63 -1.50 -38.56
C THR C 173 20.15 -1.13 -38.62
N THR C 174 19.91 0.17 -38.81
CA THR C 174 18.55 0.74 -38.91
C THR C 174 17.60 -0.13 -39.73
N LYS C 175 16.58 -0.67 -39.05
CA LYS C 175 15.50 -1.46 -39.68
C LYS C 175 15.94 -2.75 -40.40
N CYS C 176 17.13 -3.27 -40.10
CA CYS C 176 17.66 -4.43 -40.83
C CYS C 176 16.82 -5.73 -40.69
N ASN C 177 15.77 -5.69 -39.87
CA ASN C 177 14.82 -6.81 -39.81
C ASN C 177 13.55 -6.53 -40.61
N GLU C 178 13.64 -5.56 -41.53
CA GLU C 178 12.72 -5.41 -42.66
C GLU C 178 12.68 -6.68 -43.50
N GLY C 179 11.57 -6.90 -44.19
CA GLY C 179 11.54 -7.88 -45.26
C GLY C 179 10.38 -8.84 -45.19
N PRO C 180 10.25 -9.70 -46.21
CA PRO C 180 9.24 -10.74 -46.22
C PRO C 180 9.38 -11.69 -45.04
N ILE C 181 8.36 -12.49 -44.79
CA ILE C 181 8.44 -13.56 -43.82
C ILE C 181 9.56 -14.51 -44.27
N LEU C 182 10.50 -14.80 -43.38
CA LEU C 182 11.53 -15.76 -43.70
C LEU C 182 10.91 -17.14 -43.83
N GLU C 183 11.04 -17.74 -45.01
CA GLU C 183 10.56 -19.11 -45.27
C GLU C 183 11.71 -20.01 -45.69
N LEU C 184 11.85 -21.15 -45.02
CA LEU C 184 12.89 -22.13 -45.34
C LEU C 184 12.99 -22.45 -46.83
N GLU C 185 11.83 -22.79 -47.41
CA GLU C 185 11.75 -23.24 -48.80
C GLU C 185 12.34 -22.25 -49.81
N ASN C 186 12.49 -20.99 -49.43
CA ASN C 186 13.14 -20.07 -50.34
C ASN C 186 14.51 -19.54 -49.87
N LEU C 187 15.34 -20.47 -49.40
CA LEU C 187 16.71 -20.20 -49.00
C LEU C 187 17.60 -21.11 -49.84
N PRO C 188 18.79 -20.64 -50.23
CA PRO C 188 19.66 -21.42 -51.10
C PRO C 188 20.10 -22.72 -50.42
N GLN C 189 20.19 -23.81 -51.17
CA GLN C 189 20.96 -24.97 -50.72
C GLN C 189 22.41 -24.54 -50.54
N ASN C 190 23.07 -25.09 -49.52
CA ASN C 190 24.46 -24.75 -49.24
C ASN C 190 25.45 -25.87 -49.59
N GLY C 191 24.91 -27.00 -50.03
CA GLY C 191 25.72 -28.16 -50.36
C GLY C 191 25.91 -29.19 -49.26
N ARG C 192 25.45 -28.87 -48.05
CA ARG C 192 25.57 -29.84 -46.95
C ARG C 192 24.42 -30.85 -46.91
N GLN C 193 24.81 -32.10 -46.67
CA GLN C 193 23.89 -33.21 -46.46
C GLN C 193 23.82 -33.56 -44.97
N CYS C 194 22.61 -33.60 -44.42
CA CYS C 194 22.42 -33.96 -43.02
C CYS C 194 21.26 -34.92 -42.82
N TYR C 195 21.40 -35.82 -41.85
CA TYR C 195 20.32 -36.72 -41.50
C TYR C 195 19.20 -35.97 -40.79
N SER C 196 17.96 -36.28 -41.19
CA SER C 196 16.76 -35.67 -40.65
C SER C 196 15.84 -36.68 -39.96
N CYS C 197 15.55 -36.44 -38.68
CA CYS C 197 14.58 -37.23 -37.94
C CYS C 197 14.04 -36.48 -36.73
N LYS C 198 12.93 -36.98 -36.18
CA LYS C 198 12.34 -36.42 -34.97
C LYS C 198 11.79 -37.52 -34.06
N GLY C 199 12.22 -37.50 -32.80
CA GLY C 199 11.50 -38.23 -31.78
C GLY C 199 12.14 -39.47 -31.21
N GLN C 200 11.26 -40.39 -30.83
CA GLN C 200 11.61 -41.61 -30.12
C GLN C 200 12.85 -42.26 -30.73
N SER C 201 13.85 -42.51 -29.90
CA SER C 201 15.13 -43.09 -30.34
C SER C 201 14.99 -44.55 -30.77
N THR C 202 13.85 -45.16 -30.44
CA THR C 202 13.51 -46.50 -30.94
C THR C 202 12.43 -46.49 -32.03
N HIS C 203 11.68 -45.40 -32.14
CA HIS C 203 10.54 -45.35 -33.08
C HIS C 203 10.59 -44.24 -34.14
N GLY C 204 11.03 -43.04 -33.75
CA GLY C 204 11.02 -41.90 -34.67
C GLY C 204 12.39 -41.54 -35.24
N CYS C 205 13.43 -41.97 -34.55
CA CYS C 205 14.81 -41.62 -34.92
C CYS C 205 15.71 -42.84 -35.09
N SER C 206 15.26 -44.01 -34.64
CA SER C 206 15.97 -45.26 -34.87
C SER C 206 16.25 -45.43 -36.36
N SER C 207 17.49 -45.84 -36.67
CA SER C 207 17.99 -45.90 -38.05
C SER C 207 17.03 -46.71 -38.93
N GLU C 208 16.14 -45.97 -39.61
CA GLU C 208 14.98 -46.55 -40.28
C GLU C 208 14.06 -45.41 -40.71
N GLU C 209 13.97 -44.40 -39.84
CA GLU C 209 13.13 -43.22 -40.09
C GLU C 209 13.99 -42.00 -40.38
N THR C 210 15.29 -42.13 -40.16
CA THR C 210 16.25 -41.06 -40.36
C THR C 210 16.69 -41.00 -41.83
N PHE C 211 16.56 -39.84 -42.46
CA PHE C 211 16.97 -39.70 -43.87
C PHE C 211 17.73 -38.40 -44.18
N LEU C 212 18.63 -38.49 -45.16
CA LEU C 212 19.44 -37.35 -45.61
C LEU C 212 18.59 -36.26 -46.27
N ILE C 213 18.93 -35.01 -45.99
CA ILE C 213 18.29 -33.86 -46.61
C ILE C 213 19.33 -32.81 -47.00
N ASP C 214 19.00 -31.95 -47.96
CA ASP C 214 19.89 -30.87 -48.35
C ASP C 214 19.70 -29.68 -47.41
N CYS C 215 20.80 -29.21 -46.83
CA CYS C 215 20.82 -28.06 -45.92
C CYS C 215 20.72 -26.74 -46.63
N ARG C 216 20.03 -25.81 -45.99
CA ARG C 216 19.68 -24.56 -46.62
C ARG C 216 20.30 -23.41 -45.87
N GLY C 217 20.58 -22.34 -46.61
CA GLY C 217 21.07 -21.10 -46.04
C GLY C 217 22.26 -21.28 -45.12
N PRO C 218 22.30 -20.48 -44.05
CA PRO C 218 23.41 -20.49 -43.12
C PRO C 218 23.53 -21.79 -42.32
N MET C 219 22.51 -22.65 -42.40
CA MET C 219 22.50 -23.94 -41.69
C MET C 219 23.41 -25.01 -42.32
N ASN C 220 24.71 -24.81 -42.20
CA ASN C 220 25.68 -25.62 -42.94
C ASN C 220 26.32 -26.74 -42.12
N GLN C 221 25.74 -27.07 -40.98
CA GLN C 221 26.25 -28.14 -40.14
C GLN C 221 25.19 -29.17 -39.73
N CYS C 222 25.66 -30.33 -39.26
CA CYS C 222 24.76 -31.42 -38.88
C CYS C 222 24.58 -31.49 -37.38
N LEU C 223 23.33 -31.61 -36.96
CA LEU C 223 22.98 -31.51 -35.56
C LEU C 223 22.26 -32.73 -35.01
N VAL C 224 22.72 -33.18 -33.85
CA VAL C 224 21.99 -34.18 -33.10
C VAL C 224 21.58 -33.54 -31.78
N ALA C 225 20.30 -33.63 -31.45
CA ALA C 225 19.79 -33.09 -30.18
C ALA C 225 18.96 -34.13 -29.44
N THR C 226 19.32 -34.39 -28.19
CA THR C 226 18.57 -35.33 -27.37
C THR C 226 17.99 -34.61 -26.16
N GLY C 227 16.89 -35.14 -25.63
CA GLY C 227 16.22 -34.59 -24.45
C GLY C 227 15.06 -35.46 -24.02
N THR C 228 14.19 -34.94 -23.17
CA THR C 228 13.10 -35.74 -22.61
C THR C 228 11.75 -35.06 -22.69
N HIS C 229 10.70 -35.88 -22.67
CA HIS C 229 9.33 -35.42 -22.52
C HIS C 229 8.73 -35.99 -21.23
N GLU C 230 7.45 -35.71 -20.99
CA GLU C 230 6.73 -36.25 -19.86
C GLU C 230 5.62 -37.16 -20.44
N PRO C 231 5.10 -38.14 -19.69
CA PRO C 231 5.20 -38.26 -18.22
C PRO C 231 6.57 -38.62 -17.62
N LYS C 232 7.05 -39.84 -17.84
CA LYS C 232 8.34 -40.26 -17.30
C LYS C 232 9.48 -39.63 -18.10
N ASN C 233 10.69 -39.64 -17.54
CA ASN C 233 11.86 -38.97 -18.11
C ASN C 233 12.35 -39.64 -19.42
N GLN C 234 11.43 -39.94 -20.33
CA GLN C 234 11.73 -40.79 -21.48
C GLN C 234 12.43 -40.08 -22.64
N SER C 235 13.26 -40.85 -23.34
CA SER C 235 14.13 -40.31 -24.36
C SER C 235 13.39 -39.77 -25.56
N TYR C 236 13.90 -38.66 -26.07
CA TYR C 236 13.42 -38.04 -27.30
C TYR C 236 14.62 -37.40 -27.96
N MET C 237 14.76 -37.54 -29.26
CA MET C 237 15.88 -36.90 -29.93
C MET C 237 15.48 -36.25 -31.25
N VAL C 238 16.40 -35.50 -31.83
CA VAL C 238 16.15 -34.76 -33.06
C VAL C 238 17.42 -34.65 -33.92
N ARG C 239 17.25 -34.77 -35.23
CA ARG C 239 18.36 -34.65 -36.18
C ARG C 239 17.99 -33.73 -37.34
N GLY C 240 18.94 -32.87 -37.74
CA GLY C 240 18.76 -32.02 -38.91
C GLY C 240 19.95 -31.12 -39.20
N CYS C 241 19.76 -30.15 -40.10
CA CYS C 241 20.77 -29.13 -40.38
C CYS C 241 20.71 -28.01 -39.38
N ALA C 242 21.87 -27.40 -39.14
CA ALA C 242 21.96 -26.34 -38.17
C ALA C 242 23.14 -25.45 -38.47
N THR C 243 23.10 -24.29 -37.86
CA THR C 243 24.28 -23.45 -37.78
C THR C 243 25.00 -23.90 -36.52
N ALA C 244 26.31 -23.62 -36.45
CA ALA C 244 27.16 -24.07 -35.36
C ALA C 244 26.69 -23.51 -34.02
N SER C 245 26.18 -22.29 -34.03
CA SER C 245 25.75 -21.61 -32.82
C SER C 245 24.66 -22.38 -32.06
N MET C 246 23.82 -23.09 -32.80
CA MET C 246 22.82 -23.98 -32.21
C MET C 246 23.41 -24.88 -31.14
N CYS C 247 24.70 -25.21 -31.26
CA CYS C 247 25.36 -26.12 -30.32
C CYS C 247 26.29 -25.35 -29.36
N GLN C 248 26.40 -24.05 -29.59
CA GLN C 248 27.23 -23.21 -28.72
C GLN C 248 26.42 -22.41 -27.68
N HIS C 249 25.12 -22.22 -27.91
CA HIS C 249 24.31 -21.33 -27.07
C HIS C 249 23.03 -21.96 -26.47
N ALA C 250 22.91 -21.95 -25.14
CA ALA C 250 21.73 -22.52 -24.49
C ALA C 250 20.43 -21.84 -24.95
N HIS C 251 20.49 -20.53 -25.19
CA HIS C 251 19.31 -19.76 -25.59
C HIS C 251 18.80 -20.16 -26.97
N LEU C 252 19.69 -20.59 -27.84
CA LEU C 252 19.28 -21.10 -29.14
C LEU C 252 18.65 -22.47 -28.99
N GLY C 253 19.23 -23.32 -28.15
CA GLY C 253 18.73 -24.66 -27.92
C GLY C 253 17.34 -24.69 -27.29
N ASP C 254 16.94 -23.58 -26.66
CA ASP C 254 15.63 -23.47 -26.02
C ASP C 254 14.47 -23.49 -27.03
N ALA C 255 14.79 -23.32 -28.31
CA ALA C 255 13.84 -23.47 -29.40
C ALA C 255 13.18 -24.86 -29.43
N PHE C 256 13.85 -25.86 -28.89
CA PHE C 256 13.35 -27.22 -28.93
C PHE C 256 12.30 -27.47 -27.86
N SER C 257 11.28 -28.25 -28.22
CA SER C 257 10.18 -28.55 -27.31
C SER C 257 10.45 -29.78 -26.43
N MET C 258 11.65 -29.79 -25.85
CA MET C 258 12.06 -30.80 -24.89
C MET C 258 13.01 -30.23 -23.82
N ASN C 259 12.99 -30.83 -22.64
CA ASN C 259 13.88 -30.45 -21.55
C ASN C 259 15.14 -31.33 -21.45
N HIS C 260 16.15 -30.81 -20.76
CA HIS C 260 17.46 -31.46 -20.62
C HIS C 260 18.09 -31.70 -21.98
N ILE C 261 18.31 -30.60 -22.69
CA ILE C 261 18.88 -30.61 -24.03
C ILE C 261 20.39 -30.83 -24.00
N ASP C 262 20.84 -31.81 -24.77
CA ASP C 262 22.22 -31.85 -25.20
C ASP C 262 22.26 -31.82 -26.72
N VAL C 263 22.88 -30.77 -27.25
CA VAL C 263 22.99 -30.57 -28.69
C VAL C 263 24.42 -30.81 -29.13
N SER C 264 24.59 -31.50 -30.26
CA SER C 264 25.91 -31.72 -30.81
C SER C 264 25.98 -31.38 -32.28
N CYS C 265 27.11 -30.82 -32.68
CA CYS C 265 27.35 -30.43 -34.06
C CYS C 265 28.57 -31.13 -34.65
N CYS C 266 28.58 -31.22 -35.98
CA CYS C 266 29.69 -31.80 -36.71
C CYS C 266 29.71 -31.25 -38.14
N THR C 267 30.91 -31.06 -38.66
CA THR C 267 31.16 -30.23 -39.84
C THR C 267 30.95 -30.95 -41.17
N LYS C 268 31.39 -32.20 -41.25
CA LYS C 268 31.32 -33.00 -42.47
C LYS C 268 29.89 -33.50 -42.74
N SER C 269 29.56 -33.72 -44.01
CA SER C 269 28.22 -34.17 -44.43
C SER C 269 27.87 -35.57 -43.92
N GLY C 270 26.59 -35.72 -43.53
CA GLY C 270 26.07 -37.01 -43.06
C GLY C 270 26.76 -37.54 -41.81
N CYS C 271 27.39 -36.63 -41.06
CA CYS C 271 28.19 -36.99 -39.88
C CYS C 271 27.29 -37.26 -38.68
N ASN C 272 26.03 -36.83 -38.78
CA ASN C 272 25.12 -36.99 -37.66
C ASN C 272 24.34 -38.31 -37.69
N HIS C 273 25.02 -39.39 -37.32
CA HIS C 273 24.31 -40.62 -36.94
C HIS C 273 24.99 -41.35 -35.75
N PRO C 274 25.59 -42.53 -35.95
CA PRO C 274 26.07 -43.32 -34.81
C PRO C 274 27.46 -42.89 -34.34
N ASP C 275 27.51 -41.87 -33.49
CA ASP C 275 28.76 -41.31 -32.99
C ASP C 275 28.68 -41.02 -31.48
N LYS D 1 13.45 -25.84 -14.00
CA LYS D 1 13.23 -26.44 -15.34
C LYS D 1 13.46 -25.37 -16.41
N SER D 2 12.57 -25.29 -17.41
CA SER D 2 12.67 -24.35 -18.53
C SER D 2 13.10 -22.97 -18.10
N ASP D 3 13.99 -22.38 -18.88
CA ASP D 3 14.41 -21.02 -18.66
C ASP D 3 13.20 -20.12 -18.89
N ALC D 4 13.09 -19.06 -18.11
CA ALC D 4 12.00 -18.13 -18.30
C ALC D 4 12.23 -17.28 -19.52
O ALC D 4 11.34 -17.14 -20.35
CB ALC D 4 11.87 -17.33 -17.02
CG ALC D 4 10.60 -16.49 -16.91
CD2 ALC D 4 9.40 -17.46 -16.90
CE2 ALC D 4 8.13 -16.99 -16.21
CZ ALC D 4 8.44 -16.34 -14.87
CE1 ALC D 4 9.44 -15.19 -15.03
CD1 ALC D 4 10.76 -15.70 -15.60
N PHE D 5 13.43 -16.70 -19.64
CA PHE D 5 13.81 -15.93 -20.84
C PHE D 5 13.76 -16.81 -22.07
N DSN D 6 14.43 -17.95 -22.01
CA DSN D 6 14.41 -18.90 -23.10
C DSN D 6 13.01 -19.06 -23.63
O DSN D 6 12.76 -18.82 -24.82
CB DSN D 6 15.37 -18.50 -24.23
OG DSN D 6 16.72 -18.44 -23.74
N DLY D 7 12.08 -19.41 -22.73
CA DLY D 7 10.68 -19.69 -23.10
C DLY D 7 10.03 -18.55 -23.83
O DLY D 7 9.41 -18.71 -24.89
CB DLY D 7 10.61 -20.98 -23.91
CG DLY D 7 10.88 -22.20 -23.05
CD DLY D 7 11.36 -23.42 -23.85
CE DLY D 7 12.45 -24.21 -23.12
NZ DLY D 7 12.85 -25.31 -23.99
N TYR D 8 10.19 -17.34 -23.28
CA TYR D 8 9.61 -16.17 -23.92
C TYR D 8 10.26 -15.85 -25.24
N LEU D 9 11.58 -16.00 -25.31
CA LEU D 9 12.28 -15.75 -26.56
C LEU D 9 11.69 -16.59 -27.69
N TRP D 10 11.36 -17.85 -27.42
CA TRP D 10 10.85 -18.73 -28.50
C TRP D 10 9.33 -18.85 -28.57
N SER D 11 8.64 -18.38 -27.53
CA SER D 11 7.21 -18.60 -27.46
C SER D 11 6.31 -17.38 -27.29
N SER D 12 6.78 -16.37 -26.57
CA SER D 12 5.91 -15.23 -26.26
C SER D 12 5.43 -14.58 -27.53
N LYS D 13 4.11 -14.54 -27.68
CA LYS D 13 3.49 -13.77 -28.74
C LYS D 13 2.56 -12.76 -28.05
N LEU E 1 3.63 -28.30 -26.75
CA LEU E 1 3.02 -27.04 -26.24
C LEU E 1 3.77 -26.49 -25.05
N ARG E 2 3.77 -25.17 -24.93
CA ARG E 2 4.31 -24.51 -23.78
C ARG E 2 3.26 -23.62 -23.18
N CYS E 3 3.12 -23.69 -21.85
CA CYS E 3 2.20 -22.85 -21.11
C CYS E 3 2.89 -22.19 -19.94
N MET E 4 2.22 -21.16 -19.42
CA MET E 4 2.48 -20.65 -18.10
C MET E 4 1.90 -21.63 -17.08
N GLN E 5 2.69 -21.88 -16.02
CA GLN E 5 2.25 -22.67 -14.88
C GLN E 5 2.32 -21.83 -13.61
N CYS E 6 1.17 -21.56 -13.01
CA CYS E 6 1.12 -20.71 -11.84
C CYS E 6 0.23 -21.29 -10.78
N LYS E 7 0.83 -21.45 -9.62
CA LYS E 7 0.09 -21.78 -8.42
C LYS E 7 -0.65 -20.54 -7.92
N THR E 8 -1.64 -20.76 -7.05
CA THR E 8 -2.47 -19.66 -6.57
C THR E 8 -1.60 -18.65 -5.82
N ASN E 9 -0.48 -19.15 -5.32
CA ASN E 9 0.73 -18.40 -4.92
C ASN E 9 1.10 -17.18 -5.72
N GLY E 10 0.93 -17.28 -7.05
CA GLY E 10 1.62 -16.38 -7.97
C GLY E 10 3.04 -16.86 -8.29
N ASP E 11 3.34 -18.11 -7.97
CA ASP E 11 4.61 -18.76 -8.32
C ASP E 11 4.50 -19.36 -9.74
N CYS E 12 5.35 -18.90 -10.65
CA CYS E 12 5.18 -19.13 -12.10
C CYS E 12 6.50 -19.57 -12.77
N ARG E 13 6.37 -20.48 -13.74
CA ARG E 13 7.48 -20.95 -14.51
C ARG E 13 6.95 -21.12 -15.92
N VAL E 14 7.83 -21.35 -16.89
CA VAL E 14 7.39 -21.82 -18.20
C VAL E 14 7.36 -23.34 -18.11
N GLU E 15 6.29 -23.94 -18.65
CA GLU E 15 6.16 -25.37 -18.69
C GLU E 15 6.23 -25.91 -20.10
N GLU E 16 7.01 -26.96 -20.31
CA GLU E 16 6.87 -27.72 -21.56
C GLU E 16 5.88 -28.84 -21.31
N CYS E 17 4.69 -28.68 -21.87
CA CYS E 17 3.58 -29.63 -21.66
C CYS E 17 3.93 -31.10 -21.88
N ALA E 18 3.38 -31.97 -21.06
CA ALA E 18 3.57 -33.42 -21.23
C ALA E 18 2.79 -33.94 -22.43
N LEU E 19 3.21 -35.08 -22.97
CA LEU E 19 2.46 -35.69 -24.08
C LEU E 19 1.05 -36.03 -23.59
N GLY E 20 0.06 -35.71 -24.41
CA GLY E 20 -1.34 -35.87 -24.04
C GLY E 20 -1.94 -34.59 -23.48
N GLN E 21 -1.08 -33.61 -23.20
CA GLN E 21 -1.52 -32.33 -22.65
C GLN E 21 -1.25 -31.20 -23.63
N ASP E 22 -2.22 -30.97 -24.50
CA ASP E 22 -2.08 -30.09 -25.66
C ASP E 22 -2.91 -28.81 -25.54
N LEU E 23 -3.11 -28.35 -24.31
CA LEU E 23 -3.85 -27.13 -24.04
C LEU E 23 -3.31 -26.53 -22.77
N CYS E 24 -3.33 -25.18 -22.71
CA CYS E 24 -3.07 -24.46 -21.48
C CYS E 24 -4.39 -24.02 -20.91
N ARG E 25 -4.47 -24.00 -19.58
CA ARG E 25 -5.65 -23.53 -18.90
C ARG E 25 -5.37 -22.40 -17.93
N THR E 26 -6.42 -21.61 -17.68
CA THR E 26 -6.44 -20.62 -16.65
C THR E 26 -7.75 -20.79 -15.91
N THR E 27 -7.63 -21.07 -14.62
CA THR E 27 -8.76 -21.15 -13.73
C THR E 27 -8.76 -19.96 -12.79
N ILE E 28 -9.86 -19.18 -12.80
CA ILE E 28 -10.03 -18.08 -11.85
C ILE E 28 -11.27 -18.31 -10.99
N VAL E 29 -11.10 -18.19 -9.67
CA VAL E 29 -12.22 -18.02 -8.77
C VAL E 29 -12.23 -16.60 -8.17
N ARG E 30 -13.33 -15.89 -8.34
CA ARG E 30 -13.56 -14.60 -7.65
C ARG E 30 -14.69 -14.73 -6.63
N LEU E 31 -14.41 -14.42 -5.36
CA LEU E 31 -15.44 -14.59 -4.33
C LEU E 31 -15.44 -13.49 -3.26
N TRP E 32 -16.38 -13.59 -2.33
CA TRP E 32 -16.53 -12.58 -1.29
C TRP E 32 -16.40 -13.16 0.10
N GLU E 33 -15.37 -12.73 0.82
CA GLU E 33 -15.26 -13.03 2.24
C GLU E 33 -15.23 -11.75 3.07
N GLU E 34 -16.05 -11.72 4.13
CA GLU E 34 -16.37 -10.48 4.84
C GLU E 34 -16.82 -9.42 3.81
N GLY E 35 -16.10 -8.30 3.75
CA GLY E 35 -16.39 -7.29 2.76
C GLY E 35 -15.20 -7.18 1.85
N GLU E 36 -14.52 -8.31 1.65
CA GLU E 36 -13.37 -8.35 0.78
C GLU E 36 -13.62 -9.27 -0.38
N GLU E 37 -13.17 -8.85 -1.56
CA GLU E 37 -13.23 -9.67 -2.75
C GLU E 37 -11.93 -10.43 -2.91
N LEU E 38 -11.97 -11.76 -2.89
CA LEU E 38 -10.76 -12.57 -3.12
C LEU E 38 -10.65 -13.06 -4.56
N GLU E 39 -9.44 -13.42 -4.97
CA GLU E 39 -9.17 -14.03 -6.27
C GLU E 39 -8.09 -15.13 -6.18
N LEU E 40 -8.36 -16.29 -6.76
CA LEU E 40 -7.36 -17.32 -6.93
C LEU E 40 -7.22 -17.62 -8.42
N VAL E 41 -5.98 -17.57 -8.91
CA VAL E 41 -5.67 -17.90 -10.32
C VAL E 41 -4.72 -19.06 -10.37
N GLU E 42 -5.06 -20.05 -11.19
CA GLU E 42 -4.21 -21.20 -11.41
C GLU E 42 -4.06 -21.47 -12.91
N LYS E 43 -2.84 -21.71 -13.36
CA LYS E 43 -2.56 -21.87 -14.79
C LYS E 43 -1.69 -23.08 -15.02
N SER E 44 -1.90 -23.77 -16.15
CA SER E 44 -1.07 -24.94 -16.50
C SER E 44 -1.42 -25.60 -17.81
N CYS E 45 -0.56 -26.51 -18.22
CA CYS E 45 -0.85 -27.46 -19.27
C CYS E 45 -1.96 -28.37 -18.76
N THR E 46 -3.01 -28.52 -19.56
CA THR E 46 -4.08 -29.47 -19.25
C THR E 46 -4.29 -30.44 -20.43
N HIS E 47 -5.23 -31.38 -20.26
CA HIS E 47 -5.41 -32.55 -21.12
C HIS E 47 -6.18 -32.30 -22.40
N SER E 48 -6.05 -33.22 -23.37
CA SER E 48 -6.65 -33.09 -24.70
C SER E 48 -8.13 -32.67 -24.69
N GLU E 49 -8.99 -33.57 -24.20
CA GLU E 49 -10.41 -33.32 -24.11
C GLU E 49 -10.75 -32.43 -22.90
N LYS E 50 -10.42 -31.13 -22.99
CA LYS E 50 -10.91 -30.14 -22.03
C LYS E 50 -11.40 -28.86 -22.74
N THR E 51 -12.36 -28.17 -22.12
CA THR E 51 -12.96 -26.96 -22.72
C THR E 51 -13.17 -25.86 -21.69
N ASN E 52 -13.57 -24.68 -22.18
CA ASN E 52 -14.03 -23.57 -21.36
C ASN E 52 -15.19 -24.07 -20.52
N ARG E 53 -15.13 -23.84 -19.22
CA ARG E 53 -16.23 -24.21 -18.32
C ARG E 53 -16.42 -23.16 -17.22
N THR E 54 -17.67 -22.99 -16.81
CA THR E 54 -18.07 -21.84 -16.03
C THR E 54 -18.94 -22.23 -14.83
N LEU E 55 -18.81 -21.50 -13.71
CA LEU E 55 -19.68 -21.72 -12.56
C LEU E 55 -19.85 -20.46 -11.73
N SER E 56 -21.08 -20.14 -11.35
CA SER E 56 -21.30 -19.06 -10.39
C SER E 56 -22.57 -19.20 -9.57
N TYR E 57 -22.52 -18.74 -8.32
CA TYR E 57 -23.69 -18.76 -7.44
C TYR E 57 -23.68 -17.62 -6.44
N ARG E 58 -24.87 -17.14 -6.12
CA ARG E 58 -25.14 -16.16 -5.06
C ARG E 58 -24.45 -16.45 -3.74
N THR E 59 -23.94 -15.40 -3.10
CA THR E 59 -23.25 -15.52 -1.82
C THR E 59 -23.79 -14.51 -0.81
N GLY E 60 -24.12 -13.33 -1.31
CA GLY E 60 -24.67 -12.25 -0.51
C GLY E 60 -25.13 -11.15 -1.43
N LEU E 61 -25.30 -11.49 -2.72
CA LEU E 61 -25.62 -10.54 -3.82
C LEU E 61 -24.33 -10.15 -4.54
N LYS E 62 -23.31 -10.19 -3.74
CA LYS E 62 -22.03 -10.66 -4.11
C LYS E 62 -22.24 -12.12 -4.64
N ILE E 63 -21.40 -12.57 -5.57
CA ILE E 63 -21.48 -13.94 -6.06
C ILE E 63 -20.12 -14.63 -5.96
N THR E 64 -20.12 -15.93 -6.01
CA THR E 64 -18.88 -16.63 -6.22
C THR E 64 -18.87 -17.03 -7.67
N SER E 65 -17.92 -16.47 -8.40
CA SER E 65 -17.74 -16.72 -9.81
C SER E 65 -16.50 -17.57 -10.04
N LEU E 66 -16.61 -18.54 -10.93
CA LEU E 66 -15.48 -19.41 -11.23
C LEU E 66 -15.37 -19.67 -12.72
N THR E 67 -14.17 -19.55 -13.25
CA THR E 67 -13.96 -19.64 -14.68
C THR E 67 -12.74 -20.48 -15.00
N GLU E 68 -12.86 -21.35 -16.00
CA GLU E 68 -11.73 -22.09 -16.51
C GLU E 68 -11.68 -21.90 -18.02
N VAL E 69 -10.61 -21.31 -18.50
CA VAL E 69 -10.47 -21.05 -19.93
C VAL E 69 -9.27 -21.79 -20.49
N VAL E 70 -9.48 -22.34 -21.68
CA VAL E 70 -8.50 -23.23 -22.28
C VAL E 70 -8.11 -22.68 -23.66
N CYS E 71 -6.87 -22.96 -24.08
CA CYS E 71 -6.37 -22.50 -25.39
C CYS E 71 -5.22 -23.38 -25.91
N GLY E 72 -5.06 -23.49 -27.23
CA GLY E 72 -4.04 -24.38 -27.79
C GLY E 72 -2.74 -23.79 -28.34
N LEU E 73 -2.44 -22.54 -27.99
CA LEU E 73 -1.28 -21.82 -28.52
C LEU E 73 -0.21 -21.57 -27.46
N ASP E 74 1.06 -21.53 -27.88
CA ASP E 74 2.18 -21.32 -26.95
C ASP E 74 2.02 -20.11 -26.05
N LEU E 75 2.09 -20.35 -24.75
CA LEU E 75 1.97 -19.30 -23.74
C LEU E 75 0.72 -18.43 -23.86
N CYS E 76 -0.37 -19.01 -24.35
CA CYS E 76 -1.63 -18.27 -24.50
C CYS E 76 -2.38 -18.08 -23.17
N ASN E 77 -1.78 -18.47 -22.06
CA ASN E 77 -2.39 -18.26 -20.76
C ASN E 77 -1.72 -17.15 -19.96
N GLN E 78 -1.49 -16.01 -20.59
CA GLN E 78 -1.11 -14.83 -19.84
C GLN E 78 -2.40 -14.05 -19.48
N GLY E 79 -2.98 -14.37 -18.32
CA GLY E 79 -4.26 -13.83 -17.86
C GLY E 79 -4.60 -12.41 -18.30
N ARG E 89 -24.49 -3.43 -15.88
CA ARG E 89 -24.97 -4.77 -15.58
C ARG E 89 -25.40 -5.51 -16.85
N SER E 90 -24.45 -6.23 -17.45
CA SER E 90 -24.73 -7.11 -18.58
C SER E 90 -25.12 -8.51 -18.09
N ARG E 91 -26.43 -8.77 -18.01
CA ARG E 91 -26.97 -10.01 -17.39
C ARG E 91 -27.83 -10.79 -18.39
N TYR E 92 -28.02 -12.10 -18.15
CA TYR E 92 -28.64 -13.01 -19.14
C TYR E 92 -29.74 -13.95 -18.60
N LEU E 93 -29.49 -15.25 -18.63
CA LEU E 93 -30.49 -16.23 -18.21
C LEU E 93 -30.71 -16.13 -16.70
N GLU E 94 -31.97 -16.01 -16.30
CA GLU E 94 -32.32 -15.99 -14.88
C GLU E 94 -32.34 -17.41 -14.33
N CYS E 95 -31.61 -17.63 -13.25
CA CYS E 95 -31.56 -18.95 -12.63
C CYS E 95 -31.70 -18.89 -11.13
N ILE E 96 -32.21 -19.97 -10.55
CA ILE E 96 -32.22 -20.17 -9.11
C ILE E 96 -30.80 -20.36 -8.58
N SER E 97 -30.50 -19.70 -7.48
CA SER E 97 -29.20 -19.85 -6.86
C SER E 97 -29.39 -20.10 -5.39
N CYS E 98 -28.78 -21.19 -4.92
CA CYS E 98 -28.74 -21.53 -3.52
C CYS E 98 -27.68 -22.59 -3.28
N GLY E 99 -27.40 -22.87 -2.00
CA GLY E 99 -26.44 -23.88 -1.61
C GLY E 99 -25.13 -23.29 -1.14
N SER E 100 -25.04 -21.96 -1.11
CA SER E 100 -23.82 -21.29 -0.66
C SER E 100 -23.66 -21.37 0.85
N SER E 101 -22.46 -20.99 1.33
CA SER E 101 -22.10 -21.09 2.76
C SER E 101 -23.32 -21.02 3.70
N ASP E 102 -24.07 -19.92 3.64
CA ASP E 102 -25.31 -19.80 4.42
C ASP E 102 -26.56 -19.32 3.62
N MET E 103 -26.89 -20.08 2.58
CA MET E 103 -28.25 -20.12 2.02
C MET E 103 -28.49 -21.48 1.41
N SER E 104 -28.91 -22.42 2.26
CA SER E 104 -29.14 -23.80 1.86
C SER E 104 -30.28 -23.93 0.89
N CYS E 105 -30.11 -24.85 -0.06
CA CYS E 105 -31.15 -25.19 -1.01
C CYS E 105 -32.39 -25.76 -0.33
N GLU E 106 -32.18 -26.51 0.75
CA GLU E 106 -33.26 -26.96 1.61
C GLU E 106 -34.05 -25.80 2.24
N ARG E 107 -33.63 -24.57 1.98
CA ARG E 107 -34.10 -23.43 2.76
C ARG E 107 -34.46 -22.19 1.94
N GLY E 108 -33.96 -22.09 0.71
CA GLY E 108 -34.22 -20.95 -0.19
C GLY E 108 -34.16 -21.30 -1.66
N ARG E 109 -35.03 -22.22 -2.09
CA ARG E 109 -35.18 -22.63 -3.50
C ARG E 109 -35.83 -21.57 -4.40
N HIS E 110 -36.34 -20.50 -3.80
CA HIS E 110 -36.84 -19.35 -4.55
C HIS E 110 -35.93 -18.20 -4.19
N GLN E 111 -35.24 -17.70 -5.21
CA GLN E 111 -34.08 -16.82 -5.04
C GLN E 111 -33.26 -16.97 -6.32
N SER E 112 -33.15 -15.88 -7.07
CA SER E 112 -32.62 -15.98 -8.41
C SER E 112 -31.28 -15.27 -8.52
N LEU E 113 -30.60 -15.58 -9.60
CA LEU E 113 -29.41 -14.88 -10.02
C LEU E 113 -29.47 -14.91 -11.54
N GLN E 114 -29.22 -13.76 -12.15
CA GLN E 114 -29.08 -13.73 -13.59
C GLN E 114 -27.63 -14.06 -13.96
N CYS E 115 -27.47 -14.92 -14.95
CA CYS E 115 -26.16 -15.36 -15.37
C CYS E 115 -25.43 -14.27 -16.12
N ARG E 116 -24.12 -14.21 -15.92
CA ARG E 116 -23.30 -13.11 -16.42
C ARG E 116 -22.64 -13.42 -17.77
N SER E 117 -22.57 -14.71 -18.11
CA SER E 117 -22.23 -15.13 -19.48
C SER E 117 -23.50 -15.54 -20.23
N PRO E 118 -23.54 -15.32 -21.55
CA PRO E 118 -24.70 -15.73 -22.35
C PRO E 118 -24.72 -17.23 -22.63
N GLU E 119 -23.57 -17.88 -22.51
CA GLU E 119 -23.47 -19.32 -22.77
C GLU E 119 -23.98 -20.13 -21.60
N GLU E 120 -23.98 -19.55 -20.41
CA GLU E 120 -24.24 -20.36 -19.24
C GLU E 120 -25.72 -20.67 -18.98
N GLN E 121 -25.95 -21.81 -18.36
CA GLN E 121 -27.26 -22.36 -18.14
C GLN E 121 -27.49 -22.51 -16.64
N CYS E 122 -28.71 -22.84 -16.25
CA CYS E 122 -29.01 -23.05 -14.84
C CYS E 122 -28.53 -24.41 -14.43
N LEU E 123 -28.02 -24.49 -13.21
CA LEU E 123 -27.46 -25.73 -12.67
C LEU E 123 -28.24 -26.21 -11.46
N ASP E 124 -28.35 -27.53 -11.35
CA ASP E 124 -28.70 -28.23 -10.11
C ASP E 124 -27.72 -29.39 -9.90
N VAL E 125 -26.96 -29.32 -8.81
CA VAL E 125 -26.05 -30.41 -8.48
C VAL E 125 -26.35 -30.96 -7.09
N VAL E 126 -26.59 -32.27 -7.04
CA VAL E 126 -26.91 -32.93 -5.77
C VAL E 126 -26.04 -34.16 -5.50
N THR E 127 -25.67 -34.33 -4.25
CA THR E 127 -25.06 -35.54 -3.75
C THR E 127 -25.82 -35.98 -2.50
N HIS E 128 -26.33 -37.21 -2.53
CA HIS E 128 -26.97 -37.77 -1.36
C HIS E 128 -26.34 -39.11 -0.98
N TRP E 129 -26.25 -39.35 0.32
CA TRP E 129 -25.74 -40.60 0.87
C TRP E 129 -26.91 -41.34 1.46
N ILE E 130 -27.25 -42.47 0.85
CA ILE E 130 -28.37 -43.29 1.29
C ILE E 130 -28.16 -43.79 2.72
N GLN E 131 -29.04 -43.32 3.63
CA GLN E 131 -29.05 -43.66 5.07
C GLN E 131 -27.69 -43.64 5.76
N LYS E 139 -21.78 -38.73 6.70
CA LYS E 139 -21.50 -37.85 5.57
C LYS E 139 -22.66 -36.89 5.28
N ASP E 140 -22.32 -35.65 4.98
CA ASP E 140 -23.33 -34.63 4.77
C ASP E 140 -23.75 -34.56 3.30
N ASP E 141 -24.98 -34.13 3.06
CA ASP E 141 -25.47 -33.93 1.70
C ASP E 141 -24.84 -32.70 1.06
N ARG E 142 -25.07 -32.52 -0.23
CA ARG E 142 -24.74 -31.26 -0.90
C ARG E 142 -25.77 -30.94 -1.95
N HIS E 143 -26.14 -29.68 -2.02
CA HIS E 143 -27.04 -29.23 -3.04
C HIS E 143 -26.54 -27.88 -3.48
N LEU E 144 -26.55 -27.65 -4.77
CA LEU E 144 -26.09 -26.37 -5.30
C LEU E 144 -26.86 -26.05 -6.56
N ARG E 145 -27.35 -24.83 -6.62
CA ARG E 145 -28.01 -24.32 -7.80
C ARG E 145 -27.38 -22.98 -8.16
N GLY E 146 -27.33 -22.69 -9.45
CA GLY E 146 -26.77 -21.45 -9.91
C GLY E 146 -26.55 -21.55 -11.38
N CYS E 147 -25.53 -20.86 -11.86
CA CYS E 147 -25.19 -20.74 -13.28
C CYS E 147 -23.92 -21.48 -13.60
N GLY E 148 -23.83 -21.95 -14.83
CA GLY E 148 -22.62 -22.57 -15.33
C GLY E 148 -22.68 -23.04 -16.77
N TYR E 149 -21.50 -23.24 -17.33
CA TYR E 149 -21.35 -23.80 -18.66
C TYR E 149 -20.55 -25.09 -18.53
N LEU E 150 -21.14 -26.17 -19.03
CA LEU E 150 -20.46 -27.45 -19.00
C LEU E 150 -20.64 -28.17 -20.34
N PRO E 151 -19.66 -28.97 -20.75
CA PRO E 151 -19.80 -29.76 -21.96
C PRO E 151 -21.01 -30.65 -21.84
N GLY E 152 -21.67 -30.91 -22.97
CA GLY E 152 -22.83 -31.80 -23.02
C GLY E 152 -24.04 -31.29 -22.27
N CYS E 153 -24.15 -29.97 -22.17
CA CYS E 153 -25.35 -29.36 -21.65
C CYS E 153 -26.15 -28.88 -22.84
N PRO E 154 -27.47 -28.78 -22.69
CA PRO E 154 -28.17 -29.07 -21.45
C PRO E 154 -28.49 -30.55 -21.36
N GLY E 155 -28.82 -31.02 -20.16
CA GLY E 155 -29.24 -32.40 -19.97
C GLY E 155 -29.21 -32.82 -18.52
N SER E 156 -29.52 -34.09 -18.30
CA SER E 156 -29.47 -34.64 -16.96
C SER E 156 -28.37 -35.67 -16.91
N ASN E 157 -27.58 -35.61 -15.84
CA ASN E 157 -26.48 -36.54 -15.66
C ASN E 157 -26.53 -37.03 -14.24
N GLY E 158 -26.16 -38.29 -14.02
CA GLY E 158 -26.17 -38.86 -12.69
C GLY E 158 -25.66 -40.27 -12.51
N PHE E 159 -25.38 -40.62 -11.25
CA PHE E 159 -25.03 -41.98 -10.88
C PHE E 159 -25.75 -42.33 -9.57
N HIS E 160 -26.20 -43.59 -9.46
CA HIS E 160 -26.58 -44.11 -8.17
C HIS E 160 -26.23 -45.57 -8.03
N ASN E 161 -25.75 -45.93 -6.84
CA ASN E 161 -25.70 -47.32 -6.41
C ASN E 161 -26.50 -47.43 -5.13
N ASN E 162 -26.24 -48.44 -4.30
CA ASN E 162 -27.01 -48.63 -3.06
C ASN E 162 -26.61 -47.66 -1.94
N ASP E 163 -25.47 -47.00 -2.11
CA ASP E 163 -24.92 -46.15 -1.06
C ASP E 163 -24.88 -44.65 -1.42
N THR E 164 -24.77 -44.32 -2.71
CA THR E 164 -24.53 -42.96 -3.16
C THR E 164 -25.50 -42.52 -4.26
N PHE E 165 -25.71 -41.21 -4.36
CA PHE E 165 -26.48 -40.63 -5.44
C PHE E 165 -25.86 -39.28 -5.86
N HIS E 166 -25.42 -39.21 -7.11
CA HIS E 166 -24.89 -37.97 -7.68
C HIS E 166 -25.75 -37.59 -8.87
N PHE E 167 -25.93 -36.30 -9.06
CA PHE E 167 -26.80 -35.79 -10.11
C PHE E 167 -26.45 -34.37 -10.50
N LEU E 168 -26.53 -34.12 -11.81
CA LEU E 168 -26.28 -32.81 -12.34
C LEU E 168 -27.21 -32.58 -13.51
N LYS E 169 -28.13 -31.64 -13.34
CA LYS E 169 -28.93 -31.17 -14.46
C LYS E 169 -28.42 -29.78 -14.88
N CYS E 170 -28.37 -29.53 -16.18
CA CYS E 170 -28.19 -28.18 -16.65
C CYS E 170 -29.23 -27.95 -17.72
N CYS E 171 -29.81 -26.76 -17.72
CA CYS E 171 -30.92 -26.47 -18.59
C CYS E 171 -30.79 -25.02 -19.02
N ASN E 172 -31.46 -24.67 -20.11
CA ASN E 172 -31.39 -23.30 -20.62
C ASN E 172 -32.72 -22.55 -20.68
N THR E 173 -33.57 -22.78 -19.69
CA THR E 173 -34.83 -22.03 -19.58
C THR E 173 -34.86 -21.26 -18.29
N THR E 174 -35.47 -20.08 -18.33
CA THR E 174 -35.69 -19.25 -17.13
C THR E 174 -36.12 -20.05 -15.91
N LYS E 175 -35.32 -19.95 -14.85
CA LYS E 175 -35.63 -20.54 -13.53
C LYS E 175 -35.94 -22.04 -13.55
N CYS E 176 -35.60 -22.71 -14.64
CA CYS E 176 -36.01 -24.11 -14.82
C CYS E 176 -35.35 -25.01 -13.77
N ASN E 177 -34.35 -24.49 -13.06
CA ASN E 177 -33.79 -25.22 -11.92
C ASN E 177 -34.56 -24.90 -10.62
N GLU E 178 -35.81 -24.47 -10.79
CA GLU E 178 -36.73 -24.37 -9.67
C GLU E 178 -37.31 -25.75 -9.36
N GLY E 179 -37.66 -25.95 -8.10
CA GLY E 179 -38.27 -27.20 -7.67
C GLY E 179 -37.86 -27.62 -6.29
N PRO E 180 -38.53 -28.63 -5.74
CA PRO E 180 -38.05 -29.23 -4.51
C PRO E 180 -36.69 -29.85 -4.79
N ILE E 181 -36.00 -30.29 -3.74
CA ILE E 181 -34.75 -31.01 -3.94
C ILE E 181 -35.04 -32.34 -4.64
N LEU E 182 -34.24 -32.66 -5.65
CA LEU E 182 -34.37 -33.94 -6.34
C LEU E 182 -33.87 -35.06 -5.45
N GLU E 183 -34.75 -36.01 -5.17
CA GLU E 183 -34.37 -37.21 -4.41
C GLU E 183 -34.37 -38.37 -5.40
N LEU E 184 -33.43 -39.30 -5.20
CA LEU E 184 -33.37 -40.56 -5.96
C LEU E 184 -34.70 -41.26 -5.85
N GLU E 185 -35.14 -41.44 -4.62
CA GLU E 185 -36.37 -42.17 -4.28
C GLU E 185 -37.64 -41.61 -4.93
N ASN E 186 -37.55 -40.41 -5.53
CA ASN E 186 -38.66 -39.82 -6.31
C ASN E 186 -38.60 -40.12 -7.81
N LEU E 187 -37.70 -41.00 -8.22
CA LEU E 187 -37.53 -41.27 -9.64
C LEU E 187 -38.08 -42.63 -10.03
N PRO E 188 -38.76 -42.72 -11.17
CA PRO E 188 -39.27 -44.00 -11.64
C PRO E 188 -38.12 -44.94 -12.00
N GLN E 189 -38.36 -46.24 -11.84
CA GLN E 189 -37.49 -47.24 -12.41
C GLN E 189 -37.60 -47.08 -13.91
N ASN E 190 -36.48 -47.25 -14.61
CA ASN E 190 -36.44 -47.14 -16.08
C ASN E 190 -36.35 -48.51 -16.77
N GLY E 191 -36.41 -49.57 -15.97
CA GLY E 191 -36.32 -50.94 -16.48
C GLY E 191 -34.91 -51.50 -16.69
N ARG E 192 -33.88 -50.78 -16.25
CA ARG E 192 -32.51 -51.28 -16.35
C ARG E 192 -32.07 -51.80 -14.99
N GLN E 193 -31.30 -52.88 -15.00
CA GLN E 193 -30.71 -53.43 -13.79
C GLN E 193 -29.19 -53.51 -13.90
N CYS E 194 -28.51 -52.87 -12.95
CA CYS E 194 -27.04 -52.88 -12.87
C CYS E 194 -26.55 -53.38 -11.54
N TYR E 195 -25.30 -53.82 -11.52
CA TYR E 195 -24.66 -54.23 -10.28
C TYR E 195 -24.18 -53.01 -9.51
N SER E 196 -24.22 -53.15 -8.19
CA SER E 196 -23.94 -52.08 -7.28
C SER E 196 -22.90 -52.55 -6.28
N CYS E 197 -21.93 -51.69 -6.02
CA CYS E 197 -20.98 -51.90 -4.94
C CYS E 197 -20.12 -50.65 -4.75
N LYS E 198 -19.44 -50.59 -3.62
CA LYS E 198 -18.53 -49.50 -3.28
C LYS E 198 -17.46 -50.06 -2.35
N GLY E 199 -16.19 -49.91 -2.73
CA GLY E 199 -15.09 -50.28 -1.84
C GLY E 199 -13.90 -50.89 -2.55
N GLN E 200 -13.12 -51.68 -1.82
CA GLN E 200 -12.01 -52.49 -2.37
C GLN E 200 -12.53 -53.73 -3.10
N SER E 201 -11.77 -54.21 -4.08
CA SER E 201 -12.05 -55.46 -4.79
C SER E 201 -12.19 -56.70 -3.86
N THR E 202 -11.61 -56.64 -2.67
CA THR E 202 -11.76 -57.70 -1.68
C THR E 202 -12.66 -57.31 -0.49
N HIS E 203 -13.03 -56.03 -0.42
CA HIS E 203 -13.84 -55.49 0.69
C HIS E 203 -14.83 -54.41 0.23
N GLY E 204 -16.08 -54.80 -0.03
CA GLY E 204 -17.09 -53.85 -0.48
C GLY E 204 -17.49 -54.12 -1.91
N CYS E 205 -16.50 -54.15 -2.81
CA CYS E 205 -16.72 -54.52 -4.19
C CYS E 205 -16.28 -55.95 -4.53
N SER E 206 -16.19 -56.80 -3.52
CA SER E 206 -15.95 -58.24 -3.73
C SER E 206 -17.14 -58.90 -4.43
N SER E 207 -16.90 -60.06 -5.03
CA SER E 207 -17.90 -60.72 -5.87
C SER E 207 -19.23 -61.03 -5.18
N GLU E 208 -19.18 -61.49 -3.93
CA GLU E 208 -20.42 -61.76 -3.19
C GLU E 208 -20.94 -60.54 -2.44
N GLU E 209 -20.33 -59.38 -2.67
CA GLU E 209 -20.76 -58.15 -2.01
C GLU E 209 -21.41 -57.25 -3.04
N THR E 210 -21.26 -57.63 -4.29
CA THR E 210 -21.87 -56.95 -5.42
C THR E 210 -23.25 -57.56 -5.68
N PHE E 211 -24.27 -56.72 -5.86
CA PHE E 211 -25.62 -57.21 -6.17
C PHE E 211 -26.35 -56.26 -7.12
N LEU E 212 -27.36 -56.81 -7.81
CA LEU E 212 -28.20 -56.06 -8.74
C LEU E 212 -29.16 -55.07 -8.06
N ILE E 213 -29.38 -53.93 -8.71
CA ILE E 213 -30.32 -52.90 -8.24
C ILE E 213 -31.08 -52.40 -9.46
N ASP E 214 -32.26 -51.84 -9.24
CA ASP E 214 -33.01 -51.25 -10.33
C ASP E 214 -32.63 -49.78 -10.50
N CYS E 215 -32.16 -49.46 -11.70
CA CYS E 215 -31.81 -48.09 -12.09
C CYS E 215 -33.02 -47.16 -12.26
N ARG E 216 -32.88 -45.94 -11.77
CA ARG E 216 -33.99 -45.00 -11.78
C ARG E 216 -33.76 -43.85 -12.76
N GLY E 217 -34.86 -43.24 -13.23
CA GLY E 217 -34.79 -42.00 -13.99
C GLY E 217 -33.96 -42.11 -15.25
N PRO E 218 -33.12 -41.11 -15.53
CA PRO E 218 -32.28 -41.12 -16.73
C PRO E 218 -31.06 -42.05 -16.69
N MET E 219 -30.75 -42.57 -15.52
CA MET E 219 -29.54 -43.37 -15.33
C MET E 219 -29.76 -44.78 -15.83
N ASN E 220 -29.76 -44.94 -17.15
CA ASN E 220 -30.13 -46.26 -17.75
C ASN E 220 -28.96 -47.03 -18.33
N GLN E 221 -27.75 -46.72 -17.87
CA GLN E 221 -26.59 -47.49 -18.26
C GLN E 221 -25.90 -48.04 -17.00
N CYS E 222 -24.97 -48.96 -17.20
CA CYS E 222 -24.26 -49.54 -16.07
C CYS E 222 -22.83 -49.04 -16.04
N LEU E 223 -22.42 -48.55 -14.87
CA LEU E 223 -21.09 -47.98 -14.70
C LEU E 223 -20.22 -48.77 -13.73
N VAL E 224 -18.96 -48.93 -14.10
CA VAL E 224 -17.92 -49.27 -13.14
C VAL E 224 -16.88 -48.17 -13.20
N ALA E 225 -16.40 -47.76 -12.03
CA ALA E 225 -15.33 -46.77 -11.97
C ALA E 225 -14.19 -47.21 -11.06
N THR E 226 -12.97 -47.02 -11.52
CA THR E 226 -11.77 -47.35 -10.76
C THR E 226 -10.89 -46.14 -10.51
N GLY E 227 -10.15 -46.18 -9.40
CA GLY E 227 -9.23 -45.11 -9.05
C GLY E 227 -8.62 -45.33 -7.69
N THR E 228 -8.14 -44.25 -7.08
CA THR E 228 -7.41 -44.35 -5.82
C THR E 228 -7.89 -43.36 -4.74
N HIS E 229 -7.52 -43.69 -3.49
CA HIS E 229 -7.90 -42.93 -2.31
C HIS E 229 -6.67 -42.58 -1.48
N GLU E 230 -6.90 -41.99 -0.31
CA GLU E 230 -5.89 -41.88 0.75
C GLU E 230 -6.02 -43.13 1.62
N PRO E 231 -4.99 -43.48 2.41
CA PRO E 231 -3.77 -42.69 2.60
C PRO E 231 -2.57 -43.19 1.78
N LYS E 232 -2.85 -43.90 0.68
CA LYS E 232 -1.81 -44.44 -0.19
C LYS E 232 -2.32 -44.43 -1.64
N ASN E 233 -1.90 -45.45 -2.39
CA ASN E 233 -2.46 -45.69 -3.70
C ASN E 233 -3.45 -46.84 -3.52
N GLN E 234 -4.29 -46.71 -2.49
CA GLN E 234 -5.32 -47.72 -2.21
C GLN E 234 -6.39 -47.69 -3.29
N SER E 235 -6.38 -48.75 -4.11
CA SER E 235 -7.31 -48.89 -5.22
C SER E 235 -8.74 -48.86 -4.72
N TYR E 236 -9.62 -48.25 -5.50
CA TYR E 236 -11.00 -48.09 -5.09
C TYR E 236 -11.87 -48.37 -6.27
N MET E 237 -13.08 -48.82 -6.00
CA MET E 237 -14.00 -49.19 -7.05
C MET E 237 -15.41 -48.86 -6.67
N VAL E 238 -16.19 -48.45 -7.68
CA VAL E 238 -17.59 -48.12 -7.51
C VAL E 238 -18.34 -48.73 -8.70
N ARG E 239 -19.48 -49.35 -8.41
CA ARG E 239 -20.37 -49.89 -9.45
C ARG E 239 -21.79 -49.39 -9.23
N GLY E 240 -22.48 -48.96 -10.29
CA GLY E 240 -23.88 -48.51 -10.17
C GLY E 240 -24.54 -48.14 -11.49
N CYS E 241 -25.74 -47.56 -11.40
CA CYS E 241 -26.43 -46.98 -12.56
C CYS E 241 -25.92 -45.59 -12.85
N ALA E 242 -26.00 -45.17 -14.12
CA ALA E 242 -25.43 -43.91 -14.58
C ALA E 242 -26.04 -43.49 -15.89
N THR E 243 -26.00 -42.18 -16.16
CA THR E 243 -26.13 -41.70 -17.52
C THR E 243 -24.81 -42.03 -18.21
N ALA E 244 -24.86 -42.37 -19.49
CA ALA E 244 -23.67 -42.57 -20.34
C ALA E 244 -22.66 -41.45 -20.08
N SER E 245 -23.17 -40.22 -19.93
CA SER E 245 -22.34 -39.07 -19.75
C SER E 245 -21.33 -39.19 -18.60
N MET E 246 -21.67 -39.97 -17.56
CA MET E 246 -20.81 -40.10 -16.39
C MET E 246 -19.45 -40.63 -16.82
N CYS E 247 -19.43 -41.27 -18.00
CA CYS E 247 -18.21 -41.84 -18.56
C CYS E 247 -17.52 -40.96 -19.60
N GLN E 248 -18.09 -39.79 -19.85
CA GLN E 248 -17.69 -39.00 -21.01
C GLN E 248 -17.09 -37.65 -20.68
N HIS E 249 -17.37 -37.12 -19.48
CA HIS E 249 -16.94 -35.77 -19.07
C HIS E 249 -16.33 -35.80 -17.68
N ALA E 250 -15.01 -35.72 -17.59
CA ALA E 250 -14.30 -35.73 -16.29
C ALA E 250 -14.91 -34.88 -15.18
N HIS E 251 -15.66 -33.83 -15.52
CA HIS E 251 -16.28 -33.00 -14.49
C HIS E 251 -17.39 -33.76 -13.78
N LEU E 252 -18.01 -34.68 -14.51
CA LEU E 252 -19.00 -35.57 -13.97
C LEU E 252 -18.28 -36.68 -13.22
N GLY E 253 -17.14 -37.11 -13.76
CA GLY E 253 -16.33 -38.10 -13.08
C GLY E 253 -15.82 -37.59 -11.75
N ASP E 254 -15.65 -36.27 -11.64
CA ASP E 254 -15.15 -35.63 -10.42
C ASP E 254 -16.08 -35.82 -9.21
N ALA E 255 -17.36 -36.11 -9.46
CA ALA E 255 -18.29 -36.45 -8.39
C ALA E 255 -17.75 -37.61 -7.55
N PHE E 256 -17.20 -38.64 -8.19
CA PHE E 256 -16.56 -39.74 -7.47
C PHE E 256 -15.28 -39.26 -6.82
N SER E 257 -15.13 -39.55 -5.53
CA SER E 257 -13.97 -39.09 -4.77
C SER E 257 -12.78 -40.03 -5.05
N MET E 258 -12.18 -39.88 -6.23
CA MET E 258 -11.18 -40.84 -6.72
C MET E 258 -10.12 -40.14 -7.57
N ASN E 259 -8.85 -40.44 -7.30
CA ASN E 259 -7.74 -39.81 -8.03
C ASN E 259 -7.63 -40.28 -9.48
N HIS E 260 -6.70 -41.18 -9.78
CA HIS E 260 -6.49 -41.64 -11.15
C HIS E 260 -7.73 -42.40 -11.61
N ILE E 261 -8.77 -41.65 -11.99
CA ILE E 261 -10.08 -42.25 -12.25
C ILE E 261 -10.20 -42.88 -13.64
N ASP E 262 -10.74 -44.09 -13.69
CA ASP E 262 -11.06 -44.74 -14.94
C ASP E 262 -12.53 -45.19 -14.91
N VAL E 263 -13.34 -44.58 -15.78
CA VAL E 263 -14.79 -44.83 -15.83
C VAL E 263 -15.26 -45.54 -17.11
N SER E 264 -16.08 -46.57 -16.95
CA SER E 264 -16.65 -47.34 -18.07
C SER E 264 -18.16 -47.43 -17.96
N CYS E 265 -18.86 -47.22 -19.06
CA CYS E 265 -20.31 -47.41 -19.14
C CYS E 265 -20.68 -48.42 -20.23
N CYS E 266 -21.77 -49.16 -20.00
CA CYS E 266 -22.20 -50.16 -20.95
C CYS E 266 -23.72 -50.32 -20.90
N THR E 267 -24.31 -50.72 -22.03
CA THR E 267 -25.74 -50.51 -22.28
C THR E 267 -26.71 -51.54 -21.73
N LYS E 268 -26.30 -52.79 -21.70
CA LYS E 268 -27.23 -53.89 -21.40
C LYS E 268 -27.29 -54.20 -19.90
N SER E 269 -28.48 -54.50 -19.37
CA SER E 269 -28.64 -54.85 -17.95
C SER E 269 -27.65 -55.91 -17.52
N GLY E 270 -27.10 -55.72 -16.32
CA GLY E 270 -26.14 -56.66 -15.74
C GLY E 270 -24.76 -56.55 -16.35
N CYS E 271 -24.59 -55.69 -17.35
CA CYS E 271 -23.35 -55.64 -18.13
C CYS E 271 -22.13 -55.15 -17.36
N ASN E 272 -22.33 -54.64 -16.15
CA ASN E 272 -21.21 -54.25 -15.28
C ASN E 272 -20.91 -55.32 -14.25
N HIS E 273 -21.27 -56.55 -14.58
CA HIS E 273 -20.93 -57.72 -13.79
C HIS E 273 -19.41 -57.72 -13.67
N PRO E 274 -18.88 -58.05 -12.48
CA PRO E 274 -17.43 -58.10 -12.27
C PRO E 274 -16.71 -58.97 -13.28
N ASP E 275 -17.28 -60.14 -13.59
CA ASP E 275 -16.67 -61.10 -14.49
C ASP E 275 -16.65 -60.66 -15.95
N LEU E 276 -17.38 -59.59 -16.26
CA LEU E 276 -17.37 -59.06 -17.62
C LEU E 276 -16.39 -57.89 -17.78
N ASP E 277 -15.72 -57.53 -16.70
CA ASP E 277 -14.74 -56.46 -16.71
C ASP E 277 -13.80 -56.45 -17.92
N VAL E 278 -13.67 -55.26 -18.52
CA VAL E 278 -12.74 -55.02 -19.63
C VAL E 278 -11.76 -53.90 -19.27
N LYS F 1 -3.87 -33.89 -8.17
CA LYS F 1 -4.93 -34.79 -7.64
C LYS F 1 -6.33 -34.28 -8.04
N SER F 2 -7.10 -33.74 -7.08
CA SER F 2 -8.44 -33.21 -7.37
C SER F 2 -8.38 -31.86 -8.10
N ASP F 3 -8.99 -31.82 -9.29
CA ASP F 3 -9.07 -30.60 -10.11
C ASP F 3 -9.78 -29.51 -9.29
N ALC F 4 -9.37 -28.27 -9.49
CA ALC F 4 -9.88 -27.14 -8.74
C ALC F 4 -11.25 -26.66 -9.16
O ALC F 4 -11.99 -26.08 -8.36
CB ALC F 4 -8.77 -26.08 -8.82
CG ALC F 4 -9.18 -24.67 -8.40
CD2 ALC F 4 -9.14 -24.59 -6.88
CE2 ALC F 4 -9.50 -23.18 -6.43
CZ ALC F 4 -8.46 -22.17 -6.94
CE1 ALC F 4 -8.31 -22.25 -8.46
CD1 ALC F 4 -8.20 -23.67 -9.02
N PHE F 5 -11.61 -26.84 -10.43
CA PHE F 5 -12.95 -26.53 -10.89
C PHE F 5 -13.93 -27.60 -10.34
N DSN F 6 -13.64 -28.87 -10.62
CA DSN F 6 -14.45 -29.99 -10.13
C DSN F 6 -14.92 -29.83 -8.72
O DSN F 6 -16.10 -30.07 -8.39
CB DSN F 6 -15.59 -30.33 -11.09
OG DSN F 6 -15.09 -30.51 -12.41
N DLY F 7 -13.98 -29.40 -7.88
CA DLY F 7 -14.17 -29.23 -6.44
C DLY F 7 -15.31 -28.30 -6.11
O DLY F 7 -16.12 -28.60 -5.22
CB DLY F 7 -14.34 -30.60 -5.76
CG DLY F 7 -13.05 -31.42 -5.84
CD DLY F 7 -13.16 -32.80 -5.18
CE DLY F 7 -13.67 -33.85 -6.18
NZ DLY F 7 -13.01 -35.13 -5.99
N TYR F 8 -15.37 -27.16 -6.81
CA TYR F 8 -16.45 -26.20 -6.59
C TYR F 8 -17.78 -26.83 -7.02
N LEU F 9 -17.74 -27.53 -8.14
CA LEU F 9 -18.92 -28.24 -8.62
C LEU F 9 -19.44 -29.31 -7.66
N TRP F 10 -18.57 -30.01 -6.94
CA TRP F 10 -19.06 -31.11 -6.09
C TRP F 10 -18.88 -30.96 -4.58
N SER F 11 -18.24 -29.87 -4.15
CA SER F 11 -17.92 -29.70 -2.72
C SER F 11 -18.20 -28.31 -2.21
N SER F 12 -18.07 -27.32 -3.08
CA SER F 12 -18.12 -25.93 -2.63
C SER F 12 -19.47 -25.44 -2.12
N LYS F 13 -19.49 -25.16 -0.82
CA LYS F 13 -20.52 -24.38 -0.18
C LYS F 13 -20.06 -22.91 -0.24
N LEU G 1 -12.53 -32.90 1.78
CA LEU G 1 -12.54 -31.51 2.31
C LEU G 1 -11.28 -30.79 1.88
N ARG G 2 -11.45 -29.59 1.36
CA ARG G 2 -10.31 -28.74 1.07
C ARG G 2 -10.32 -27.50 1.94
N CYS G 3 -9.13 -27.11 2.38
CA CYS G 3 -8.93 -25.95 3.25
C CYS G 3 -7.87 -25.14 2.59
N MET G 4 -7.79 -23.85 2.91
CA MET G 4 -6.59 -23.09 2.59
C MET G 4 -5.51 -23.56 3.54
N GLN G 5 -4.31 -23.78 3.03
CA GLN G 5 -3.13 -24.00 3.86
C GLN G 5 -2.16 -22.84 3.63
N CYS G 6 -2.01 -21.95 4.61
CA CYS G 6 -1.17 -20.75 4.50
C CYS G 6 -0.06 -20.75 5.53
N LYS G 7 1.14 -20.40 5.10
CA LYS G 7 2.17 -20.12 6.07
C LYS G 7 2.12 -18.67 6.46
N THR G 8 3.01 -18.29 7.35
CA THR G 8 2.95 -17.01 8.05
C THR G 8 3.23 -15.77 7.19
N ASN G 9 3.82 -15.99 6.02
CA ASN G 9 4.11 -14.95 5.06
C ASN G 9 3.02 -14.81 4.01
N GLY G 10 1.84 -15.35 4.30
CA GLY G 10 0.72 -15.32 3.36
C GLY G 10 0.84 -16.13 2.07
N ASP G 11 1.75 -17.10 2.06
CA ASP G 11 1.94 -18.04 0.96
C ASP G 11 0.95 -19.18 1.11
N CYS G 12 0.04 -19.30 0.15
CA CYS G 12 -1.12 -20.20 0.34
C CYS G 12 -1.36 -21.25 -0.74
N ARG G 13 -2.01 -22.34 -0.35
CA ARG G 13 -2.53 -23.34 -1.31
C ARG G 13 -3.85 -23.98 -0.84
N VAL G 14 -4.59 -24.50 -1.82
CA VAL G 14 -5.76 -25.30 -1.57
C VAL G 14 -5.19 -26.65 -1.22
N GLU G 15 -5.62 -27.17 -0.07
CA GLU G 15 -5.14 -28.43 0.45
C GLU G 15 -6.29 -29.43 0.45
N GLU G 16 -6.02 -30.65 -0.04
CA GLU G 16 -6.92 -31.77 0.11
C GLU G 16 -6.60 -32.34 1.48
N CYS G 17 -7.57 -32.25 2.40
CA CYS G 17 -7.38 -32.81 3.73
C CYS G 17 -7.24 -34.30 3.65
N ALA G 18 -6.32 -34.84 4.44
CA ALA G 18 -6.16 -36.26 4.60
C ALA G 18 -7.29 -36.86 5.46
N LEU G 19 -7.43 -38.19 5.41
CA LEU G 19 -8.41 -38.92 6.23
C LEU G 19 -8.25 -38.52 7.70
N GLY G 20 -9.37 -38.37 8.41
CA GLY G 20 -9.37 -38.06 9.84
C GLY G 20 -9.12 -36.60 10.13
N GLN G 21 -8.95 -35.85 9.05
CA GLN G 21 -8.58 -34.45 9.13
C GLN G 21 -9.72 -33.68 8.47
N ASP G 22 -10.84 -33.55 9.19
CA ASP G 22 -12.05 -32.97 8.62
C ASP G 22 -12.48 -31.57 9.14
N LEU G 23 -11.49 -30.78 9.52
CA LEU G 23 -11.70 -29.38 9.87
C LEU G 23 -10.67 -28.49 9.16
N CYS G 24 -11.03 -27.24 8.92
CA CYS G 24 -10.06 -26.19 8.59
C CYS G 24 -9.85 -25.41 9.85
N ARG G 25 -8.77 -24.64 9.88
CA ARG G 25 -8.33 -23.96 11.07
C ARG G 25 -7.55 -22.69 10.69
N THR G 26 -7.78 -21.63 11.43
CA THR G 26 -7.04 -20.39 11.27
C THR G 26 -6.49 -20.12 12.63
N THR G 27 -5.20 -19.85 12.67
CA THR G 27 -4.50 -19.56 13.89
C THR G 27 -3.85 -18.23 13.68
N ILE G 28 -4.21 -17.30 14.54
CA ILE G 28 -3.72 -15.92 14.45
C ILE G 28 -3.09 -15.58 15.79
N VAL G 29 -1.79 -15.32 15.81
CA VAL G 29 -1.18 -14.76 17.00
C VAL G 29 -0.87 -13.29 16.81
N ARG G 30 -1.36 -12.47 17.74
CA ARG G 30 -1.17 -11.02 17.65
C ARG G 30 -0.26 -10.56 18.77
N LEU G 31 0.91 -10.08 18.42
CA LEU G 31 1.84 -9.58 19.42
C LEU G 31 2.47 -8.25 19.08
N TRP G 32 3.20 -7.72 20.06
CA TRP G 32 3.83 -6.40 19.98
C TRP G 32 5.34 -6.54 20.00
N GLU G 33 5.98 -5.96 18.99
CA GLU G 33 7.44 -5.84 18.99
C GLU G 33 7.82 -4.38 18.82
N GLU G 34 8.67 -3.91 19.74
CA GLU G 34 8.96 -2.49 19.93
C GLU G 34 7.66 -1.81 20.30
N GLY G 35 7.11 -1.03 19.37
CA GLY G 35 5.82 -0.39 19.55
C GLY G 35 4.72 -1.00 18.70
N GLU G 36 5.06 -1.39 17.47
CA GLU G 36 4.06 -1.85 16.53
C GLU G 36 3.48 -3.21 16.86
N GLU G 37 2.34 -3.50 16.23
CA GLU G 37 1.65 -4.75 16.40
C GLU G 37 2.00 -5.70 15.26
N LEU G 38 2.45 -6.90 15.64
CA LEU G 38 2.72 -7.96 14.68
C LEU G 38 1.49 -8.82 14.56
N GLU G 39 1.34 -9.45 13.41
CA GLU G 39 0.25 -10.41 13.18
C GLU G 39 0.89 -11.60 12.48
N LEU G 40 0.70 -12.79 13.02
CA LEU G 40 1.07 -14.02 12.34
C LEU G 40 -0.23 -14.81 12.13
N VAL G 41 -0.51 -15.17 10.88
CA VAL G 41 -1.68 -16.01 10.57
C VAL G 41 -1.24 -17.28 9.86
N GLU G 42 -1.62 -18.44 10.42
CA GLU G 42 -1.36 -19.75 9.78
C GLU G 42 -2.73 -20.46 9.56
N LYS G 43 -2.91 -21.07 8.39
CA LYS G 43 -4.13 -21.79 8.08
C LYS G 43 -3.80 -23.19 7.59
N SER G 44 -4.66 -24.17 7.88
CA SER G 44 -4.46 -25.52 7.32
C SER G 44 -5.65 -26.43 7.64
N CYS G 45 -5.67 -27.61 7.00
CA CYS G 45 -6.50 -28.73 7.46
C CYS G 45 -5.99 -29.16 8.83
N THR G 46 -6.86 -29.72 9.67
CA THR G 46 -6.48 -30.13 11.02
C THR G 46 -7.38 -31.25 11.48
N HIS G 47 -7.00 -31.93 12.57
CA HIS G 47 -7.74 -33.10 13.03
C HIS G 47 -9.19 -32.78 13.41
N SER G 48 -10.07 -33.75 13.24
CA SER G 48 -11.51 -33.58 13.46
C SER G 48 -11.89 -33.26 14.90
N GLU G 49 -11.00 -33.58 15.84
CA GLU G 49 -11.30 -33.35 17.25
C GLU G 49 -10.85 -31.98 17.75
N LYS G 50 -10.05 -31.27 16.96
CA LYS G 50 -9.66 -29.90 17.35
C LYS G 50 -10.90 -28.99 17.44
N THR G 51 -10.75 -27.83 18.08
CA THR G 51 -11.87 -26.93 18.34
C THR G 51 -11.33 -25.54 18.47
N ASN G 52 -12.25 -24.57 18.56
CA ASN G 52 -11.92 -23.19 18.90
C ASN G 52 -11.20 -23.21 20.24
N ARG G 53 -10.23 -22.32 20.36
CA ARG G 53 -9.46 -22.19 21.58
C ARG G 53 -8.77 -20.86 21.47
N THR G 54 -8.44 -20.27 22.61
CA THR G 54 -7.98 -18.88 22.63
C THR G 54 -7.23 -18.47 23.90
N LEU G 55 -6.33 -17.48 23.77
CA LEU G 55 -5.47 -17.04 24.90
C LEU G 55 -5.17 -15.57 24.77
N SER G 56 -5.45 -14.81 25.82
CA SER G 56 -5.12 -13.37 25.85
C SER G 56 -4.47 -12.95 27.14
N TYR G 57 -3.51 -12.04 27.06
CA TYR G 57 -2.96 -11.39 28.24
C TYR G 57 -2.37 -10.01 27.95
N ARG G 58 -2.17 -9.18 28.97
CA ARG G 58 -1.66 -7.85 28.67
C ARG G 58 -0.16 -7.72 28.67
N THR G 59 0.33 -6.81 27.84
CA THR G 59 1.75 -6.66 27.65
C THR G 59 2.15 -5.20 27.74
N GLY G 60 1.22 -4.29 27.44
CA GLY G 60 1.46 -2.86 27.64
C GLY G 60 0.20 -2.01 27.70
N LEU G 61 -0.96 -2.65 27.85
CA LEU G 61 -2.29 -2.07 27.54
C LEU G 61 -2.57 -2.33 26.06
N LYS G 62 -1.48 -2.73 25.44
CA LYS G 62 -1.47 -3.48 24.25
C LYS G 62 -1.66 -4.90 24.80
N ILE G 63 -2.37 -5.75 24.04
CA ILE G 63 -2.76 -7.07 24.49
C ILE G 63 -2.31 -8.11 23.48
N THR G 64 -1.55 -9.09 23.96
CA THR G 64 -1.11 -10.22 23.15
C THR G 64 -2.21 -11.27 23.09
N SER G 65 -2.42 -11.79 21.89
CA SER G 65 -3.56 -12.63 21.61
C SER G 65 -3.23 -13.85 20.77
N LEU G 66 -3.92 -14.94 21.06
CA LEU G 66 -3.92 -16.12 20.20
C LEU G 66 -5.33 -16.63 20.04
N THR G 67 -5.81 -16.60 18.80
CA THR G 67 -7.03 -17.31 18.42
C THR G 67 -6.74 -18.48 17.52
N GLU G 68 -7.54 -19.52 17.65
CA GLU G 68 -7.56 -20.60 16.69
C GLU G 68 -9.02 -20.91 16.44
N VAL G 69 -9.45 -20.71 15.20
CA VAL G 69 -10.84 -20.97 14.82
C VAL G 69 -10.87 -22.11 13.83
N VAL G 70 -11.99 -22.80 13.81
CA VAL G 70 -12.08 -24.12 13.29
C VAL G 70 -13.47 -24.21 12.65
N CYS G 71 -13.53 -24.81 11.46
CA CYS G 71 -14.79 -24.99 10.75
C CYS G 71 -14.71 -26.12 9.72
N GLY G 72 -15.85 -26.71 9.38
CA GLY G 72 -15.84 -27.85 8.49
C GLY G 72 -16.66 -27.75 7.22
N LEU G 73 -16.54 -26.63 6.52
CA LEU G 73 -17.13 -26.55 5.19
C LEU G 73 -16.07 -26.15 4.20
N ASP G 74 -16.30 -26.51 2.94
CA ASP G 74 -15.36 -26.26 1.87
C ASP G 74 -14.74 -24.86 1.93
N LEU G 75 -13.42 -24.84 2.08
CA LEU G 75 -12.64 -23.62 2.11
C LEU G 75 -13.19 -22.54 3.02
N CYS G 76 -13.79 -22.93 4.14
CA CYS G 76 -14.42 -22.01 5.09
C CYS G 76 -13.38 -21.15 5.79
N ASN G 77 -12.16 -21.30 5.30
CA ASN G 77 -10.91 -20.84 5.86
C ASN G 77 -10.42 -19.58 5.15
N GLN G 78 -11.14 -19.20 4.10
CA GLN G 78 -10.58 -18.26 3.18
C GLN G 78 -10.54 -16.85 3.77
N GLY G 79 -11.46 -16.58 4.68
CA GLY G 79 -11.49 -15.32 5.42
C GLY G 79 -10.23 -15.05 6.21
N TYR G 92 -15.99 -8.90 28.94
CA TYR G 92 -16.98 -9.75 29.61
C TYR G 92 -16.49 -10.10 31.00
N LEU G 93 -15.85 -11.27 31.15
CA LEU G 93 -15.27 -11.69 32.43
C LEU G 93 -14.04 -10.84 32.76
N GLU G 94 -14.00 -10.30 33.96
CA GLU G 94 -12.82 -9.60 34.44
C GLU G 94 -11.89 -10.66 35.03
N CYS G 95 -10.70 -10.80 34.45
CA CYS G 95 -9.71 -11.76 34.91
C CYS G 95 -8.42 -11.07 35.32
N ILE G 96 -7.61 -11.74 36.14
CA ILE G 96 -6.29 -11.23 36.46
C ILE G 96 -5.38 -11.54 35.28
N SER G 97 -4.52 -10.58 34.96
CA SER G 97 -3.59 -10.75 33.88
C SER G 97 -2.22 -10.26 34.29
N CYS G 98 -1.28 -11.21 34.36
CA CYS G 98 0.12 -10.95 34.61
C CYS G 98 0.92 -12.06 33.95
N GLY G 99 2.23 -11.89 33.86
CA GLY G 99 3.08 -12.93 33.30
C GLY G 99 3.84 -12.57 32.05
N SER G 100 3.54 -11.41 31.46
CA SER G 100 4.28 -10.94 30.32
C SER G 100 5.74 -10.67 30.73
N SER G 101 6.56 -10.26 29.76
CA SER G 101 7.98 -9.98 29.98
C SER G 101 8.20 -8.59 30.58
N ASP G 102 7.11 -7.96 31.04
CA ASP G 102 7.18 -6.62 31.63
C ASP G 102 6.50 -6.55 32.99
N MET G 103 5.59 -7.49 33.23
CA MET G 103 4.76 -7.47 34.42
C MET G 103 4.71 -8.91 34.92
N SER G 104 5.65 -9.24 35.81
CA SER G 104 5.72 -10.61 36.35
C SER G 104 4.52 -10.89 37.23
N CYS G 105 4.09 -12.14 37.26
CA CYS G 105 3.03 -12.57 38.16
C CYS G 105 3.45 -12.46 39.63
N GLU G 106 4.74 -12.30 39.87
CA GLU G 106 5.27 -12.02 41.22
C GLU G 106 4.87 -10.60 41.64
N ARG G 107 5.18 -9.62 40.79
CA ARG G 107 4.92 -8.22 41.11
C ARG G 107 3.55 -7.70 40.66
N GLY G 108 3.05 -8.16 39.51
CA GLY G 108 1.73 -7.77 39.03
C GLY G 108 0.64 -8.23 39.99
N ARG G 109 0.24 -9.50 39.83
CA ARG G 109 -0.77 -10.18 40.67
C ARG G 109 -2.22 -9.63 40.76
N HIS G 110 -2.38 -8.31 40.79
CA HIS G 110 -3.71 -7.73 41.01
C HIS G 110 -4.26 -6.96 39.81
N GLN G 111 -3.51 -6.98 38.72
CA GLN G 111 -3.92 -6.30 37.50
C GLN G 111 -4.91 -7.13 36.71
N SER G 112 -5.96 -6.48 36.23
CA SER G 112 -7.08 -7.17 35.62
C SER G 112 -7.24 -6.82 34.16
N LEU G 113 -7.68 -7.81 33.41
CA LEU G 113 -8.04 -7.62 32.02
C LEU G 113 -9.42 -8.18 31.84
N GLN G 114 -10.22 -7.49 31.04
CA GLN G 114 -11.55 -7.95 30.71
C GLN G 114 -11.50 -8.78 29.46
N CYS G 115 -11.99 -10.00 29.56
CA CYS G 115 -12.02 -10.90 28.40
C CYS G 115 -12.84 -10.35 27.25
N ARG G 116 -12.29 -10.49 26.05
CA ARG G 116 -12.90 -9.88 24.86
C ARG G 116 -13.97 -10.77 24.24
N SER G 117 -14.16 -11.95 24.82
CA SER G 117 -15.11 -12.92 24.29
C SER G 117 -15.99 -13.49 25.41
N PRO G 118 -17.25 -13.77 25.08
CA PRO G 118 -18.18 -14.42 26.03
C PRO G 118 -17.73 -15.80 26.52
N GLU G 119 -16.92 -16.49 25.72
CA GLU G 119 -16.56 -17.89 25.98
C GLU G 119 -15.39 -18.02 26.94
N GLU G 120 -14.67 -16.92 27.13
CA GLU G 120 -13.40 -16.97 27.84
C GLU G 120 -13.50 -17.05 29.34
N GLN G 121 -12.52 -17.73 29.92
CA GLN G 121 -12.41 -17.87 31.36
C GLN G 121 -11.07 -17.27 31.77
N CYS G 122 -10.80 -17.24 33.07
CA CYS G 122 -9.50 -16.81 33.57
C CYS G 122 -8.53 -17.98 33.52
N LEU G 123 -7.43 -17.81 32.80
CA LEU G 123 -6.41 -18.83 32.71
C LEU G 123 -5.33 -18.59 33.74
N ASP G 124 -4.69 -19.68 34.15
CA ASP G 124 -3.47 -19.66 34.92
C ASP G 124 -2.70 -20.86 34.41
N VAL G 125 -1.64 -20.61 33.65
CA VAL G 125 -0.80 -21.70 33.17
C VAL G 125 0.65 -21.54 33.66
N VAL G 126 1.19 -22.61 34.25
CA VAL G 126 2.49 -22.53 34.94
C VAL G 126 3.43 -23.67 34.61
N THR G 127 4.72 -23.34 34.56
CA THR G 127 5.78 -24.31 34.36
C THR G 127 6.92 -24.02 35.31
N HIS G 128 7.16 -24.95 36.21
CA HIS G 128 8.16 -24.81 37.25
C HIS G 128 9.16 -25.96 37.14
N TRP G 129 10.44 -25.60 37.14
CA TRP G 129 11.54 -26.58 37.14
C TRP G 129 12.11 -26.68 38.54
N ILE G 130 12.31 -27.90 39.03
CA ILE G 130 12.89 -28.08 40.36
C ILE G 130 14.33 -28.55 40.26
N GLN G 131 15.23 -27.79 40.86
CA GLN G 131 16.66 -28.11 40.87
C GLN G 131 17.31 -27.56 42.13
N GLU G 132 17.09 -26.27 42.37
CA GLU G 132 17.49 -25.53 43.58
C GLU G 132 17.99 -26.38 44.74
N LYS G 139 15.16 -16.37 34.38
CA LYS G 139 14.36 -17.41 35.02
C LYS G 139 13.47 -18.15 34.02
N ASP G 140 13.66 -19.46 33.93
CA ASP G 140 12.93 -20.30 32.98
C ASP G 140 11.54 -20.71 33.48
N ASP G 141 11.16 -20.22 34.66
CA ASP G 141 9.82 -20.49 35.17
C ASP G 141 8.82 -19.57 34.48
N ARG G 142 7.72 -20.15 34.01
CA ARG G 142 6.66 -19.36 33.45
C ARG G 142 5.49 -19.33 34.43
N HIS G 143 4.94 -18.15 34.63
CA HIS G 143 3.64 -18.00 35.29
C HIS G 143 2.82 -16.96 34.56
N LEU G 144 1.87 -17.42 33.77
CA LEU G 144 1.01 -16.56 33.00
C LEU G 144 -0.43 -16.71 33.44
N ARG G 145 -1.08 -15.57 33.62
CA ARG G 145 -2.52 -15.50 33.88
C ARG G 145 -3.12 -14.60 32.83
N GLY G 146 -4.32 -14.95 32.35
CA GLY G 146 -4.98 -14.13 31.35
C GLY G 146 -6.38 -14.60 31.08
N CYS G 147 -6.87 -14.33 29.87
CA CYS G 147 -8.14 -14.84 29.39
C CYS G 147 -7.90 -15.96 28.38
N GLY G 148 -8.84 -16.89 28.31
CA GLY G 148 -8.75 -17.91 27.30
C GLY G 148 -9.88 -18.90 27.31
N TYR G 149 -9.84 -19.76 26.29
CA TYR G 149 -10.76 -20.87 26.22
C TYR G 149 -10.03 -22.10 25.69
N LEU G 150 -10.09 -23.17 26.46
CA LEU G 150 -9.51 -24.44 26.07
C LEU G 150 -10.54 -25.53 26.33
N PRO G 151 -10.55 -26.61 25.55
CA PRO G 151 -11.55 -27.68 25.76
C PRO G 151 -11.38 -28.29 27.17
N GLY G 152 -12.51 -28.63 27.79
CA GLY G 152 -12.51 -29.14 29.15
C GLY G 152 -12.45 -28.11 30.27
N CYS G 153 -12.53 -26.82 29.94
CA CYS G 153 -12.67 -25.76 30.94
C CYS G 153 -14.13 -25.64 31.35
N PRO G 154 -14.43 -25.32 32.61
CA PRO G 154 -13.44 -25.09 33.68
C PRO G 154 -12.80 -26.38 34.19
N GLY G 155 -11.64 -26.25 34.82
CA GLY G 155 -10.97 -27.39 35.46
C GLY G 155 -9.51 -27.15 35.79
N SER G 156 -8.89 -28.12 36.41
CA SER G 156 -7.48 -28.06 36.72
C SER G 156 -6.72 -29.17 36.02
N ASN G 157 -5.57 -28.81 35.49
CA ASN G 157 -4.82 -29.71 34.66
C ASN G 157 -3.37 -29.64 35.06
N GLY G 158 -2.69 -30.79 35.05
CA GLY G 158 -1.29 -30.75 35.43
C GLY G 158 -0.54 -32.04 35.43
N PHE G 159 0.78 -31.91 35.43
CA PHE G 159 1.69 -33.03 35.54
C PHE G 159 2.77 -32.63 36.52
N HIS G 160 3.26 -33.57 37.31
CA HIS G 160 4.47 -33.32 38.06
C HIS G 160 5.28 -34.59 38.31
N ASN G 161 6.57 -34.50 38.07
CA ASN G 161 7.50 -35.51 38.52
C ASN G 161 8.53 -34.85 39.43
N ASN G 162 9.76 -35.29 39.35
CA ASN G 162 10.79 -34.71 40.17
C ASN G 162 11.53 -33.56 39.48
N ASP G 163 11.23 -33.35 38.20
CA ASP G 163 11.95 -32.39 37.37
C ASP G 163 11.07 -31.28 36.80
N THR G 164 9.81 -31.60 36.53
CA THR G 164 8.88 -30.66 35.90
C THR G 164 7.58 -30.54 36.66
N PHE G 165 7.06 -29.33 36.73
CA PHE G 165 5.69 -29.11 37.17
C PHE G 165 4.98 -28.25 36.12
N HIS G 166 4.02 -28.85 35.44
CA HIS G 166 3.19 -28.13 34.49
C HIS G 166 1.76 -28.04 35.04
N PHE G 167 1.11 -26.91 34.87
CA PHE G 167 -0.25 -26.73 35.40
C PHE G 167 -1.03 -25.75 34.53
N LEU G 168 -2.27 -26.09 34.23
CA LEU G 168 -3.15 -25.17 33.53
C LEU G 168 -4.52 -25.13 34.21
N LYS G 169 -4.95 -23.92 34.58
CA LYS G 169 -6.17 -23.73 35.35
C LYS G 169 -7.06 -22.66 34.68
N CYS G 170 -8.34 -22.99 34.52
CA CYS G 170 -9.34 -22.04 34.02
C CYS G 170 -10.64 -22.13 34.80
N CYS G 171 -11.26 -20.98 35.04
CA CYS G 171 -12.50 -20.98 35.79
C CYS G 171 -13.48 -19.88 35.38
N ASN G 172 -14.75 -20.18 35.62
CA ASN G 172 -15.92 -19.40 35.24
C ASN G 172 -16.09 -18.01 35.83
N THR G 173 -15.51 -17.75 37.00
CA THR G 173 -15.95 -16.59 37.82
C THR G 173 -14.97 -15.43 37.88
N THR G 174 -15.52 -14.26 38.23
CA THR G 174 -14.80 -13.00 38.29
C THR G 174 -13.48 -13.11 39.06
N LYS G 175 -12.37 -12.89 38.34
CA LYS G 175 -11.02 -12.81 38.89
C LYS G 175 -10.62 -14.06 39.66
N CYS G 176 -11.18 -15.19 39.24
CA CYS G 176 -10.97 -16.45 39.93
C CYS G 176 -9.50 -16.94 39.86
N ASN G 177 -8.74 -16.37 38.94
CA ASN G 177 -7.30 -16.64 38.80
C ASN G 177 -6.41 -15.69 39.60
N GLU G 178 -6.94 -15.09 40.67
CA GLU G 178 -6.14 -14.22 41.56
C GLU G 178 -5.62 -15.02 42.75
N GLY G 179 -4.56 -14.53 43.38
CA GLY G 179 -3.95 -15.22 44.50
C GLY G 179 -2.48 -15.46 44.29
N PRO G 180 -1.81 -16.09 45.26
CA PRO G 180 -0.37 -16.35 45.17
C PRO G 180 -0.04 -17.28 44.01
N ILE G 181 1.23 -17.41 43.66
CA ILE G 181 1.61 -18.31 42.58
C ILE G 181 1.38 -19.75 43.00
N LEU G 182 0.85 -20.55 42.08
CA LEU G 182 0.72 -21.96 42.32
C LEU G 182 2.11 -22.53 42.52
N GLU G 183 2.33 -23.14 43.69
CA GLU G 183 3.56 -23.89 43.97
C GLU G 183 3.24 -25.34 44.28
N LEU G 184 4.03 -26.24 43.69
CA LEU G 184 3.83 -27.69 43.84
C LEU G 184 3.73 -28.09 45.30
N GLU G 185 4.72 -27.68 46.07
CA GLU G 185 4.77 -27.92 47.52
C GLU G 185 3.53 -27.49 48.29
N ASN G 186 2.84 -26.44 47.85
CA ASN G 186 1.58 -26.05 48.47
C ASN G 186 0.35 -26.85 48.03
N LEU G 187 0.56 -28.07 47.54
CA LEU G 187 -0.58 -28.90 47.15
C LEU G 187 -0.61 -30.14 48.03
N PRO G 188 -1.78 -30.45 48.60
CA PRO G 188 -1.90 -31.61 49.46
C PRO G 188 -1.60 -32.88 48.66
N GLN G 189 -1.05 -33.90 49.32
CA GLN G 189 -0.91 -35.22 48.71
C GLN G 189 -2.29 -35.80 48.51
N ASN G 190 -2.51 -36.49 47.40
CA ASN G 190 -3.83 -37.02 47.11
C ASN G 190 -4.01 -38.52 47.44
N GLY G 191 -2.92 -39.20 47.79
CA GLY G 191 -2.95 -40.64 48.03
C GLY G 191 -2.14 -41.47 47.04
N ARG G 192 -2.14 -41.07 45.76
CA ARG G 192 -1.35 -41.74 44.71
C ARG G 192 0.12 -41.67 44.91
N GLN G 193 0.78 -42.79 44.71
CA GLN G 193 2.17 -42.73 44.34
C GLN G 193 2.38 -43.27 42.93
N CYS G 194 3.19 -42.55 42.16
CA CYS G 194 3.47 -42.86 40.77
C CYS G 194 4.97 -42.88 40.58
N TYR G 195 5.43 -43.50 39.51
CA TYR G 195 6.84 -43.43 39.18
C TYR G 195 7.22 -42.13 38.48
N SER G 196 8.37 -41.60 38.88
CA SER G 196 8.88 -40.33 38.40
C SER G 196 10.25 -40.50 37.73
N CYS G 197 10.40 -39.93 36.54
CA CYS G 197 11.68 -39.92 35.86
C CYS G 197 11.68 -38.97 34.66
N LYS G 198 12.87 -38.80 34.08
CA LYS G 198 13.04 -37.98 32.90
C LYS G 198 14.31 -38.39 32.15
N GLY G 199 14.14 -38.80 30.90
CA GLY G 199 15.28 -39.00 30.02
C GLY G 199 15.17 -40.17 29.10
N GLN G 200 16.32 -40.61 28.61
CA GLN G 200 16.39 -41.66 27.62
C GLN G 200 15.89 -42.99 28.20
N SER G 201 15.03 -43.66 27.44
CA SER G 201 14.40 -44.92 27.86
C SER G 201 15.35 -45.81 28.63
N THR G 202 16.40 -46.30 27.94
CA THR G 202 17.35 -47.24 28.52
C THR G 202 18.19 -46.68 29.68
N HIS G 203 18.46 -45.37 29.67
CA HIS G 203 19.22 -44.74 30.76
C HIS G 203 18.86 -43.26 30.98
N GLY G 204 18.20 -43.02 32.11
CA GLY G 204 17.53 -41.75 32.41
C GLY G 204 16.16 -42.08 32.96
N CYS G 205 15.52 -43.06 32.32
CA CYS G 205 14.18 -43.49 32.68
C CYS G 205 14.08 -45.02 32.73
N SER G 206 15.02 -45.67 33.43
CA SER G 206 14.98 -47.12 33.55
C SER G 206 15.06 -47.63 34.97
N SER G 207 14.43 -48.79 35.19
CA SER G 207 14.26 -49.39 36.52
C SER G 207 15.24 -48.89 37.56
N GLU G 208 14.66 -48.21 38.55
CA GLU G 208 15.36 -47.65 39.72
C GLU G 208 16.50 -46.64 39.42
N GLU G 209 16.43 -46.04 38.23
CA GLU G 209 16.83 -44.63 38.04
C GLU G 209 15.53 -43.84 38.07
N THR G 210 14.44 -44.57 37.89
CA THR G 210 13.09 -44.05 38.02
C THR G 210 12.53 -44.37 39.42
N PHE G 211 12.16 -43.33 40.15
CA PHE G 211 11.76 -43.45 41.55
C PHE G 211 10.25 -43.24 41.74
N LEU G 212 9.78 -43.57 42.94
CA LEU G 212 8.37 -43.56 43.29
C LEU G 212 8.10 -42.31 44.13
N ILE G 213 6.98 -41.64 43.87
CA ILE G 213 6.73 -40.30 44.45
C ILE G 213 5.28 -40.06 44.85
N ASP G 214 5.10 -39.13 45.80
CA ASP G 214 3.78 -38.74 46.28
C ASP G 214 3.14 -37.64 45.41
N CYS G 215 2.14 -38.05 44.63
CA CYS G 215 1.37 -37.14 43.82
C CYS G 215 0.60 -36.12 44.64
N ARG G 216 0.41 -34.94 44.06
CA ARG G 216 -0.22 -33.86 44.79
C ARG G 216 -1.39 -33.27 44.02
N GLY G 217 -2.28 -32.62 44.76
CA GLY G 217 -3.41 -31.89 44.19
C GLY G 217 -4.26 -32.75 43.29
N PRO G 218 -4.83 -32.14 42.25
CA PRO G 218 -5.74 -32.84 41.34
C PRO G 218 -5.03 -33.88 40.48
N MET G 219 -3.71 -34.01 40.65
CA MET G 219 -2.91 -34.89 39.81
C MET G 219 -2.85 -36.28 40.40
N ASN G 220 -3.97 -37.00 40.32
CA ASN G 220 -4.12 -38.29 41.00
C ASN G 220 -3.98 -39.52 40.08
N GLN G 221 -3.49 -39.31 38.86
CA GLN G 221 -3.19 -40.43 37.96
C GLN G 221 -1.70 -40.53 37.65
N CYS G 222 -1.26 -41.68 37.12
CA CYS G 222 0.13 -41.89 36.67
C CYS G 222 0.28 -41.74 35.18
N LEU G 223 1.37 -41.10 34.80
CA LEU G 223 1.58 -40.74 33.41
C LEU G 223 2.90 -41.28 32.90
N VAL G 224 2.88 -41.79 31.68
CA VAL G 224 4.10 -41.99 30.91
C VAL G 224 3.96 -41.24 29.60
N ALA G 225 4.88 -40.32 29.36
CA ALA G 225 4.90 -39.64 28.06
C ALA G 225 6.16 -40.03 27.32
N THR G 226 5.96 -40.32 26.04
CA THR G 226 7.00 -40.73 25.14
C THR G 226 7.10 -39.70 24.03
N GLY G 227 8.32 -39.45 23.54
CA GLY G 227 8.53 -38.47 22.49
C GLY G 227 9.92 -38.53 21.88
N THR G 228 10.25 -37.54 21.07
CA THR G 228 11.56 -37.52 20.44
C THR G 228 12.30 -36.18 20.63
N HIS G 229 13.61 -36.25 20.42
CA HIS G 229 14.47 -35.07 20.24
C HIS G 229 15.31 -35.28 18.99
N GLU G 230 15.47 -34.23 18.20
CA GLU G 230 16.49 -34.19 17.18
C GLU G 230 17.80 -33.79 17.91
N PRO G 231 18.98 -34.06 17.32
CA PRO G 231 19.14 -34.65 15.99
C PRO G 231 18.81 -36.12 15.92
N LYS G 232 18.55 -36.60 14.70
CA LYS G 232 18.36 -38.01 14.39
C LYS G 232 17.31 -38.70 15.27
N ASN G 233 16.25 -37.96 15.60
CA ASN G 233 15.04 -38.53 16.20
C ASN G 233 15.31 -39.44 17.42
N GLN G 234 16.24 -39.05 18.29
CA GLN G 234 16.47 -39.82 19.52
C GLN G 234 15.22 -39.84 20.38
N SER G 235 14.96 -40.96 21.06
CA SER G 235 13.79 -41.06 21.89
C SER G 235 14.07 -40.51 23.29
N TYR G 236 13.03 -40.03 23.95
CA TYR G 236 13.15 -39.45 25.27
C TYR G 236 11.85 -39.84 25.96
N MET G 237 11.82 -39.74 27.27
CA MET G 237 10.66 -40.24 28.01
C MET G 237 10.45 -39.48 29.31
N VAL G 238 9.24 -39.55 29.82
CA VAL G 238 8.90 -38.84 31.05
C VAL G 238 7.85 -39.63 31.80
N ARG G 239 8.01 -39.71 33.11
CA ARG G 239 7.03 -40.34 33.99
C ARG G 239 6.71 -39.49 35.20
N GLY G 240 5.45 -39.48 35.63
CA GLY G 240 5.07 -38.81 36.86
C GLY G 240 3.58 -38.82 37.14
N CYS G 241 3.17 -37.86 37.97
CA CYS G 241 1.79 -37.64 38.36
C CYS G 241 1.10 -36.68 37.41
N ALA G 242 -0.20 -36.84 37.25
CA ALA G 242 -0.93 -36.08 36.26
C ALA G 242 -2.42 -36.18 36.47
N THR G 243 -3.15 -35.17 36.02
CA THR G 243 -4.60 -35.26 35.92
C THR G 243 -4.85 -36.06 34.66
N ALA G 244 -6.00 -36.74 34.61
CA ALA G 244 -6.41 -37.54 33.44
C ALA G 244 -6.37 -36.76 32.14
N SER G 245 -6.58 -35.46 32.21
CA SER G 245 -6.65 -34.62 31.02
C SER G 245 -5.32 -34.54 30.27
N MET G 246 -4.21 -34.73 30.98
CA MET G 246 -2.91 -34.75 30.35
C MET G 246 -2.84 -35.75 29.21
N CYS G 247 -3.68 -36.79 29.30
CA CYS G 247 -3.71 -37.89 28.35
C CYS G 247 -4.83 -37.76 27.32
N GLN G 248 -5.66 -36.74 27.47
CA GLN G 248 -6.82 -36.62 26.63
C GLN G 248 -6.70 -35.49 25.61
N HIS G 249 -6.08 -34.37 26.01
CA HIS G 249 -5.99 -33.16 25.16
C HIS G 249 -4.58 -32.92 24.63
N ALA G 250 -4.44 -32.78 23.32
CA ALA G 250 -3.12 -32.54 22.73
C ALA G 250 -2.50 -31.24 23.26
N HIS G 251 -3.34 -30.24 23.52
CA HIS G 251 -2.85 -28.95 23.99
C HIS G 251 -2.22 -29.04 25.36
N LEU G 252 -2.72 -29.94 26.20
CA LEU G 252 -2.14 -30.12 27.51
C LEU G 252 -0.76 -30.72 27.33
N GLY G 253 -0.67 -31.73 26.46
CA GLY G 253 0.58 -32.43 26.20
C GLY G 253 1.65 -31.54 25.62
N ASP G 254 1.22 -30.40 25.05
CA ASP G 254 2.14 -29.49 24.39
C ASP G 254 3.12 -28.88 25.40
N ALA G 255 2.83 -29.10 26.68
CA ALA G 255 3.68 -28.64 27.75
C ALA G 255 5.05 -29.35 27.80
N PHE G 256 5.14 -30.55 27.24
CA PHE G 256 6.37 -31.31 27.31
C PHE G 256 7.41 -30.86 26.30
N SER G 257 8.69 -31.07 26.64
CA SER G 257 9.83 -30.54 25.87
C SER G 257 10.27 -31.49 24.78
N MET G 258 9.34 -32.21 24.20
CA MET G 258 9.68 -33.17 23.16
C MET G 258 8.63 -33.18 22.05
N ASN G 259 9.01 -33.61 20.86
CA ASN G 259 8.06 -33.78 19.75
C ASN G 259 7.57 -35.21 19.66
N HIS G 260 6.57 -35.44 18.82
CA HIS G 260 5.93 -36.75 18.64
C HIS G 260 5.45 -37.34 19.95
N ILE G 261 4.82 -36.50 20.76
CA ILE G 261 4.36 -36.88 22.07
C ILE G 261 3.31 -38.00 22.00
N ASP G 262 3.52 -39.05 22.79
CA ASP G 262 2.45 -40.00 23.06
C ASP G 262 2.35 -40.17 24.57
N VAL G 263 1.17 -39.94 25.11
CA VAL G 263 0.95 -39.98 26.55
C VAL G 263 -0.04 -41.08 26.87
N SER G 264 0.00 -41.57 28.10
CA SER G 264 -1.02 -42.50 28.56
C SER G 264 -1.15 -42.41 30.07
N CYS G 265 -2.37 -42.58 30.54
CA CYS G 265 -2.63 -42.57 31.97
C CYS G 265 -3.14 -43.90 32.46
N CYS G 266 -2.90 -44.14 33.75
CA CYS G 266 -3.50 -45.26 34.44
C CYS G 266 -3.87 -44.82 35.86
N THR G 267 -4.69 -45.63 36.52
CA THR G 267 -5.43 -45.20 37.71
C THR G 267 -4.84 -45.65 39.05
N LYS G 268 -4.14 -46.77 39.05
CA LYS G 268 -3.65 -47.36 40.30
C LYS G 268 -2.26 -46.87 40.65
N SER G 269 -1.96 -46.78 41.94
CA SER G 269 -0.62 -46.40 42.37
C SER G 269 0.44 -47.33 41.76
N GLY G 270 1.55 -46.74 41.32
CA GLY G 270 2.67 -47.47 40.74
C GLY G 270 2.47 -48.07 39.36
N CYS G 271 1.33 -47.78 38.73
CA CYS G 271 0.91 -48.44 37.48
C CYS G 271 1.70 -48.04 36.23
N ASN G 272 2.60 -47.06 36.38
CA ASN G 272 3.50 -46.65 35.30
C ASN G 272 4.93 -47.19 35.43
N HIS G 273 5.06 -48.40 35.98
CA HIS G 273 6.37 -49.04 36.16
C HIS G 273 7.01 -49.27 34.79
N PRO G 274 8.35 -49.17 34.70
CA PRO G 274 9.04 -49.38 33.40
C PRO G 274 8.72 -50.72 32.78
N ASP G 275 8.60 -51.75 33.62
CA ASP G 275 8.15 -53.08 33.18
C ASP G 275 6.71 -52.99 32.67
N LEU G 276 6.34 -51.75 32.33
CA LEU G 276 5.10 -51.40 31.60
C LEU G 276 3.85 -51.96 32.26
N LYS H 1 5.93 -29.57 12.74
CA LYS H 1 6.60 -30.31 13.87
C LYS H 1 6.33 -29.73 15.28
N SER H 2 5.53 -28.66 15.38
CA SER H 2 5.12 -28.06 16.67
C SER H 2 3.96 -27.10 16.49
N ASP H 3 2.84 -27.40 17.14
CA ASP H 3 1.69 -26.54 17.10
C ASP H 3 2.07 -25.10 17.46
N ALC H 4 1.50 -24.16 16.75
CA ALC H 4 1.80 -22.76 17.01
C ALC H 4 1.04 -22.26 18.23
O ALC H 4 1.61 -21.55 19.08
CB ALC H 4 1.44 -22.02 15.74
CG ALC H 4 1.74 -20.52 15.71
CD2 ALC H 4 3.27 -20.39 15.60
CE2 ALC H 4 3.77 -19.07 15.02
CZ ALC H 4 3.06 -18.75 13.71
CE1 ALC H 4 1.54 -18.77 13.87
CD1 ALC H 4 1.02 -20.07 14.45
N PHE H 5 -0.22 -22.63 18.32
CA PHE H 5 -1.04 -22.27 19.49
C PHE H 5 -0.47 -22.91 20.75
N DSN H 6 -0.24 -24.21 20.65
CA DSN H 6 0.35 -24.98 21.75
C DSN H 6 1.54 -24.26 22.33
O DSN H 6 1.61 -24.01 23.54
CB DSN H 6 -0.73 -25.37 22.78
OG DSN H 6 -1.61 -26.31 22.17
N DLY H 7 2.46 -23.91 21.44
CA DLY H 7 3.77 -23.31 21.77
C DLY H 7 3.63 -22.06 22.61
O DLY H 7 4.26 -21.93 23.67
CB DLY H 7 4.70 -24.35 22.35
CG DLY H 7 4.83 -25.60 21.47
CD DLY H 7 5.37 -26.79 22.26
CE DLY H 7 5.25 -28.12 21.51
NZ DLY H 7 5.84 -29.17 22.33
N TYR H 8 2.78 -21.16 22.12
CA TYR H 8 2.52 -19.90 22.81
C TYR H 8 1.77 -20.10 24.11
N LEU H 9 0.84 -21.06 24.13
CA LEU H 9 0.06 -21.33 25.34
C LEU H 9 1.00 -21.67 26.48
N TRP H 10 2.09 -22.37 26.14
CA TRP H 10 3.03 -22.89 27.13
C TRP H 10 4.29 -22.04 27.31
N SER H 11 4.62 -21.22 26.31
CA SER H 11 5.89 -20.52 26.32
C SER H 11 5.86 -19.00 26.19
N SER H 12 4.85 -18.47 25.50
CA SER H 12 4.87 -17.04 25.21
C SER H 12 4.86 -16.23 26.50
N LYS H 13 5.83 -15.33 26.63
CA LYS H 13 5.84 -14.39 27.76
C LYS H 13 5.80 -12.93 27.28
N LEU I 1 -1.79 28.90 -20.80
CA LEU I 1 -1.13 27.71 -20.22
C LEU I 1 -1.90 27.19 -19.01
N ARG I 2 -1.99 25.86 -18.89
CA ARG I 2 -2.51 25.26 -17.66
C ARG I 2 -1.40 24.47 -17.01
N CYS I 3 -1.33 24.51 -15.69
CA CYS I 3 -0.38 23.67 -14.99
C CYS I 3 -1.10 22.91 -13.90
N MET I 4 -0.51 21.81 -13.44
CA MET I 4 -0.92 21.24 -12.18
C MET I 4 -0.40 22.18 -11.11
N GLN I 5 -1.27 22.53 -10.17
CA GLN I 5 -0.91 23.17 -8.92
C GLN I 5 -1.07 22.17 -7.78
N CYS I 6 0.00 21.91 -7.05
CA CYS I 6 -0.04 20.94 -5.95
C CYS I 6 0.66 21.44 -4.73
N LYS I 7 -0.04 21.25 -3.62
CA LYS I 7 0.55 21.42 -2.34
C LYS I 7 1.34 20.17 -1.98
N THR I 8 2.13 20.31 -0.92
CA THR I 8 2.97 19.26 -0.39
C THR I 8 2.25 17.96 0.03
N ASN I 9 0.93 17.99 0.16
CA ASN I 9 0.16 16.84 0.60
C ASN I 9 -0.39 16.00 -0.55
N GLY I 10 -0.04 16.32 -1.78
CA GLY I 10 -0.61 15.62 -2.94
C GLY I 10 -1.97 16.17 -3.34
N ASP I 11 -2.30 17.36 -2.85
CA ASP I 11 -3.58 17.97 -3.13
C ASP I 11 -3.43 18.95 -4.28
N CYS I 12 -3.97 18.54 -5.42
CA CYS I 12 -3.81 19.25 -6.67
C CYS I 12 -5.10 19.82 -7.28
N ARG I 13 -4.87 20.61 -8.32
CA ARG I 13 -5.91 21.12 -9.18
C ARG I 13 -5.27 21.48 -10.51
N VAL I 14 -6.10 21.73 -11.51
CA VAL I 14 -5.63 22.29 -12.77
C VAL I 14 -5.63 23.79 -12.59
N GLU I 15 -4.53 24.43 -12.95
CA GLU I 15 -4.43 25.88 -12.82
C GLU I 15 -4.28 26.51 -14.21
N GLU I 16 -5.05 27.57 -14.46
CA GLU I 16 -4.73 28.51 -15.55
C GLU I 16 -3.68 29.44 -14.99
N CYS I 17 -2.59 29.60 -15.72
CA CYS I 17 -1.56 30.56 -15.33
C CYS I 17 -2.05 31.97 -15.51
N ALA I 18 -1.49 32.89 -14.72
CA ALA I 18 -1.71 34.33 -14.89
C ALA I 18 -0.90 34.81 -16.10
N LEU I 19 -0.96 36.11 -16.41
CA LEU I 19 -0.45 36.58 -17.71
C LEU I 19 1.05 36.41 -18.00
N GLY I 20 1.92 36.73 -17.04
CA GLY I 20 3.36 36.57 -17.22
C GLY I 20 3.88 35.20 -16.83
N GLN I 21 3.00 34.20 -16.87
CA GLN I 21 3.33 32.86 -16.37
C GLN I 21 3.15 31.78 -17.42
N ASP I 22 4.12 31.66 -18.32
CA ASP I 22 4.07 30.65 -19.37
C ASP I 22 5.00 29.44 -19.13
N LEU I 23 5.12 29.07 -17.85
CA LEU I 23 5.87 27.88 -17.46
C LEU I 23 5.16 27.17 -16.31
N CYS I 24 5.34 25.86 -16.28
CA CYS I 24 4.95 25.04 -15.14
C CYS I 24 6.23 24.67 -14.42
N ARG I 25 6.13 24.56 -13.10
CA ARG I 25 7.27 24.13 -12.28
C ARG I 25 6.87 22.93 -11.45
N THR I 26 7.90 22.20 -11.03
CA THR I 26 7.85 21.15 -10.05
C THR I 26 9.02 21.44 -9.13
N THR I 27 8.79 21.41 -7.83
CA THR I 27 9.86 21.55 -6.87
C THR I 27 9.88 20.31 -5.97
N ILE I 28 11.03 19.69 -5.89
CA ILE I 28 11.15 18.50 -5.06
C ILE I 28 12.26 18.70 -4.07
N VAL I 29 11.92 18.62 -2.80
CA VAL I 29 12.95 18.55 -1.79
C VAL I 29 12.99 17.16 -1.16
N ARG I 30 14.18 16.60 -1.17
CA ARG I 30 14.50 15.34 -0.51
C ARG I 30 15.39 15.56 0.71
N LEU I 31 14.83 15.29 1.89
CA LEU I 31 15.57 15.47 3.15
C LEU I 31 15.54 14.20 4.02
N TRP I 32 16.27 14.21 5.13
CA TRP I 32 16.46 13.01 5.99
C TRP I 32 16.16 13.21 7.48
N GLU I 33 17.23 13.08 8.27
CA GLU I 33 17.32 13.24 9.74
C GLU I 33 17.29 11.93 10.57
N GLU I 34 16.14 11.55 11.12
CA GLU I 34 16.05 10.39 12.02
C GLU I 34 16.57 9.12 11.37
N GLY I 35 16.16 8.88 10.13
CA GLY I 35 16.67 7.75 9.36
C GLY I 35 16.03 7.61 8.00
N GLU I 36 14.88 8.26 7.83
CA GLU I 36 14.07 8.07 6.63
C GLU I 36 14.23 9.24 5.66
N GLU I 37 14.15 8.93 4.38
CA GLU I 37 14.16 9.95 3.34
C GLU I 37 12.74 10.46 3.23
N LEU I 38 12.57 11.77 3.40
CA LEU I 38 11.28 12.40 3.21
C LEU I 38 11.31 13.11 1.87
N GLU I 39 10.26 12.96 1.08
CA GLU I 39 10.10 13.69 -0.18
C GLU I 39 9.01 14.74 -0.03
N LEU I 40 9.26 15.94 -0.53
CA LEU I 40 8.34 17.05 -0.45
C LEU I 40 8.17 17.60 -1.85
N VAL I 41 6.98 17.47 -2.42
CA VAL I 41 6.77 17.88 -3.81
C VAL I 41 5.76 19.00 -3.88
N GLU I 42 6.10 20.08 -4.57
CA GLU I 42 5.19 21.18 -4.85
C GLU I 42 5.12 21.53 -6.35
N LYS I 43 3.91 21.79 -6.86
CA LYS I 43 3.71 22.15 -8.28
C LYS I 43 2.87 23.43 -8.47
N SER I 44 3.13 24.21 -9.52
CA SER I 44 2.22 25.30 -9.90
C SER I 44 2.64 25.98 -11.20
N CYS I 45 1.82 26.91 -11.69
CA CYS I 45 2.28 27.87 -12.69
C CYS I 45 3.37 28.70 -12.09
N THR I 46 4.30 29.15 -12.93
CA THR I 46 5.36 30.02 -12.50
C THR I 46 5.76 31.02 -13.60
N HIS I 47 6.56 32.01 -13.23
CA HIS I 47 6.92 33.12 -14.11
C HIS I 47 7.73 32.66 -15.32
N SER I 48 7.70 33.44 -16.39
CA SER I 48 8.38 33.04 -17.63
C SER I 48 9.90 33.06 -17.61
N GLU I 49 10.49 33.93 -16.80
CA GLU I 49 11.96 34.05 -16.76
C GLU I 49 12.61 33.01 -15.84
N LYS I 50 11.81 32.12 -15.27
CA LYS I 50 12.37 31.06 -14.44
C LYS I 50 13.03 29.95 -15.25
N THR I 51 13.85 29.14 -14.56
CA THR I 51 14.64 28.09 -15.21
C THR I 51 14.82 26.92 -14.24
N ASN I 52 15.36 25.82 -14.73
CA ASN I 52 15.76 24.71 -13.89
C ASN I 52 16.80 25.14 -12.88
N ARG I 53 16.76 24.57 -11.67
CA ARG I 53 17.77 24.86 -10.68
C ARG I 53 17.84 23.73 -9.67
N THR I 54 18.91 23.69 -8.88
CA THR I 54 19.24 22.46 -8.18
C THR I 54 20.29 22.72 -7.11
N LEU I 55 20.18 21.98 -6.01
CA LEU I 55 21.11 22.06 -4.88
C LEU I 55 21.18 20.70 -4.21
N SER I 56 22.40 20.26 -3.89
CA SER I 56 22.65 18.95 -3.28
C SER I 56 23.79 19.03 -2.29
N TYR I 57 23.61 18.34 -1.17
CA TYR I 57 24.71 18.18 -0.26
C TYR I 57 24.57 16.95 0.61
N ARG I 58 25.73 16.43 1.01
CA ARG I 58 25.87 15.34 1.95
C ARG I 58 25.18 15.61 3.26
N THR I 59 24.37 14.65 3.72
CA THR I 59 23.81 14.74 5.08
C THR I 59 24.14 13.51 5.94
N GLY I 60 24.60 12.43 5.30
CA GLY I 60 25.14 11.28 6.02
C GLY I 60 25.65 10.18 5.10
N LEU I 61 25.87 10.52 3.82
CA LEU I 61 26.05 9.55 2.70
C LEU I 61 24.70 9.36 2.01
N LYS I 62 23.71 9.75 2.80
CA LYS I 62 22.43 10.14 2.36
C LYS I 62 22.63 11.58 1.90
N ILE I 63 21.95 11.97 0.82
CA ILE I 63 22.12 13.28 0.22
C ILE I 63 20.85 14.10 0.32
N THR I 64 20.97 15.34 0.77
CA THR I 64 19.88 16.30 0.71
C THR I 64 19.89 16.97 -0.67
N SER I 65 18.74 17.00 -1.32
CA SER I 65 18.65 17.66 -2.63
C SER I 65 17.37 18.44 -2.83
N LEU I 66 17.52 19.66 -3.36
CA LEU I 66 16.41 20.47 -3.87
C LEU I 66 16.48 20.46 -5.38
N THR I 67 15.33 20.49 -6.03
CA THR I 67 15.30 20.29 -7.47
C THR I 67 14.09 21.01 -7.96
N GLU I 68 14.29 21.96 -8.85
CA GLU I 68 13.17 22.67 -9.41
C GLU I 68 13.29 22.60 -10.91
N VAL I 69 12.22 22.11 -11.53
CA VAL I 69 12.25 21.88 -12.97
C VAL I 69 11.02 22.52 -13.57
N VAL I 70 11.21 23.06 -14.77
CA VAL I 70 10.33 24.06 -15.33
C VAL I 70 10.02 23.63 -16.76
N CYS I 71 8.80 23.89 -17.24
CA CYS I 71 8.40 23.51 -18.62
C CYS I 71 7.17 24.26 -19.12
N GLY I 72 7.03 24.39 -20.44
CA GLY I 72 6.05 25.32 -21.01
C GLY I 72 4.94 24.76 -21.88
N LEU I 73 4.68 23.46 -21.78
CA LEU I 73 3.61 22.81 -22.54
C LEU I 73 2.46 22.44 -21.62
N ASP I 74 1.25 22.33 -22.18
CA ASP I 74 0.03 22.08 -21.41
C ASP I 74 0.18 20.92 -20.43
N LEU I 75 -0.11 21.18 -19.16
CA LEU I 75 0.01 20.18 -18.09
C LEU I 75 1.31 19.35 -18.06
N CYS I 76 2.41 19.90 -18.56
CA CYS I 76 3.67 19.16 -18.64
C CYS I 76 4.31 18.80 -17.29
N ASN I 77 3.73 19.25 -16.19
CA ASN I 77 4.20 18.93 -14.86
C ASN I 77 3.26 17.94 -14.17
N GLN I 78 2.30 17.43 -14.94
CA GLN I 78 1.45 16.37 -14.43
C GLN I 78 2.30 15.15 -14.17
N GLY I 79 1.91 14.37 -13.17
CA GLY I 79 2.47 13.05 -13.02
C GLY I 79 3.72 13.11 -12.21
N ASN I 80 3.82 12.17 -11.28
CA ASN I 80 4.75 12.32 -10.19
C ASN I 80 6.22 11.96 -10.43
N SER I 81 6.93 11.81 -9.33
CA SER I 81 8.33 12.16 -9.30
C SER I 81 9.26 11.07 -8.75
N GLY I 82 9.43 10.03 -9.58
CA GLY I 82 10.62 9.19 -9.54
C GLY I 82 11.62 9.89 -10.44
N ARG I 83 11.13 10.94 -11.12
CA ARG I 83 11.90 11.76 -12.05
C ARG I 83 12.49 13.00 -11.36
N ALA I 84 13.80 12.96 -11.10
CA ALA I 84 14.58 14.09 -10.52
C ALA I 84 15.85 13.63 -9.78
N VAL I 85 16.86 14.50 -9.77
CA VAL I 85 18.08 14.32 -8.96
C VAL I 85 17.78 14.56 -7.48
N TYR I 92 29.93 12.70 -12.80
CA TYR I 92 30.10 14.10 -13.20
C TYR I 92 30.94 14.88 -12.17
N LEU I 93 30.82 16.20 -12.14
CA LEU I 93 31.68 17.06 -11.30
C LEU I 93 31.74 16.63 -9.84
N GLU I 94 32.96 16.53 -9.30
CA GLU I 94 33.17 16.25 -7.88
C GLU I 94 33.44 17.53 -7.11
N CYS I 95 32.68 17.74 -6.03
CA CYS I 95 32.79 18.96 -5.22
C CYS I 95 32.91 18.67 -3.73
N ILE I 96 33.37 19.69 -3.00
CA ILE I 96 33.33 19.67 -1.55
C ILE I 96 31.89 19.85 -1.09
N SER I 97 31.50 19.04 -0.12
CA SER I 97 30.22 19.19 0.49
C SER I 97 30.40 19.24 1.97
N CYS I 98 29.85 20.27 2.58
CA CYS I 98 29.82 20.41 4.04
C CYS I 98 28.82 21.49 4.43
N GLY I 99 28.62 21.65 5.73
CA GLY I 99 27.72 22.66 6.25
C GLY I 99 26.42 22.06 6.69
N SER I 100 26.23 20.76 6.43
CA SER I 100 25.02 20.09 6.91
C SER I 100 25.06 19.98 8.44
N SER I 101 23.90 20.16 9.08
CA SER I 101 23.74 20.11 10.54
C SER I 101 25.00 19.69 11.33
N ASP I 102 25.37 18.40 11.24
CA ASP I 102 26.54 17.87 11.96
C ASP I 102 27.69 17.46 11.03
N MET I 103 28.93 17.59 11.52
CA MET I 103 30.13 17.68 10.68
C MET I 103 29.98 18.82 9.66
N SER I 104 30.28 20.04 10.11
CA SER I 104 30.11 21.26 9.33
C SER I 104 31.32 21.56 8.44
N CYS I 105 31.41 22.80 7.95
CA CYS I 105 32.47 23.21 7.01
C CYS I 105 33.81 23.53 7.66
N GLU I 106 33.81 23.72 8.98
CA GLU I 106 35.07 23.76 9.71
C GLU I 106 35.78 22.42 9.51
N ARG I 107 35.31 21.38 10.16
CA ARG I 107 35.94 20.06 10.08
C ARG I 107 35.51 19.26 8.82
N GLY I 108 34.58 19.82 8.04
CA GLY I 108 33.99 19.12 6.89
C GLY I 108 34.57 19.44 5.52
N ARG I 109 35.39 20.48 5.40
CA ARG I 109 36.19 20.71 4.19
C ARG I 109 36.85 19.39 3.76
N HIS I 110 37.17 19.27 2.47
CA HIS I 110 37.88 18.08 1.93
C HIS I 110 36.98 16.84 1.79
N GLN I 111 35.80 16.88 2.41
CA GLN I 111 34.77 15.86 2.22
C GLN I 111 34.14 16.08 0.85
N SER I 112 34.23 15.06 -0.01
CA SER I 112 33.83 15.20 -1.40
C SER I 112 32.49 14.55 -1.72
N LEU I 113 31.77 15.18 -2.63
CA LEU I 113 30.54 14.64 -3.20
C LEU I 113 30.61 14.75 -4.72
N GLN I 114 30.23 13.67 -5.38
CA GLN I 114 30.14 13.64 -6.82
C GLN I 114 28.78 14.11 -7.21
N CYS I 115 28.69 15.02 -8.18
CA CYS I 115 27.42 15.51 -8.63
C CYS I 115 26.69 14.51 -9.50
N ARG I 116 25.38 14.44 -9.30
CA ARG I 116 24.48 13.75 -10.22
C ARG I 116 24.08 14.82 -11.22
N SER I 117 24.01 14.49 -12.51
CA SER I 117 23.71 15.49 -13.56
C SER I 117 24.91 16.35 -13.95
N PRO I 118 25.23 16.35 -15.25
CA PRO I 118 26.38 17.10 -15.79
C PRO I 118 26.33 18.62 -15.69
N GLU I 119 25.15 19.21 -15.62
CA GLU I 119 25.03 20.68 -15.49
C GLU I 119 25.41 21.21 -14.10
N GLU I 120 25.41 20.34 -13.10
CA GLU I 120 25.68 20.76 -11.73
C GLU I 120 27.09 21.29 -11.59
N GLN I 121 27.23 22.34 -10.78
CA GLN I 121 28.52 22.95 -10.47
C GLN I 121 28.78 22.85 -8.96
N CYS I 122 29.96 23.30 -8.52
CA CYS I 122 30.27 23.42 -7.10
C CYS I 122 29.71 24.73 -6.53
N LEU I 123 28.86 24.61 -5.51
CA LEU I 123 28.26 25.74 -4.82
C LEU I 123 28.99 26.03 -3.51
N ASP I 124 29.11 27.31 -3.20
CA ASP I 124 29.51 27.75 -1.86
C ASP I 124 28.55 28.87 -1.53
N VAL I 125 27.73 28.68 -0.49
CA VAL I 125 26.80 29.71 -0.04
C VAL I 125 27.02 30.02 1.44
N VAL I 126 27.08 31.31 1.78
CA VAL I 126 27.35 31.72 3.14
C VAL I 126 26.49 32.91 3.60
N THR I 127 26.00 32.83 4.83
CA THR I 127 25.36 33.96 5.49
C THR I 127 26.06 34.22 6.80
N HIS I 128 26.47 35.47 7.01
CA HIS I 128 27.18 35.81 8.23
C HIS I 128 26.61 37.05 8.89
N TRP I 129 26.41 36.97 10.18
CA TRP I 129 25.83 38.04 10.96
C TRP I 129 26.92 38.78 11.70
N ILE I 130 26.84 40.11 11.70
CA ILE I 130 27.90 40.92 12.28
C ILE I 130 27.46 41.48 13.64
N GLN I 131 27.82 40.74 14.69
CA GLN I 131 27.36 40.97 16.06
C GLN I 131 28.24 41.98 16.78
N ARG I 137 20.35 37.29 22.49
CA ARG I 137 19.79 37.00 21.16
C ARG I 137 20.89 36.82 20.11
N PRO I 138 21.52 35.64 20.13
CA PRO I 138 22.57 35.28 19.17
C PRO I 138 22.04 34.35 18.07
N LYS I 139 22.43 34.64 16.82
CA LYS I 139 21.98 33.85 15.65
C LYS I 139 23.18 33.35 14.84
N ASP I 140 23.12 32.08 14.43
CA ASP I 140 24.27 31.40 13.82
C ASP I 140 24.45 31.63 12.34
N ASP I 141 25.70 31.54 11.90
CA ASP I 141 26.08 31.67 10.50
C ASP I 141 25.73 30.41 9.73
N ARG I 142 25.76 30.49 8.40
CA ARG I 142 25.53 29.32 7.57
C ARG I 142 26.57 29.22 6.48
N HIS I 143 27.29 28.10 6.45
CA HIS I 143 28.24 27.89 5.38
C HIS I 143 27.98 26.55 4.70
N LEU I 144 27.46 26.58 3.48
CA LEU I 144 27.12 25.35 2.78
C LEU I 144 27.86 25.18 1.46
N ARG I 145 28.49 24.02 1.31
CA ARG I 145 29.11 23.65 0.07
C ARG I 145 28.39 22.42 -0.43
N GLY I 146 28.25 22.33 -1.74
CA GLY I 146 27.70 21.15 -2.36
C GLY I 146 27.50 21.39 -3.83
N CYS I 147 26.76 20.51 -4.49
CA CYS I 147 26.41 20.64 -5.89
C CYS I 147 25.27 21.63 -6.07
N GLY I 148 25.04 22.04 -7.31
CA GLY I 148 23.92 22.93 -7.64
C GLY I 148 23.98 23.58 -9.00
N TYR I 149 22.84 24.06 -9.47
CA TYR I 149 22.81 24.87 -10.68
C TYR I 149 21.91 26.07 -10.45
N LEU I 150 22.40 27.24 -10.86
CA LEU I 150 21.67 28.50 -10.71
C LEU I 150 21.88 29.40 -11.93
N PRO I 151 20.84 30.12 -12.37
CA PRO I 151 21.00 31.06 -13.47
C PRO I 151 22.17 32.00 -13.25
N GLY I 152 22.91 32.29 -14.32
CA GLY I 152 24.14 33.08 -14.23
C GLY I 152 25.31 32.41 -13.52
N CYS I 153 25.36 31.08 -13.57
CA CYS I 153 26.49 30.34 -13.01
C CYS I 153 27.43 30.00 -14.16
N PRO I 154 28.76 30.08 -13.97
CA PRO I 154 29.41 30.34 -12.68
C PRO I 154 29.70 31.82 -12.38
N GLY I 155 30.06 32.12 -11.13
CA GLY I 155 30.24 33.49 -10.69
C GLY I 155 30.21 33.69 -9.19
N SER I 156 30.49 34.92 -8.77
CA SER I 156 30.51 35.33 -7.37
C SER I 156 29.38 36.33 -7.13
N ASN I 157 28.48 35.99 -6.24
CA ASN I 157 27.34 36.85 -5.97
C ASN I 157 27.35 37.17 -4.52
N GLY I 158 27.03 38.39 -4.16
CA GLY I 158 26.96 38.70 -2.75
C GLY I 158 26.53 40.09 -2.38
N PHE I 159 26.17 40.23 -1.11
CA PHE I 159 25.76 41.49 -0.52
C PHE I 159 26.45 41.67 0.83
N HIS I 160 26.77 42.90 1.21
CA HIS I 160 27.11 43.17 2.61
C HIS I 160 26.79 44.59 3.08
N ASN I 161 26.48 44.70 4.38
CA ASN I 161 26.45 45.99 5.04
C ASN I 161 27.20 45.93 6.38
N ASN I 162 26.82 46.74 7.37
CA ASN I 162 27.49 46.61 8.66
C ASN I 162 26.91 45.50 9.50
N ASP I 163 25.78 44.94 9.05
CA ASP I 163 25.06 43.94 9.83
C ASP I 163 25.10 42.53 9.23
N THR I 164 25.03 42.44 7.90
CA THR I 164 24.83 41.18 7.21
C THR I 164 25.82 40.93 6.08
N PHE I 165 26.14 39.66 5.86
CA PHE I 165 27.01 39.21 4.78
C PHE I 165 26.37 37.96 4.11
N HIS I 166 26.03 38.07 2.83
CA HIS I 166 25.50 36.94 2.06
C HIS I 166 26.38 36.73 0.84
N PHE I 167 26.78 35.49 0.58
CA PHE I 167 27.63 35.24 -0.58
C PHE I 167 27.31 33.92 -1.24
N LEU I 168 27.19 33.96 -2.57
CA LEU I 168 27.01 32.73 -3.28
C LEU I 168 28.00 32.60 -4.43
N LYS I 169 28.80 31.55 -4.35
CA LYS I 169 29.84 31.26 -5.32
C LYS I 169 29.52 29.91 -5.94
N CYS I 170 29.40 29.87 -7.27
CA CYS I 170 29.35 28.61 -8.03
C CYS I 170 30.47 28.59 -9.05
N CYS I 171 31.08 27.42 -9.25
CA CYS I 171 32.20 27.27 -10.19
C CYS I 171 32.23 25.88 -10.85
N ASN I 172 32.67 25.83 -12.10
CA ASN I 172 32.56 24.65 -12.97
C ASN I 172 33.78 23.69 -13.01
N THR I 173 34.84 24.03 -12.29
CA THR I 173 36.04 23.16 -12.25
C THR I 173 36.01 22.18 -11.05
N THR I 174 36.88 21.17 -11.09
CA THR I 174 36.92 20.13 -10.05
C THR I 174 37.26 20.67 -8.66
N LYS I 175 36.39 20.40 -7.70
CA LYS I 175 36.64 20.61 -6.27
C LYS I 175 36.90 22.07 -5.93
N CYS I 176 36.66 22.95 -6.91
CA CYS I 176 36.97 24.38 -6.80
C CYS I 176 36.25 25.11 -5.65
N ASN I 177 35.25 24.48 -5.05
CA ASN I 177 34.62 25.02 -3.84
C ASN I 177 35.38 24.66 -2.56
N GLU I 178 36.59 24.13 -2.72
CA GLU I 178 37.45 23.75 -1.61
C GLU I 178 38.23 24.94 -1.07
N GLY I 179 38.56 24.92 0.20
CA GLY I 179 39.39 25.96 0.78
C GLY I 179 38.87 26.55 2.08
N PRO I 180 39.49 27.64 2.52
CA PRO I 180 39.09 28.27 3.78
C PRO I 180 37.66 28.79 3.67
N ILE I 181 37.01 28.85 4.82
CA ILE I 181 35.70 29.46 4.89
C ILE I 181 35.82 30.91 4.44
N LEU I 182 34.92 31.34 3.55
CA LEU I 182 34.93 32.70 3.06
C LEU I 182 34.48 33.65 4.16
N GLU I 183 35.33 34.63 4.48
CA GLU I 183 35.00 35.65 5.47
C GLU I 183 35.10 37.01 4.84
N LEU I 184 34.24 37.92 5.28
CA LEU I 184 34.17 39.27 4.71
C LEU I 184 35.48 40.05 4.79
N GLU I 185 36.28 39.76 5.82
CA GLU I 185 37.53 40.52 6.08
C GLU I 185 38.65 40.14 5.10
N ASN I 186 38.59 38.91 4.56
CA ASN I 186 39.57 38.44 3.56
C ASN I 186 39.30 38.87 2.13
N LEU I 187 38.18 39.55 1.92
CA LEU I 187 37.86 40.09 0.60
C LEU I 187 38.42 41.51 0.48
N PRO I 188 39.20 41.77 -0.56
CA PRO I 188 39.88 43.05 -0.68
C PRO I 188 38.86 44.19 -0.74
N GLN I 189 39.11 45.24 0.03
CA GLN I 189 38.41 46.51 -0.13
C GLN I 189 38.52 46.97 -1.60
N ASN I 190 37.40 47.31 -2.22
CA ASN I 190 37.34 47.59 -3.67
C ASN I 190 37.28 49.06 -4.08
N GLY I 191 37.11 49.97 -3.12
CA GLY I 191 37.11 51.39 -3.43
C GLY I 191 35.77 52.10 -3.55
N ARG I 192 34.70 51.34 -3.79
CA ARG I 192 33.33 51.89 -3.80
C ARG I 192 32.81 52.08 -2.38
N GLN I 193 31.95 53.09 -2.22
CA GLN I 193 31.37 53.42 -0.92
C GLN I 193 29.85 53.40 -1.02
N CYS I 194 29.19 52.73 -0.07
CA CYS I 194 27.73 52.65 -0.04
C CYS I 194 27.16 52.93 1.32
N TYR I 195 25.92 53.42 1.33
CA TYR I 195 25.19 53.59 2.58
C TYR I 195 24.62 52.26 3.06
N SER I 196 24.73 52.06 4.37
CA SER I 196 24.43 50.79 5.01
C SER I 196 23.35 50.96 6.07
N CYS I 197 22.28 50.16 5.97
CA CYS I 197 21.23 50.13 7.00
C CYS I 197 20.32 48.91 6.97
N LYS I 198 19.52 48.78 8.02
CA LYS I 198 18.52 47.73 8.13
C LYS I 198 17.35 48.24 8.96
N GLY I 199 16.13 48.07 8.45
CA GLY I 199 14.93 48.49 9.19
C GLY I 199 13.95 49.34 8.42
N GLN I 200 13.02 49.94 9.14
CA GLN I 200 12.00 50.82 8.57
C GLN I 200 12.65 52.12 8.13
N SER I 201 12.00 52.83 7.21
CA SER I 201 12.54 54.08 6.69
C SER I 201 12.48 55.23 7.72
N THR I 202 11.96 54.94 8.90
CA THR I 202 11.82 55.93 9.98
C THR I 202 12.44 55.46 11.30
N HIS I 203 13.05 54.26 11.31
CA HIS I 203 13.76 53.76 12.50
C HIS I 203 15.21 53.38 12.20
N GLY I 204 15.41 52.36 11.39
CA GLY I 204 16.75 51.84 11.09
C GLY I 204 17.39 52.41 9.82
N CYS I 205 16.56 52.73 8.83
CA CYS I 205 17.05 53.17 7.53
C CYS I 205 16.85 54.66 7.27
N SER I 206 16.38 55.38 8.28
CA SER I 206 16.23 56.82 8.19
C SER I 206 17.58 57.53 8.10
N SER I 207 17.54 58.83 7.76
CA SER I 207 18.74 59.67 7.75
C SER I 207 19.24 59.89 9.17
N GLU I 208 20.02 58.93 9.66
CA GLU I 208 20.64 58.97 11.00
C GLU I 208 21.43 57.68 11.22
N GLU I 209 20.81 56.55 10.90
CA GLU I 209 21.45 55.26 11.03
C GLU I 209 22.09 54.88 9.71
N THR I 210 21.79 55.61 8.64
CA THR I 210 22.39 55.30 7.35
C THR I 210 23.75 55.98 7.22
N PHE I 211 24.79 55.20 6.93
CA PHE I 211 26.16 55.72 6.85
C PHE I 211 27.00 55.02 5.79
N LEU I 212 28.15 55.60 5.47
CA LEU I 212 29.09 54.97 4.54
C LEU I 212 29.86 53.81 5.16
N ILE I 213 29.77 52.66 4.51
CA ILE I 213 30.68 51.55 4.72
C ILE I 213 31.58 51.52 3.48
N ASP I 214 32.78 50.96 3.59
CA ASP I 214 33.63 50.68 2.41
C ASP I 214 33.35 49.27 1.89
N CYS I 215 33.15 49.13 0.58
CA CYS I 215 32.77 47.84 0.00
C CYS I 215 33.92 46.87 -0.21
N ARG I 216 33.61 45.59 -0.09
CA ARG I 216 34.58 44.51 -0.22
C ARG I 216 34.34 43.66 -1.47
N GLY I 217 35.43 43.25 -2.10
CA GLY I 217 35.40 42.20 -3.13
C GLY I 217 34.68 42.56 -4.41
N PRO I 218 33.95 41.59 -4.98
CA PRO I 218 33.23 41.81 -6.23
C PRO I 218 31.89 42.50 -6.04
N MET I 219 31.67 43.05 -4.86
CA MET I 219 30.42 43.72 -4.50
C MET I 219 30.63 45.22 -4.64
N ASN I 220 30.83 45.67 -5.88
CA ASN I 220 31.22 47.05 -6.13
C ASN I 220 30.05 47.95 -6.55
N GLN I 221 28.83 47.51 -6.25
CA GLN I 221 27.65 48.31 -6.53
C GLN I 221 26.81 48.56 -5.26
N CYS I 222 26.02 49.64 -5.27
CA CYS I 222 25.16 49.96 -4.12
C CYS I 222 23.76 49.37 -4.28
N LEU I 223 23.26 48.76 -3.20
CA LEU I 223 21.97 48.09 -3.20
C LEU I 223 21.00 48.73 -2.21
N VAL I 224 19.78 48.96 -2.67
CA VAL I 224 18.66 49.22 -1.75
C VAL I 224 17.61 48.13 -1.95
N ALA I 225 17.31 47.38 -0.89
CA ALA I 225 16.25 46.37 -0.95
C ALA I 225 15.07 46.75 -0.07
N THR I 226 13.88 46.72 -0.65
CA THR I 226 12.68 47.01 0.11
C THR I 226 11.82 45.77 0.15
N GLY I 227 11.09 45.61 1.26
CA GLY I 227 10.25 44.44 1.45
C GLY I 227 9.28 44.63 2.59
N THR I 228 8.73 43.50 3.07
CA THR I 228 7.71 43.52 4.12
C THR I 228 8.02 42.57 5.28
N HIS I 229 7.45 42.89 6.43
CA HIS I 229 7.43 42.00 7.57
C HIS I 229 6.00 41.91 8.06
N GLU I 230 5.72 40.93 8.93
CA GLU I 230 4.43 40.81 9.60
C GLU I 230 4.68 41.02 11.10
N PRO I 231 3.70 41.45 11.91
CA PRO I 231 2.30 41.66 11.49
C PRO I 231 2.10 42.93 10.66
N LYS I 232 0.93 43.04 10.03
CA LYS I 232 0.63 44.09 9.05
C LYS I 232 1.60 44.01 7.87
N ASN I 233 1.49 44.91 6.92
CA ASN I 233 2.38 44.86 5.76
C ASN I 233 3.61 45.74 5.99
N GLN I 234 4.03 45.86 7.25
CA GLN I 234 5.06 46.82 7.65
C GLN I 234 6.29 46.70 6.78
N SER I 235 6.78 47.84 6.32
CA SER I 235 7.87 47.87 5.35
C SER I 235 9.27 47.96 5.95
N TYR I 236 10.13 47.07 5.50
CA TYR I 236 11.50 47.00 5.93
C TYR I 236 12.35 47.45 4.76
N MET I 237 13.60 47.80 5.06
CA MET I 237 14.54 48.24 4.04
C MET I 237 15.89 47.68 4.38
N VAL I 238 16.66 47.38 3.34
CA VAL I 238 18.07 47.01 3.51
C VAL I 238 18.94 47.80 2.52
N ARG I 239 19.88 48.56 3.05
CA ARG I 239 20.87 49.24 2.22
C ARG I 239 22.25 48.67 2.43
N GLY I 240 22.95 48.40 1.33
CA GLY I 240 24.35 48.00 1.42
C GLY I 240 25.12 47.93 0.12
N CYS I 241 26.31 47.32 0.21
CA CYS I 241 27.13 46.99 -0.96
C CYS I 241 26.61 45.71 -1.59
N ALA I 242 26.85 45.54 -2.88
CA ALA I 242 26.33 44.34 -3.57
C ALA I 242 26.96 44.11 -4.92
N THR I 243 26.95 42.85 -5.31
CA THR I 243 27.30 42.44 -6.65
C THR I 243 26.09 42.78 -7.51
N ALA I 244 26.26 43.01 -8.79
CA ALA I 244 25.12 43.47 -9.61
C ALA I 244 24.03 42.40 -9.78
N SER I 245 24.46 41.15 -9.93
CA SER I 245 23.52 40.03 -10.05
C SER I 245 22.52 39.99 -8.88
N MET I 246 22.90 40.59 -7.76
CA MET I 246 22.02 40.71 -6.61
C MET I 246 20.70 41.34 -7.01
N CYS I 247 20.75 42.23 -8.01
CA CYS I 247 19.54 42.87 -8.53
C CYS I 247 18.89 42.12 -9.68
N GLN I 248 19.53 41.05 -10.14
CA GLN I 248 19.15 40.45 -11.40
C GLN I 248 18.48 39.11 -11.25
N HIS I 249 18.70 38.44 -10.13
CA HIS I 249 18.18 37.09 -9.94
C HIS I 249 17.33 37.00 -8.68
N ALA I 250 16.04 36.76 -8.85
CA ALA I 250 15.13 36.50 -7.73
C ALA I 250 15.77 35.62 -6.64
N HIS I 251 16.43 34.53 -7.04
CA HIS I 251 17.01 33.57 -6.07
C HIS I 251 18.08 34.17 -5.17
N LEU I 252 18.78 35.20 -5.64
CA LEU I 252 19.76 35.92 -4.82
C LEU I 252 19.05 36.79 -3.79
N GLY I 253 17.96 37.43 -4.19
CA GLY I 253 17.19 38.27 -3.28
C GLY I 253 16.48 37.52 -2.16
N ASP I 254 16.34 36.20 -2.32
CA ASP I 254 15.70 35.37 -1.31
C ASP I 254 16.57 35.31 -0.05
N ALA I 255 17.86 35.57 -0.21
CA ALA I 255 18.74 35.80 0.93
C ALA I 255 18.11 36.70 2.02
N PHE I 256 17.42 37.76 1.61
CA PHE I 256 16.89 38.74 2.58
C PHE I 256 15.70 38.25 3.39
N SER I 257 15.66 38.65 4.66
CA SER I 257 14.63 38.16 5.61
C SER I 257 13.36 38.97 5.54
N MET I 258 12.84 39.13 4.34
CA MET I 258 11.56 39.79 4.13
C MET I 258 10.76 39.20 2.96
N ASN I 259 9.46 39.48 2.94
CA ASN I 259 8.56 39.07 1.86
C ASN I 259 8.39 40.19 0.84
N HIS I 260 7.77 39.89 -0.30
CA HIS I 260 7.54 40.86 -1.36
C HIS I 260 8.78 41.75 -1.60
N ILE I 261 9.82 41.19 -2.19
CA ILE I 261 11.09 41.89 -2.31
C ILE I 261 11.25 42.73 -3.59
N ASP I 262 11.78 43.94 -3.45
CA ASP I 262 12.19 44.74 -4.61
C ASP I 262 13.59 45.24 -4.35
N VAL I 263 14.51 44.93 -5.25
CA VAL I 263 15.91 45.27 -5.05
C VAL I 263 16.48 46.12 -6.19
N SER I 264 17.27 47.12 -5.82
CA SER I 264 17.81 48.06 -6.79
C SER I 264 19.31 48.23 -6.65
N CYS I 265 19.99 48.28 -7.79
CA CYS I 265 21.41 48.59 -7.81
C CYS I 265 21.66 49.89 -8.55
N CYS I 266 22.71 50.60 -8.14
CA CYS I 266 23.15 51.78 -8.83
C CYS I 266 24.66 51.75 -8.93
N THR I 267 25.22 52.70 -9.66
CA THR I 267 26.54 52.54 -10.21
C THR I 267 27.67 53.21 -9.41
N LYS I 268 27.58 54.52 -9.19
CA LYS I 268 28.66 55.29 -8.55
C LYS I 268 28.48 55.34 -7.01
N SER I 269 29.58 55.50 -6.28
CA SER I 269 29.56 55.50 -4.81
C SER I 269 28.51 56.41 -4.17
N GLY I 270 27.81 55.89 -3.17
CA GLY I 270 26.92 56.69 -2.33
C GLY I 270 25.52 56.98 -2.84
N CYS I 271 25.12 56.33 -3.92
CA CYS I 271 23.78 56.57 -4.51
C CYS I 271 22.64 55.91 -3.73
N ASN I 272 22.81 55.85 -2.40
CA ASN I 272 21.73 55.51 -1.48
C ASN I 272 21.47 56.71 -0.57
N HIS I 273 20.95 57.79 -1.14
CA HIS I 273 20.40 58.86 -0.32
C HIS I 273 19.35 58.19 0.56
N PRO I 274 19.09 58.73 1.75
CA PRO I 274 17.94 58.29 2.55
C PRO I 274 16.67 58.06 1.72
N ASP I 275 16.58 58.68 0.55
CA ASP I 275 15.51 58.42 -0.43
C ASP I 275 16.05 58.35 -1.87
N LYS J 1 3.80 34.30 1.30
CA LYS J 1 4.39 33.23 0.44
C LYS J 1 5.73 32.67 0.97
N SER J 2 6.84 33.12 0.34
CA SER J 2 8.20 32.55 0.43
C SER J 2 8.38 31.35 -0.49
N ASP J 3 9.33 31.47 -1.40
CA ASP J 3 9.65 30.40 -2.33
C ASP J 3 10.25 29.21 -1.57
N ALC J 4 9.87 27.99 -1.94
CA ALC J 4 10.35 26.79 -1.26
C ALC J 4 11.79 26.46 -1.55
O ALC J 4 12.54 26.18 -0.63
CB ALC J 4 9.46 25.63 -1.66
CG ALC J 4 9.81 24.32 -1.00
CD2 ALC J 4 9.42 24.42 0.47
CE2 ALC J 4 8.80 23.18 1.08
CZ ALC J 4 7.65 22.77 0.17
CE1 ALC J 4 8.22 22.26 -1.14
CD1 ALC J 4 9.09 23.27 -1.87
N PHE J 5 12.18 26.53 -2.82
CA PHE J 5 13.58 26.32 -3.25
C PHE J 5 14.47 27.46 -2.74
N DSN J 6 14.05 28.69 -3.03
CA DSN J 6 14.70 29.89 -2.53
C DSN J 6 15.05 29.76 -1.09
O DSN J 6 16.21 29.88 -0.69
CB DSN J 6 15.93 30.22 -3.36
OG DSN J 6 15.47 30.82 -4.59
N DLY J 7 14.02 29.49 -0.28
CA DLY J 7 14.17 29.30 1.17
C DLY J 7 15.22 28.27 1.56
O DLY J 7 16.05 28.51 2.43
CB DLY J 7 14.46 30.65 1.81
CG DLY J 7 13.32 31.64 1.59
CD DLY J 7 13.76 33.06 1.97
CE DLY J 7 12.76 34.09 1.46
NZ DLY J 7 13.11 35.41 1.95
N TYR J 8 15.19 27.11 0.92
CA TYR J 8 16.15 26.07 1.25
C TYR J 8 17.55 26.41 0.85
N LEU J 9 17.67 27.09 -0.28
CA LEU J 9 18.97 27.48 -0.82
C LEU J 9 19.71 28.34 0.19
N TRP J 10 18.98 29.30 0.78
CA TRP J 10 19.58 30.18 1.79
C TRP J 10 19.51 29.63 3.21
N SER J 11 18.71 28.59 3.43
CA SER J 11 18.48 28.16 4.81
C SER J 11 18.68 26.71 5.21
N SER J 12 18.44 25.76 4.31
CA SER J 12 18.42 24.36 4.74
C SER J 12 19.76 24.03 5.35
N LYS J 13 19.69 23.52 6.57
CA LYS J 13 20.87 23.17 7.34
C LYS J 13 21.28 21.73 7.05
N LEU K 1 13.78 35.27 11.06
CA LEU K 1 13.71 33.80 11.25
C LEU K 1 12.80 33.19 10.19
N ARG K 2 13.24 32.05 9.66
CA ARG K 2 12.41 31.26 8.75
C ARG K 2 12.18 29.90 9.38
N CYS K 3 10.96 29.41 9.27
CA CYS K 3 10.59 28.11 9.80
C CYS K 3 9.85 27.32 8.75
N MET K 4 9.78 26.01 8.92
CA MET K 4 8.81 25.26 8.14
C MET K 4 7.44 25.60 8.70
N GLN K 5 6.48 25.84 7.85
CA GLN K 5 5.09 25.89 8.32
C GLN K 5 4.24 24.77 7.73
N CYS K 6 3.70 23.93 8.59
CA CYS K 6 3.02 22.71 8.14
C CYS K 6 1.70 22.54 8.84
N LYS K 7 0.64 22.54 8.05
CA LYS K 7 -0.65 22.18 8.55
C LYS K 7 -0.66 20.71 8.92
N THR K 8 -1.76 20.30 9.53
CA THR K 8 -1.90 18.94 10.01
C THR K 8 -2.09 17.97 8.84
N ASN K 9 -2.67 18.48 7.76
CA ASN K 9 -2.90 17.72 6.55
C ASN K 9 -1.62 17.49 5.72
N GLY K 10 -0.49 18.06 6.17
CA GLY K 10 0.80 17.92 5.48
C GLY K 10 1.04 18.92 4.36
N ASP K 11 0.36 20.07 4.44
CA ASP K 11 0.49 21.25 3.56
C ASP K 11 1.57 22.23 4.10
N CYS K 12 2.76 22.18 3.52
CA CYS K 12 3.93 22.84 4.07
C CYS K 12 4.37 24.04 3.24
N ARG K 13 4.93 25.04 3.91
CA ARG K 13 5.63 26.09 3.21
C ARG K 13 6.80 26.53 4.05
N VAL K 14 7.71 27.22 3.41
CA VAL K 14 8.70 27.96 4.14
C VAL K 14 8.03 29.28 4.56
N GLU K 15 8.16 29.60 5.83
CA GLU K 15 7.53 30.76 6.45
C GLU K 15 8.57 31.72 6.98
N GLU K 16 8.42 33.01 6.65
CA GLU K 16 9.18 34.07 7.32
C GLU K 16 8.38 34.47 8.54
N CYS K 17 8.99 34.34 9.71
CA CYS K 17 8.30 34.68 10.93
C CYS K 17 7.85 36.15 10.96
N ALA K 18 6.81 36.41 11.73
CA ALA K 18 6.41 37.76 12.06
C ALA K 18 7.41 38.34 13.08
N LEU K 19 7.21 39.60 13.46
CA LEU K 19 8.12 40.34 14.35
C LEU K 19 8.36 39.72 15.73
N GLY K 20 7.30 39.30 16.41
CA GLY K 20 7.46 38.74 17.77
C GLY K 20 7.75 37.24 17.86
N GLN K 21 8.05 36.63 16.73
CA GLN K 21 8.15 35.18 16.62
C GLN K 21 9.58 34.71 16.27
N ASP K 22 10.44 34.59 17.27
CA ASP K 22 11.81 34.10 17.03
C ASP K 22 12.01 32.61 17.35
N LEU K 23 10.97 31.81 17.10
CA LEU K 23 11.07 30.37 17.33
C LEU K 23 10.30 29.58 16.30
N CYS K 24 10.81 28.39 16.01
CA CYS K 24 10.05 27.36 15.30
C CYS K 24 9.48 26.38 16.30
N ARG K 25 8.35 25.79 15.95
CA ARG K 25 7.75 24.74 16.75
C ARG K 25 7.30 23.53 15.93
N THR K 26 7.26 22.41 16.62
CA THR K 26 6.78 21.18 16.07
C THR K 26 5.89 20.67 17.16
N THR K 27 4.60 20.56 16.87
CA THR K 27 3.70 19.91 17.79
C THR K 27 3.33 18.56 17.21
N ILE K 28 3.55 17.51 18.00
CA ILE K 28 3.24 16.16 17.53
C ILE K 28 2.31 15.48 18.52
N VAL K 29 1.21 14.92 18.02
CA VAL K 29 0.35 14.11 18.87
C VAL K 29 0.33 12.68 18.31
N ARG K 30 0.60 11.72 19.17
CA ARG K 30 0.52 10.31 18.80
C ARG K 30 -0.55 9.66 19.65
N LEU K 31 -1.49 8.95 19.03
CA LEU K 31 -2.56 8.30 19.82
C LEU K 31 -3.12 7.02 19.22
N TRP K 32 -4.02 6.37 19.94
CA TRP K 32 -4.65 5.14 19.50
C TRP K 32 -6.14 5.36 19.36
N GLU K 33 -6.66 5.01 18.20
CA GLU K 33 -8.09 5.01 17.96
C GLU K 33 -8.44 3.70 17.32
N GLU K 34 -9.23 2.92 18.05
CA GLU K 34 -9.77 1.66 17.57
C GLU K 34 -8.68 0.69 17.06
N GLY K 35 -7.59 0.57 17.80
CA GLY K 35 -6.48 -0.31 17.43
C GLY K 35 -5.68 0.18 16.24
N GLU K 36 -5.47 1.48 16.18
CA GLU K 36 -4.74 2.10 15.10
C GLU K 36 -3.97 3.30 15.64
N GLU K 37 -2.64 3.30 15.46
CA GLU K 37 -1.76 4.43 15.80
C GLU K 37 -2.09 5.60 14.87
N LEU K 38 -2.45 6.74 15.44
CA LEU K 38 -2.64 7.94 14.64
C LEU K 38 -1.60 8.99 15.01
N GLU K 39 -1.30 9.87 14.06
CA GLU K 39 -0.36 10.96 14.29
C GLU K 39 -0.93 12.24 13.70
N LEU K 40 -0.47 13.36 14.25
CA LEU K 40 -0.83 14.68 13.78
C LEU K 40 0.38 15.56 14.11
N VAL K 41 0.79 16.33 13.10
CA VAL K 41 2.01 17.10 13.15
C VAL K 41 1.72 18.52 12.70
N GLU K 42 2.12 19.50 13.50
CA GLU K 42 1.92 20.90 13.13
C GLU K 42 3.22 21.66 13.34
N LYS K 43 3.71 22.33 12.30
CA LYS K 43 4.95 23.09 12.39
C LYS K 43 4.62 24.52 12.03
N SER K 44 5.21 25.48 12.75
CA SER K 44 5.08 26.91 12.40
C SER K 44 6.06 27.83 13.16
N CYS K 45 6.08 29.11 12.80
CA CYS K 45 6.73 30.11 13.61
C CYS K 45 5.90 30.33 14.87
N THR K 46 6.56 30.53 16.00
CA THR K 46 5.88 30.73 17.27
C THR K 46 6.49 31.89 18.05
N HIS K 47 5.80 32.33 19.10
CA HIS K 47 6.25 33.47 19.89
C HIS K 47 7.45 33.15 20.77
N SER K 48 8.32 34.15 20.97
CA SER K 48 9.62 33.95 21.64
C SER K 48 9.54 33.49 23.09
N GLU K 49 8.42 33.77 23.75
CA GLU K 49 8.23 33.34 25.13
C GLU K 49 7.93 31.84 25.27
N LYS K 50 7.68 31.15 24.14
CA LYS K 50 7.37 29.72 24.15
C LYS K 50 8.56 28.81 24.47
N THR K 51 8.28 27.54 24.79
CA THR K 51 9.30 26.57 25.24
C THR K 51 8.88 25.13 24.95
N ASN K 52 9.83 24.19 25.06
CA ASN K 52 9.55 22.76 25.03
C ASN K 52 8.51 22.41 26.05
N ARG K 53 7.55 21.57 25.66
CA ARG K 53 6.51 21.09 26.57
C ARG K 53 5.94 19.76 26.10
N THR K 54 5.29 19.04 27.02
CA THR K 54 5.01 17.63 26.83
C THR K 54 3.77 17.16 27.61
N LEU K 55 3.02 16.23 27.03
CA LEU K 55 1.85 15.64 27.70
C LEU K 55 1.61 14.18 27.30
N SER K 56 1.32 13.34 28.29
CA SER K 56 0.79 12.02 28.01
C SER K 56 -0.06 11.43 29.14
N TYR K 57 -1.06 10.64 28.73
CA TYR K 57 -1.96 9.89 29.61
C TYR K 57 -2.33 8.53 28.99
N ARG K 58 -2.54 7.52 29.83
CA ARG K 58 -3.01 6.18 29.42
C ARG K 58 -4.33 6.26 28.67
N THR K 59 -4.53 5.42 27.65
CA THR K 59 -5.83 5.32 26.98
C THR K 59 -6.31 3.88 26.82
N GLY K 60 -5.38 2.93 26.81
CA GLY K 60 -5.74 1.52 26.75
C GLY K 60 -4.57 0.65 27.12
N LEU K 61 -3.53 1.27 27.70
CA LEU K 61 -2.16 0.70 27.82
C LEU K 61 -1.31 1.12 26.61
N LYS K 62 -2.07 1.45 25.59
CA LYS K 62 -1.75 2.40 24.62
C LYS K 62 -1.82 3.76 25.34
N ILE K 63 -1.08 4.74 24.82
CA ILE K 63 -0.95 6.06 25.43
C ILE K 63 -1.31 7.15 24.39
N THR K 64 -1.76 8.31 24.85
CA THR K 64 -1.72 9.51 24.03
C THR K 64 -0.52 10.34 24.47
N SER K 65 0.44 10.58 23.58
CA SER K 65 1.56 11.45 23.94
C SER K 65 1.66 12.67 23.06
N LEU K 66 1.91 13.82 23.69
CA LEU K 66 1.94 15.11 23.02
C LEU K 66 3.30 15.78 23.21
N THR K 67 3.86 16.29 22.13
CA THR K 67 5.14 16.98 22.18
C THR K 67 5.06 18.35 21.46
N GLU K 68 5.62 19.39 22.07
CA GLU K 68 5.98 20.65 21.38
C GLU K 68 7.45 20.91 21.62
N VAL K 69 8.24 20.90 20.57
CA VAL K 69 9.61 21.31 20.72
C VAL K 69 9.80 22.64 20.04
N VAL K 70 10.84 23.34 20.47
CA VAL K 70 11.04 24.71 20.08
C VAL K 70 12.52 24.85 19.75
N CYS K 71 12.84 25.81 18.88
CA CYS K 71 14.25 26.12 18.57
C CYS K 71 14.35 27.45 17.83
N GLY K 72 15.51 28.11 17.96
CA GLY K 72 15.72 29.45 17.37
C GLY K 72 16.67 29.56 16.18
N LEU K 73 16.62 28.59 15.27
CA LEU K 73 17.47 28.60 14.08
C LEU K 73 16.62 28.42 12.81
N ASP K 74 17.06 28.97 11.68
CA ASP K 74 16.30 28.86 10.43
C ASP K 74 16.02 27.39 10.04
N LEU K 75 14.79 27.10 9.63
CA LEU K 75 14.35 25.73 9.32
C LEU K 75 14.76 24.64 10.33
N CYS K 76 14.89 24.97 11.60
CA CYS K 76 15.33 23.98 12.58
C CYS K 76 14.24 22.95 12.88
N ASN K 77 13.02 23.21 12.44
CA ASN K 77 11.94 22.24 12.56
C ASN K 77 11.71 21.52 11.23
N GLN K 78 12.79 21.22 10.54
CA GLN K 78 12.77 20.63 9.22
C GLN K 78 12.25 19.20 9.30
N SER K 90 13.69 2.39 28.60
CA SER K 90 13.85 3.73 29.18
C SER K 90 12.51 4.27 29.70
N ARG K 91 12.25 4.02 30.98
CA ARG K 91 11.08 4.56 31.67
C ARG K 91 11.62 5.42 32.80
N TYR K 92 10.86 6.44 33.20
CA TYR K 92 11.36 7.38 34.20
C TYR K 92 10.44 7.53 35.41
N LEU K 93 9.95 8.74 35.66
CA LEU K 93 9.09 9.00 36.80
C LEU K 93 7.74 8.29 36.65
N GLU K 94 7.28 7.71 37.75
CA GLU K 94 6.01 7.01 37.77
C GLU K 94 4.89 7.96 38.19
N CYS K 95 3.75 7.90 37.49
CA CYS K 95 2.60 8.75 37.79
C CYS K 95 1.29 8.03 37.58
N ILE K 96 0.29 8.44 38.34
CA ILE K 96 -1.10 8.07 38.07
C ILE K 96 -1.53 8.67 36.71
N SER K 97 -2.30 7.89 35.96
CA SER K 97 -2.89 8.38 34.72
C SER K 97 -4.30 7.85 34.57
N CYS K 98 -5.23 8.78 34.33
CA CYS K 98 -6.65 8.47 34.21
C CYS K 98 -7.35 9.73 33.73
N GLY K 99 -8.62 9.61 33.42
CA GLY K 99 -9.38 10.73 32.91
C GLY K 99 -9.47 10.64 31.41
N SER K 100 -9.02 9.52 30.87
CA SER K 100 -9.14 9.24 29.46
C SER K 100 -10.58 8.89 29.16
N SER K 101 -10.94 8.88 27.87
CA SER K 101 -12.29 8.54 27.45
C SER K 101 -12.73 7.21 28.08
N ASP K 102 -13.61 7.35 29.06
CA ASP K 102 -13.99 6.29 30.00
C ASP K 102 -12.91 5.33 30.53
N MET K 103 -11.88 5.93 31.11
CA MET K 103 -11.26 5.41 32.31
C MET K 103 -11.23 6.59 33.25
N SER K 104 -12.42 7.02 33.65
CA SER K 104 -12.62 8.19 34.50
C SER K 104 -11.71 8.12 35.72
N CYS K 105 -11.17 9.26 36.13
CA CYS K 105 -10.28 9.30 37.29
C CYS K 105 -10.92 8.72 38.58
N GLU K 106 -12.24 8.78 38.68
CA GLU K 106 -12.95 8.14 39.81
C GLU K 106 -12.88 6.61 39.88
N ARG K 107 -12.84 5.94 38.73
CA ARG K 107 -12.63 4.49 38.70
C ARG K 107 -11.19 4.15 38.33
N GLY K 108 -10.54 5.08 37.62
CA GLY K 108 -9.18 4.92 37.10
C GLY K 108 -8.05 5.37 38.02
N ARG K 109 -8.40 6.06 39.12
CA ARG K 109 -7.45 6.28 40.24
C ARG K 109 -6.73 4.97 40.55
N HIS K 110 -5.41 5.05 40.79
CA HIS K 110 -4.55 3.86 41.05
C HIS K 110 -3.81 3.32 39.80
N GLN K 111 -4.31 3.67 38.61
CA GLN K 111 -3.66 3.31 37.34
C GLN K 111 -2.41 4.14 37.18
N SER K 112 -1.27 3.48 37.03
CA SER K 112 -0.02 4.21 36.92
C SER K 112 0.59 4.18 35.51
N LEU K 113 1.50 5.13 35.27
CA LEU K 113 2.17 5.31 34.00
C LEU K 113 3.59 5.78 34.32
N GLN K 114 4.58 5.10 33.75
CA GLN K 114 5.94 5.57 33.75
C GLN K 114 6.07 6.59 32.63
N CYS K 115 6.42 7.82 33.00
CA CYS K 115 6.69 8.87 32.04
C CYS K 115 7.80 8.44 31.11
N ARG K 116 7.60 8.74 29.84
CA ARG K 116 8.50 8.29 28.79
C ARG K 116 9.69 9.25 28.64
N SER K 117 9.62 10.40 29.29
CA SER K 117 10.71 11.38 29.27
C SER K 117 11.28 11.70 30.64
N PRO K 118 12.58 11.98 30.71
CA PRO K 118 13.24 12.31 31.98
C PRO K 118 12.70 13.58 32.63
N GLU K 119 12.34 14.58 31.83
CA GLU K 119 11.89 15.87 32.35
C GLU K 119 10.47 15.81 32.88
N GLU K 120 9.69 14.85 32.37
CA GLU K 120 8.25 14.75 32.70
C GLU K 120 7.98 14.56 34.18
N GLN K 121 6.97 15.28 34.64
CA GLN K 121 6.50 15.22 36.03
C GLN K 121 5.06 14.68 36.04
N CYS K 122 4.53 14.40 37.22
CA CYS K 122 3.14 13.97 37.38
C CYS K 122 2.15 15.13 37.28
N LEU K 123 1.18 14.97 36.39
CA LEU K 123 0.16 15.99 36.13
C LEU K 123 -1.19 15.66 36.73
N ASP K 124 -1.81 16.67 37.34
CA ASP K 124 -3.22 16.62 37.71
C ASP K 124 -3.92 17.87 37.22
N VAL K 125 -4.95 17.69 36.41
CA VAL K 125 -5.67 18.84 35.90
C VAL K 125 -7.17 18.62 36.00
N VAL K 126 -7.83 19.60 36.60
CA VAL K 126 -9.26 19.54 36.90
C VAL K 126 -10.01 20.81 36.47
N THR K 127 -11.16 20.63 35.83
CA THR K 127 -12.11 21.70 35.61
C THR K 127 -13.45 21.27 36.18
N HIS K 128 -13.97 22.03 37.14
CA HIS K 128 -15.30 21.77 37.66
C HIS K 128 -16.25 22.92 37.34
N TRP K 129 -17.44 22.61 36.84
CA TRP K 129 -18.47 23.62 36.67
C TRP K 129 -19.46 23.61 37.83
N ILE K 130 -19.68 24.77 38.41
CA ILE K 130 -20.50 24.91 39.61
C ILE K 130 -21.87 25.48 39.26
N LYS K 139 -23.33 20.89 31.31
CA LYS K 139 -22.07 20.99 32.04
C LYS K 139 -21.24 19.70 31.93
N ASP K 140 -19.92 19.87 31.83
CA ASP K 140 -18.99 18.73 31.71
C ASP K 140 -17.79 18.90 32.65
N ASP K 141 -17.54 17.89 33.48
CA ASP K 141 -16.41 17.94 34.40
C ASP K 141 -15.21 17.17 33.86
N ARG K 142 -14.06 17.84 33.81
CA ARG K 142 -12.89 17.18 33.27
C ARG K 142 -11.82 17.02 34.32
N HIS K 143 -11.30 15.80 34.41
CA HIS K 143 -10.20 15.48 35.30
C HIS K 143 -9.19 14.66 34.51
N LEU K 144 -7.92 14.98 34.69
CA LEU K 144 -6.89 14.27 33.97
C LEU K 144 -5.62 14.18 34.75
N ARG K 145 -5.14 12.95 34.88
CA ARG K 145 -3.83 12.70 35.44
C ARG K 145 -2.96 12.04 34.37
N GLY K 146 -1.71 12.45 34.34
CA GLY K 146 -0.77 11.89 33.41
C GLY K 146 0.63 12.45 33.61
N CYS K 147 1.42 12.33 32.56
CA CYS K 147 2.75 12.87 32.54
C CYS K 147 2.76 14.16 31.78
N GLY K 148 3.63 15.05 32.18
CA GLY K 148 3.82 16.27 31.43
C GLY K 148 5.01 17.06 31.89
N TYR K 149 5.43 17.95 31.01
CA TYR K 149 6.47 18.92 31.26
C TYR K 149 5.89 20.24 30.81
N LEU K 150 5.72 21.14 31.78
CA LEU K 150 5.20 22.47 31.55
C LEU K 150 6.10 23.48 32.24
N PRO K 151 6.20 24.69 31.71
CA PRO K 151 6.96 25.76 32.37
C PRO K 151 6.38 26.08 33.74
N GLY K 152 7.25 26.28 34.73
CA GLY K 152 6.84 26.65 36.07
C GLY K 152 6.50 25.48 36.96
N CYS K 153 7.14 24.35 36.70
CA CYS K 153 6.90 23.15 37.47
C CYS K 153 8.12 22.78 38.29
N PRO K 154 7.95 22.21 39.47
CA PRO K 154 6.64 21.83 40.03
C PRO K 154 5.88 23.00 40.64
N GLY K 155 4.61 22.77 40.96
CA GLY K 155 3.80 23.80 41.57
C GLY K 155 2.31 23.61 41.36
N SER K 156 1.53 24.24 42.23
CA SER K 156 0.09 24.20 42.13
C SER K 156 -0.40 25.46 41.43
N ASN K 157 -1.42 25.32 40.59
CA ASN K 157 -1.94 26.44 39.84
C ASN K 157 -3.43 26.35 39.71
N GLY K 158 -4.09 27.48 39.85
CA GLY K 158 -5.52 27.47 39.63
C GLY K 158 -6.28 28.77 39.70
N PHE K 159 -7.60 28.63 39.54
CA PHE K 159 -8.55 29.72 39.41
C PHE K 159 -9.96 29.29 39.81
N HIS K 160 -10.67 30.11 40.57
CA HIS K 160 -12.10 29.90 40.75
C HIS K 160 -12.94 31.16 40.82
N ASN K 161 -14.17 31.09 40.33
CA ASN K 161 -15.21 32.05 40.65
C ASN K 161 -16.48 31.28 40.99
N ASN K 162 -17.63 31.96 41.00
CA ASN K 162 -18.86 31.29 41.38
C ASN K 162 -19.33 30.19 40.43
N ASP K 163 -18.84 30.17 39.20
CA ASP K 163 -19.31 29.19 38.22
C ASP K 163 -18.27 28.14 37.81
N THR K 164 -17.00 28.42 38.10
CA THR K 164 -15.91 27.67 37.50
C THR K 164 -14.74 27.43 38.45
N PHE K 165 -14.02 26.33 38.22
CA PHE K 165 -12.83 26.00 38.97
C PHE K 165 -11.88 25.29 38.02
N HIS K 166 -10.70 25.87 37.80
CA HIS K 166 -9.65 25.28 36.97
C HIS K 166 -8.45 24.99 37.86
N PHE K 167 -7.88 23.79 37.75
CA PHE K 167 -6.71 23.49 38.55
C PHE K 167 -5.67 22.66 37.83
N LEU K 168 -4.41 23.02 38.01
CA LEU K 168 -3.32 22.23 37.46
C LEU K 168 -2.20 22.14 38.46
N LYS K 169 -1.81 20.89 38.74
CA LYS K 169 -0.83 20.57 39.73
C LYS K 169 0.21 19.66 39.06
N CYS K 170 1.48 20.08 39.12
CA CYS K 170 2.60 19.28 38.64
C CYS K 170 3.63 19.13 39.74
N CYS K 171 4.28 17.97 39.76
CA CYS K 171 5.13 17.57 40.87
C CYS K 171 6.11 16.49 40.39
N ASN K 172 7.15 16.22 41.17
CA ASN K 172 8.24 15.34 40.73
C ASN K 172 8.62 14.14 41.62
N THR K 173 7.73 13.76 42.55
CA THR K 173 7.92 12.49 43.27
C THR K 173 6.94 11.42 42.77
N THR K 174 7.32 10.16 42.99
CA THR K 174 6.58 8.99 42.51
C THR K 174 5.11 9.06 42.90
N LYS K 175 4.23 8.78 41.92
CA LYS K 175 2.79 8.67 42.15
C LYS K 175 2.20 9.82 42.96
N CYS K 176 2.89 10.97 42.98
CA CYS K 176 2.47 12.07 43.84
C CYS K 176 1.10 12.63 43.43
N ASN K 177 0.71 12.42 42.18
CA ASN K 177 -0.59 12.84 41.71
C ASN K 177 -1.71 11.89 42.16
N GLU K 178 -1.37 10.98 43.06
CA GLU K 178 -2.37 10.08 43.66
C GLU K 178 -3.29 10.87 44.59
N GLY K 179 -4.45 10.31 44.87
CA GLY K 179 -5.33 10.91 45.84
C GLY K 179 -6.71 11.18 45.30
N PRO K 180 -7.64 11.50 46.20
CA PRO K 180 -9.01 11.87 45.80
C PRO K 180 -9.00 13.01 44.80
N ILE K 181 -10.00 13.04 43.94
CA ILE K 181 -10.30 14.18 43.09
C ILE K 181 -10.22 15.45 43.92
N LEU K 182 -9.42 16.42 43.47
CA LEU K 182 -9.39 17.73 44.13
C LEU K 182 -10.71 18.47 43.94
N GLU K 183 -11.28 18.89 45.05
CA GLU K 183 -12.55 19.59 45.04
C GLU K 183 -12.37 20.91 45.76
N LEU K 184 -12.94 21.98 45.18
CA LEU K 184 -12.70 23.35 45.64
C LEU K 184 -13.07 23.53 47.10
N GLU K 185 -14.16 22.89 47.51
CA GLU K 185 -14.68 22.96 48.88
C GLU K 185 -13.66 22.41 49.91
N ASN K 186 -12.67 21.64 49.44
CA ASN K 186 -11.60 21.13 50.30
C ASN K 186 -10.40 22.06 50.39
N LEU K 187 -10.48 23.20 49.70
CA LEU K 187 -9.42 24.18 49.78
C LEU K 187 -9.85 25.27 50.76
N PRO K 188 -9.14 25.39 51.87
CA PRO K 188 -9.55 26.30 52.94
C PRO K 188 -9.60 27.74 52.46
N GLN K 189 -10.49 28.54 53.05
CA GLN K 189 -10.56 29.99 52.79
C GLN K 189 -9.23 30.71 52.97
N ASN K 190 -9.00 31.70 52.12
CA ASN K 190 -7.73 32.41 52.00
C ASN K 190 -7.53 33.58 52.97
N GLY K 191 -8.63 34.20 53.35
CA GLY K 191 -8.58 35.56 53.86
C GLY K 191 -8.82 36.48 52.69
N ARG K 192 -8.28 36.13 51.54
CA ARG K 192 -8.46 36.93 50.32
C ARG K 192 -9.88 36.87 49.77
N GLN K 193 -10.32 37.99 49.18
CA GLN K 193 -11.55 37.97 48.39
C GLN K 193 -11.53 38.85 47.16
N CYS K 194 -12.23 38.36 46.14
CA CYS K 194 -12.20 38.88 44.80
C CYS K 194 -13.57 38.88 44.20
N TYR K 195 -13.73 39.56 43.08
CA TYR K 195 -15.01 39.60 42.43
C TYR K 195 -15.14 38.47 41.44
N SER K 196 -16.37 38.03 41.23
CA SER K 196 -16.69 36.92 40.37
C SER K 196 -17.74 37.34 39.36
N CYS K 197 -17.43 37.13 38.09
CA CYS K 197 -18.38 37.29 37.01
C CYS K 197 -17.99 36.40 35.84
N LYS K 198 -18.89 36.23 34.89
CA LYS K 198 -18.62 35.42 33.69
C LYS K 198 -19.47 35.86 32.51
N GLY K 199 -18.81 36.40 31.49
CA GLY K 199 -19.48 36.74 30.24
C GLY K 199 -19.22 38.15 29.73
N GLN K 200 -20.26 38.71 29.09
CA GLN K 200 -20.21 40.06 28.54
C GLN K 200 -20.47 41.09 29.64
N SER K 201 -19.99 42.31 29.45
CA SER K 201 -20.21 43.39 30.40
C SER K 201 -21.54 44.13 30.14
N THR K 202 -22.61 43.34 29.93
CA THR K 202 -23.98 43.83 29.78
C THR K 202 -24.93 42.73 30.23
N HIS K 203 -24.60 41.49 29.87
CA HIS K 203 -25.19 40.29 30.48
C HIS K 203 -24.07 39.33 30.88
N GLY K 204 -23.79 39.28 32.18
CA GLY K 204 -22.78 38.37 32.73
C GLY K 204 -21.73 38.99 33.64
N CYS K 205 -21.30 40.22 33.33
CA CYS K 205 -20.23 40.86 34.09
C CYS K 205 -20.57 42.32 34.37
N SER K 206 -21.83 42.56 34.75
CA SER K 206 -22.36 43.91 34.86
C SER K 206 -21.97 44.60 36.17
N SER K 207 -22.98 44.80 37.02
CA SER K 207 -22.84 45.38 38.34
C SER K 207 -24.03 44.88 39.12
N GLU K 208 -23.81 44.50 40.38
CA GLU K 208 -24.76 43.67 41.14
C GLU K 208 -24.82 42.28 40.51
N GLU K 209 -24.50 42.17 39.21
CA GLU K 209 -24.24 40.87 38.58
C GLU K 209 -22.85 40.39 38.99
N THR K 210 -21.89 41.29 38.99
CA THR K 210 -20.56 41.03 39.56
C THR K 210 -20.65 41.13 41.10
N PHE K 211 -19.98 40.20 41.80
CA PHE K 211 -20.03 40.17 43.27
C PHE K 211 -18.77 39.58 43.94
N LEU K 212 -18.74 39.67 45.28
CA LEU K 212 -17.54 39.42 46.07
C LEU K 212 -17.55 38.04 46.73
N ILE K 213 -16.57 37.21 46.36
CA ILE K 213 -16.46 35.84 46.84
C ILE K 213 -15.20 35.59 47.67
N ASP K 214 -15.24 34.53 48.48
CA ASP K 214 -14.12 34.12 49.34
C ASP K 214 -13.15 33.22 48.61
N CYS K 215 -11.94 33.72 48.37
CA CYS K 215 -10.88 32.91 47.72
C CYS K 215 -10.47 31.72 48.57
N ARG K 216 -10.02 30.67 47.91
CA ARG K 216 -9.68 29.45 48.61
C ARG K 216 -8.32 28.98 48.14
N GLY K 217 -7.61 28.27 49.02
CA GLY K 217 -6.33 27.62 48.69
C GLY K 217 -5.21 28.60 48.38
N PRO K 218 -4.29 28.20 47.50
CA PRO K 218 -3.22 29.08 47.05
C PRO K 218 -3.70 30.15 46.08
N MET K 219 -4.97 30.07 45.65
CA MET K 219 -5.55 31.09 44.78
C MET K 219 -5.86 32.32 45.61
N ASN K 220 -4.84 33.16 45.79
CA ASN K 220 -4.90 34.29 46.72
C ASN K 220 -4.83 35.66 46.04
N GLN K 221 -4.92 35.68 44.71
CA GLN K 221 -4.95 36.94 43.98
C GLN K 221 -6.21 37.08 43.13
N CYS K 222 -6.63 38.32 42.92
CA CYS K 222 -7.81 38.64 42.11
C CYS K 222 -7.43 38.77 40.63
N LEU K 223 -8.25 38.17 39.77
CA LEU K 223 -7.91 38.06 38.34
C LEU K 223 -9.01 38.52 37.41
N VAL K 224 -8.67 39.41 36.49
CA VAL K 224 -9.54 39.68 35.35
C VAL K 224 -8.90 39.13 34.08
N ALA K 225 -9.73 38.67 33.16
CA ALA K 225 -9.27 38.22 31.86
C ALA K 225 -10.32 38.52 30.81
N THR K 226 -9.94 39.29 29.80
CA THR K 226 -10.83 39.57 28.67
C THR K 226 -10.35 38.79 27.44
N GLY K 227 -11.25 38.65 26.46
CA GLY K 227 -10.95 37.94 25.22
C GLY K 227 -12.16 37.79 24.34
N THR K 228 -12.05 36.96 23.30
CA THR K 228 -13.14 36.77 22.33
C THR K 228 -13.55 35.30 22.23
N HIS K 229 -14.71 35.05 21.62
CA HIS K 229 -15.28 33.70 21.52
C HIS K 229 -15.24 33.16 20.07
N GLU K 230 -16.17 32.26 19.74
CA GLU K 230 -16.28 31.72 18.38
C GLU K 230 -17.72 31.73 17.87
N PRO K 231 -17.91 32.17 16.62
CA PRO K 231 -16.84 32.68 15.78
C PRO K 231 -16.62 34.20 15.87
N LYS K 232 -17.61 34.99 15.47
CA LYS K 232 -17.51 36.46 15.41
C LYS K 232 -17.27 37.10 16.76
N ASN K 233 -16.37 38.08 16.79
CA ASN K 233 -15.88 38.67 18.03
C ASN K 233 -16.95 39.32 18.89
N GLN K 234 -16.98 38.93 20.16
CA GLN K 234 -17.79 39.59 21.19
C GLN K 234 -16.96 39.77 22.44
N SER K 235 -16.97 40.97 23.00
CA SER K 235 -16.19 41.30 24.19
C SER K 235 -16.68 40.51 25.40
N TYR K 236 -15.90 39.48 25.75
CA TYR K 236 -16.24 38.52 26.80
C TYR K 236 -15.16 38.56 27.87
N MET K 237 -15.55 38.48 29.14
CA MET K 237 -14.57 38.43 30.23
C MET K 237 -14.89 37.52 31.41
N VAL K 238 -13.88 37.31 32.25
CA VAL K 238 -13.97 36.45 33.42
C VAL K 238 -13.27 37.14 34.58
N ARG K 239 -13.88 37.11 35.75
CA ARG K 239 -13.12 37.50 36.94
C ARG K 239 -13.28 36.54 38.09
N GLY K 240 -12.23 36.41 38.88
CA GLY K 240 -12.25 35.51 40.04
C GLY K 240 -10.98 35.46 40.85
N CYS K 241 -10.86 34.41 41.65
CA CYS K 241 -9.69 34.14 42.46
C CYS K 241 -8.69 33.34 41.63
N ALA K 242 -7.40 33.62 41.82
CA ALA K 242 -6.38 32.93 41.04
C ALA K 242 -5.05 32.85 41.74
N THR K 243 -4.28 31.88 41.31
CA THR K 243 -2.88 31.74 41.62
C THR K 243 -2.13 32.75 40.72
N ALA K 244 -0.99 33.26 41.17
CA ALA K 244 -0.24 34.26 40.38
C ALA K 244 0.23 33.71 39.01
N SER K 245 0.47 32.41 38.94
CA SER K 245 0.90 31.79 37.70
C SER K 245 -0.15 31.87 36.59
N MET K 246 -1.42 31.91 36.97
CA MET K 246 -2.54 32.09 36.04
C MET K 246 -2.35 33.27 35.11
N CYS K 247 -1.55 34.24 35.55
CA CYS K 247 -1.29 35.44 34.75
C CYS K 247 0.05 35.41 34.03
N GLN K 248 0.91 34.47 34.41
CA GLN K 248 2.24 34.36 33.80
C GLN K 248 2.28 33.47 32.57
N HIS K 249 1.72 32.26 32.68
CA HIS K 249 1.84 31.27 31.62
C HIS K 249 0.61 31.19 30.71
N ALA K 250 0.86 31.24 29.40
CA ALA K 250 -0.20 31.05 28.39
C ALA K 250 -0.94 29.71 28.51
N HIS K 251 -0.24 28.66 28.93
CA HIS K 251 -0.86 27.34 29.02
C HIS K 251 -1.84 27.25 30.17
N LEU K 252 -1.72 28.17 31.12
CA LEU K 252 -2.72 28.26 32.20
C LEU K 252 -3.88 29.14 31.71
N GLY K 253 -3.55 30.26 31.10
CA GLY K 253 -4.56 31.12 30.50
C GLY K 253 -5.40 30.38 29.48
N ASP K 254 -4.87 29.30 28.91
CA ASP K 254 -5.64 28.47 27.98
C ASP K 254 -6.83 27.75 28.64
N ALA K 255 -6.88 27.78 29.97
CA ALA K 255 -7.99 27.21 30.72
C ALA K 255 -9.32 27.91 30.38
N PHE K 256 -9.23 29.17 30.02
CA PHE K 256 -10.39 30.01 29.82
C PHE K 256 -11.08 29.85 28.47
N SER K 257 -10.43 29.18 27.52
CA SER K 257 -10.98 29.05 26.17
C SER K 257 -11.32 30.42 25.58
N MET K 258 -10.29 31.17 25.17
CA MET K 258 -10.46 32.50 24.57
C MET K 258 -9.40 32.81 23.51
N ASN K 259 -9.88 33.10 22.29
CA ASN K 259 -9.03 33.17 21.10
C ASN K 259 -8.01 34.31 21.15
N HIS K 260 -8.50 35.54 21.30
CA HIS K 260 -7.68 36.66 21.73
C HIS K 260 -7.74 36.57 23.24
N ILE K 261 -6.68 37.00 23.93
CA ILE K 261 -6.61 36.80 25.40
C ILE K 261 -5.66 37.75 26.14
N ASP K 262 -6.23 38.49 27.09
CA ASP K 262 -5.45 39.30 28.03
C ASP K 262 -5.90 39.02 29.47
N VAL K 263 -4.93 38.73 30.34
CA VAL K 263 -5.23 38.30 31.70
C VAL K 263 -4.34 39.01 32.72
N SER K 264 -4.97 39.64 33.71
CA SER K 264 -4.23 40.41 34.70
C SER K 264 -4.55 40.02 36.14
N CYS K 265 -3.53 39.99 36.99
CA CYS K 265 -3.67 39.71 38.41
C CYS K 265 -3.03 40.79 39.29
N CYS K 266 -3.72 41.14 40.38
CA CYS K 266 -3.15 42.05 41.40
C CYS K 266 -3.25 41.44 42.81
N THR K 267 -2.61 42.08 43.77
CA THR K 267 -2.41 41.47 45.09
C THR K 267 -3.40 41.88 46.18
N LYS K 268 -4.16 42.95 45.98
CA LYS K 268 -5.02 43.42 47.07
C LYS K 268 -6.50 43.08 46.94
N SER K 269 -7.02 42.42 47.98
CA SER K 269 -8.43 42.12 48.13
C SER K 269 -9.31 43.23 47.54
N GLY K 270 -10.08 42.89 46.51
CA GLY K 270 -11.06 43.83 45.92
C GLY K 270 -10.65 44.54 44.62
N CYS K 271 -9.34 44.33 44.28
CA CYS K 271 -8.70 45.06 43.16
C CYS K 271 -9.23 44.71 41.76
N ASN K 272 -9.99 43.61 41.65
CA ASN K 272 -10.52 43.14 40.36
C ASN K 272 -11.93 43.65 40.07
N HIS K 273 -12.35 44.67 40.83
CA HIS K 273 -13.63 45.33 40.64
C HIS K 273 -13.75 45.93 39.23
N PRO K 274 -14.95 45.87 38.64
CA PRO K 274 -15.20 46.50 37.34
C PRO K 274 -14.96 48.01 37.36
N ASP K 275 -13.88 48.45 36.70
CA ASP K 275 -13.51 49.87 36.61
C ASP K 275 -12.13 50.05 35.94
N LEU K 276 -11.13 49.31 36.44
CA LEU K 276 -9.74 49.43 36.00
C LEU K 276 -9.52 48.77 34.65
N LYS L 1 -7.78 27.72 15.60
CA LYS L 1 -8.00 28.88 16.53
C LYS L 1 -8.28 28.30 17.92
N SER L 2 -7.58 28.83 18.93
CA SER L 2 -7.32 28.13 20.21
C SER L 2 -6.22 27.14 19.87
N ASP L 3 -5.09 27.23 20.56
CA ASP L 3 -3.93 26.48 20.07
C ASP L 3 -3.88 25.01 20.48
N ALC L 4 -3.12 24.26 19.70
CA ALC L 4 -3.17 22.81 19.70
C ALC L 4 -2.80 22.16 20.99
O ALC L 4 -3.49 21.26 21.44
CB ALC L 4 -2.25 22.42 18.54
CG ALC L 4 -2.29 20.94 18.25
CD2 ALC L 4 -3.68 20.55 17.72
CE2 ALC L 4 -3.76 19.08 17.31
CZ ALC L 4 -2.64 18.66 16.36
CE1 ALC L 4 -1.26 19.12 16.85
CD1 ALC L 4 -1.24 20.61 17.19
N PHE L 5 -1.70 22.59 21.61
CA PHE L 5 -1.23 21.97 22.83
C PHE L 5 -2.10 22.36 23.99
N DSN L 6 -2.35 23.66 24.13
CA DSN L 6 -3.28 24.20 25.12
C DSN L 6 -4.52 23.38 25.21
O DSN L 6 -4.93 22.97 26.29
CB DSN L 6 -2.58 24.32 26.47
OG DSN L 6 -1.56 25.31 26.32
N DLY L 7 -5.11 23.09 24.04
CA DLY L 7 -6.37 22.36 23.93
C DLY L 7 -6.32 21.00 24.57
O DLY L 7 -7.20 20.66 25.36
CB DLY L 7 -7.47 23.18 24.60
CG DLY L 7 -8.50 23.67 23.59
CD DLY L 7 -8.64 25.18 23.69
CE DLY L 7 -9.89 25.60 24.46
NZ DLY L 7 -9.65 25.40 25.89
N TYR L 8 -5.28 20.24 24.27
CA TYR L 8 -5.09 18.96 24.94
C TYR L 8 -5.02 19.04 26.48
N LEU L 9 -4.31 20.04 27.00
CA LEU L 9 -4.14 20.20 28.44
C LEU L 9 -5.47 20.36 29.14
N TRP L 10 -6.36 21.17 28.55
CA TRP L 10 -7.63 21.55 29.19
C TRP L 10 -8.85 20.81 28.65
N SER L 11 -8.72 20.12 27.51
CA SER L 11 -9.92 19.56 26.89
C SER L 11 -9.84 18.11 26.43
N SER L 12 -8.64 17.59 26.24
CA SER L 12 -8.48 16.26 25.65
C SER L 12 -8.98 15.14 26.52
N LYS L 13 -9.46 14.08 25.87
CA LYS L 13 -9.88 12.86 26.59
C LYS L 13 -9.30 11.57 25.96
N LEU M 1 -16.56 19.87 21.31
CA LEU M 1 -16.08 21.30 21.14
C LEU M 1 -14.79 21.52 20.29
N ARG M 2 -13.89 20.54 20.19
CA ARG M 2 -13.04 20.45 19.00
C ARG M 2 -13.39 19.14 18.33
N CYS M 3 -13.48 19.17 17.01
CA CYS M 3 -13.75 17.98 16.24
C CYS M 3 -12.74 17.89 15.13
N MET M 4 -12.61 16.74 14.48
CA MET M 4 -11.92 16.71 13.20
C MET M 4 -12.86 17.30 12.13
N GLN M 5 -12.30 18.01 11.16
CA GLN M 5 -13.04 18.36 9.97
C GLN M 5 -12.36 17.80 8.72
N CYS M 6 -13.05 16.95 7.97
CA CYS M 6 -12.43 16.33 6.81
C CYS M 6 -13.34 16.37 5.61
N LYS M 7 -12.78 16.86 4.51
CA LYS M 7 -13.41 16.69 3.22
C LYS M 7 -13.36 15.19 2.89
N THR M 8 -14.13 14.83 1.88
CA THR M 8 -14.11 13.53 1.26
C THR M 8 -12.74 12.93 0.86
N ASN M 9 -11.75 13.75 0.59
CA ASN M 9 -10.42 13.25 0.18
C ASN M 9 -9.45 12.88 1.29
N GLY M 10 -9.92 12.75 2.52
CA GLY M 10 -9.03 12.52 3.65
C GLY M 10 -8.21 13.74 4.06
N ASP M 11 -8.66 14.94 3.72
CA ASP M 11 -8.01 16.19 4.07
C ASP M 11 -8.66 16.84 5.30
N CYS M 12 -7.97 16.76 6.44
CA CYS M 12 -8.51 17.15 7.74
C CYS M 12 -7.78 18.27 8.42
N ARG M 13 -8.47 18.89 9.35
CA ARG M 13 -7.88 19.86 10.25
C ARG M 13 -8.60 19.69 11.57
N VAL M 14 -8.06 20.31 12.61
CA VAL M 14 -8.73 20.36 13.90
C VAL M 14 -9.65 21.57 13.84
N GLU M 15 -10.95 21.45 14.12
CA GLU M 15 -11.76 22.68 14.21
C GLU M 15 -12.29 22.99 15.58
N GLU M 16 -12.32 24.28 15.89
CA GLU M 16 -13.07 24.84 17.03
C GLU M 16 -14.50 25.03 16.59
N CYS M 17 -15.40 24.27 17.22
CA CYS M 17 -16.83 24.34 16.89
C CYS M 17 -17.38 25.68 17.24
N ALA M 18 -18.36 26.12 16.46
CA ALA M 18 -19.08 27.37 16.71
C ALA M 18 -20.00 27.28 17.93
N LEU M 19 -20.58 28.42 18.29
CA LEU M 19 -21.38 28.55 19.51
C LEU M 19 -22.47 27.48 19.74
N GLY M 20 -23.31 27.23 18.75
CA GLY M 20 -24.38 26.23 18.91
C GLY M 20 -23.98 24.85 18.43
N GLN M 21 -22.69 24.57 18.47
CA GLN M 21 -22.19 23.33 17.91
C GLN M 21 -21.40 22.49 18.91
N ASP M 22 -22.11 21.82 19.82
CA ASP M 22 -21.44 21.03 20.85
C ASP M 22 -21.48 19.52 20.58
N LEU M 23 -21.44 19.14 19.30
CA LEU M 23 -21.29 17.75 18.90
C LEU M 23 -20.33 17.63 17.72
N CYS M 24 -19.64 16.48 17.64
CA CYS M 24 -18.82 16.13 16.50
C CYS M 24 -19.57 15.11 15.70
N ARG M 25 -19.40 15.11 14.40
CA ARG M 25 -20.07 14.11 13.59
C ARG M 25 -19.15 13.46 12.57
N THR M 26 -19.56 12.30 12.07
CA THR M 26 -18.89 11.56 11.01
C THR M 26 -19.94 11.02 10.05
N THR M 27 -19.81 11.30 8.77
CA THR M 27 -20.76 10.81 7.79
C THR M 27 -20.06 9.85 6.84
N ILE M 28 -20.62 8.66 6.71
CA ILE M 28 -20.09 7.65 5.81
C ILE M 28 -21.15 7.19 4.81
N VAL M 29 -20.92 7.50 3.54
CA VAL M 29 -21.70 6.89 2.48
C VAL M 29 -20.86 5.82 1.80
N ARG M 30 -21.43 4.61 1.72
CA ARG M 30 -20.84 3.47 1.02
C ARG M 30 -21.64 3.13 -0.21
N LEU M 31 -21.13 3.47 -1.38
CA LEU M 31 -21.87 3.19 -2.60
C LEU M 31 -21.15 2.18 -3.50
N TRP M 32 -21.87 1.70 -4.51
CA TRP M 32 -21.30 0.77 -5.48
C TRP M 32 -21.46 1.28 -6.91
N GLU M 33 -20.49 0.98 -7.76
CA GLU M 33 -20.75 0.80 -9.20
C GLU M 33 -19.47 0.41 -9.94
N GLU M 34 -19.67 -0.28 -11.06
CA GLU M 34 -18.69 -1.23 -11.55
C GLU M 34 -18.64 -2.33 -10.49
N GLY M 35 -17.52 -3.06 -10.39
CA GLY M 35 -17.37 -4.05 -9.32
C GLY M 35 -17.31 -3.37 -7.95
N GLU M 36 -16.70 -2.20 -7.93
CA GLU M 36 -16.16 -1.62 -6.71
C GLU M 36 -17.15 -1.00 -5.73
N GLU M 37 -16.88 -1.27 -4.45
CA GLU M 37 -17.48 -0.52 -3.36
C GLU M 37 -16.67 0.76 -3.17
N LEU M 38 -17.37 1.87 -3.02
CA LEU M 38 -16.74 3.17 -2.85
C LEU M 38 -17.15 3.73 -1.52
N GLU M 39 -16.19 4.28 -0.80
CA GLU M 39 -16.46 4.94 0.48
C GLU M 39 -16.34 6.45 0.33
N LEU M 40 -17.11 7.18 1.14
CA LEU M 40 -17.04 8.62 1.19
C LEU M 40 -17.29 9.06 2.63
N VAL M 41 -16.22 9.51 3.28
CA VAL M 41 -16.28 9.97 4.66
C VAL M 41 -16.10 11.49 4.76
N GLU M 42 -17.09 12.16 5.34
CA GLU M 42 -17.00 13.56 5.72
C GLU M 42 -16.99 13.70 7.26
N LYS M 43 -16.22 14.64 7.80
CA LYS M 43 -16.29 14.93 9.27
C LYS M 43 -16.37 16.42 9.57
N SER M 44 -16.97 16.78 10.72
CA SER M 44 -16.99 18.17 11.16
C SER M 44 -17.72 18.31 12.48
N CYS M 45 -17.63 19.49 13.05
CA CYS M 45 -18.54 19.91 14.11
C CYS M 45 -19.92 19.95 13.49
N THR M 46 -20.95 19.85 14.31
CA THR M 46 -22.33 19.93 13.86
C THR M 46 -23.20 20.38 15.02
N HIS M 47 -24.38 20.90 14.72
CA HIS M 47 -25.28 21.47 15.72
C HIS M 47 -25.63 20.46 16.82
N SER M 48 -25.97 20.97 18.00
CA SER M 48 -26.15 20.14 19.19
C SER M 48 -27.43 19.30 19.20
N GLU M 49 -28.31 19.50 18.23
CA GLU M 49 -29.54 18.73 18.22
C GLU M 49 -29.52 17.53 17.27
N LYS M 50 -28.44 17.36 16.53
CA LYS M 50 -28.34 16.23 15.61
C LYS M 50 -28.16 14.92 16.39
N THR M 51 -28.39 13.80 15.69
CA THR M 51 -28.37 12.49 16.32
C THR M 51 -27.84 11.53 15.29
N ASN M 52 -27.45 10.35 15.74
CA ASN M 52 -27.14 9.24 14.87
C ASN M 52 -28.31 8.99 13.93
N ARG M 53 -28.01 8.70 12.68
CA ARG M 53 -29.04 8.49 11.68
C ARG M 53 -28.44 7.68 10.53
N THR M 54 -29.26 6.82 9.92
CA THR M 54 -28.75 5.94 8.90
C THR M 54 -29.76 5.47 7.86
N LEU M 55 -29.28 5.20 6.65
CA LEU M 55 -30.13 4.63 5.59
C LEU M 55 -29.33 3.54 4.94
N SER M 56 -30.03 2.53 4.44
CA SER M 56 -29.39 1.52 3.60
C SER M 56 -30.39 0.73 2.79
N TYR M 57 -29.97 0.32 1.61
CA TYR M 57 -30.79 -0.49 0.75
C TYR M 57 -29.95 -1.40 -0.12
N ARG M 58 -30.63 -2.35 -0.74
CA ARG M 58 -30.02 -3.29 -1.68
C ARG M 58 -29.56 -2.62 -2.96
N THR M 59 -28.38 -3.01 -3.43
CA THR M 59 -27.84 -2.56 -4.72
C THR M 59 -27.53 -3.77 -5.62
N GLY M 60 -27.35 -4.93 -5.01
CA GLY M 60 -27.14 -6.19 -5.72
C GLY M 60 -26.78 -7.34 -4.80
N LEU M 61 -27.07 -7.19 -3.51
CA LEU M 61 -26.52 -8.05 -2.40
C LEU M 61 -25.31 -7.34 -1.82
N LYS M 62 -24.93 -6.34 -2.58
CA LYS M 62 -24.11 -5.29 -2.17
C LYS M 62 -25.15 -4.36 -1.62
N ILE M 63 -24.87 -3.77 -0.46
CA ILE M 63 -25.80 -2.88 0.22
C ILE M 63 -25.27 -1.46 0.14
N THR M 64 -26.05 -0.54 -0.40
CA THR M 64 -25.73 0.89 -0.32
C THR M 64 -26.13 1.41 1.06
N SER M 65 -25.25 2.14 1.74
CA SER M 65 -25.62 2.65 3.06
C SER M 65 -25.01 3.98 3.42
N LEU M 66 -25.85 4.85 3.99
CA LEU M 66 -25.41 6.13 4.54
C LEU M 66 -25.42 6.05 6.05
N THR M 67 -24.47 6.69 6.69
CA THR M 67 -24.38 6.59 8.13
C THR M 67 -23.82 7.86 8.66
N GLU M 68 -24.43 8.36 9.73
CA GLU M 68 -23.97 9.59 10.29
C GLU M 68 -23.94 9.36 11.80
N VAL M 69 -22.79 9.60 12.43
CA VAL M 69 -22.73 9.38 13.87
C VAL M 69 -22.16 10.56 14.57
N VAL M 70 -22.58 10.71 15.81
CA VAL M 70 -22.47 11.95 16.50
C VAL M 70 -21.93 11.69 17.88
N CYS M 71 -21.08 12.58 18.38
CA CYS M 71 -20.47 12.42 19.72
C CYS M 71 -19.99 13.76 20.32
N GLY M 72 -20.00 13.83 21.65
CA GLY M 72 -19.79 15.11 22.31
C GLY M 72 -18.46 15.36 22.98
N LEU M 73 -17.45 14.58 22.66
CA LEU M 73 -16.18 14.65 23.38
C LEU M 73 -15.01 15.11 22.51
N ASP M 74 -14.12 15.88 23.11
CA ASP M 74 -13.01 16.41 22.37
C ASP M 74 -12.46 15.40 21.36
N LEU M 75 -12.46 15.81 20.09
CA LEU M 75 -11.91 14.98 18.98
C LEU M 75 -12.42 13.53 18.91
N CYS M 76 -13.65 13.28 19.36
CA CYS M 76 -14.19 11.93 19.39
C CYS M 76 -14.55 11.34 18.03
N ASN M 77 -14.44 12.13 16.96
CA ASN M 77 -14.62 11.66 15.59
C ASN M 77 -13.28 11.47 14.88
N GLN M 78 -12.22 11.33 15.66
CA GLN M 78 -10.93 11.03 15.10
C GLN M 78 -10.94 9.54 14.81
N GLY M 79 -10.28 9.14 13.74
CA GLY M 79 -10.18 7.72 13.41
C GLY M 79 -11.33 7.19 12.58
N ASN M 80 -11.37 5.87 12.39
CA ASN M 80 -12.37 5.25 11.53
C ASN M 80 -13.40 4.50 12.36
N SER M 81 -14.51 5.19 12.65
CA SER M 81 -15.65 4.59 13.35
C SER M 81 -16.84 4.50 12.39
N SER M 88 -19.20 -7.95 11.85
CA SER M 88 -20.55 -7.46 11.60
C SER M 88 -21.62 -8.48 12.05
N ARG M 89 -22.28 -8.17 13.16
CA ARG M 89 -23.39 -8.98 13.69
C ARG M 89 -24.45 -9.34 12.63
N SER M 90 -25.06 -8.31 12.05
CA SER M 90 -26.17 -8.41 11.08
C SER M 90 -27.42 -9.17 11.58
N ARG M 91 -28.37 -9.35 10.67
CA ARG M 91 -29.75 -9.81 10.92
C ARG M 91 -30.49 -9.28 12.17
N TYR M 92 -31.30 -8.24 11.95
CA TYR M 92 -32.22 -7.70 12.96
C TYR M 92 -33.61 -7.60 12.32
N LEU M 93 -34.22 -6.41 12.35
CA LEU M 93 -35.51 -6.24 11.69
C LEU M 93 -35.40 -6.47 10.17
N GLU M 94 -36.41 -7.12 9.61
CA GLU M 94 -36.45 -7.47 8.19
C GLU M 94 -37.36 -6.49 7.43
N CYS M 95 -36.83 -5.89 6.36
CA CYS M 95 -37.51 -4.78 5.67
C CYS M 95 -37.47 -4.92 4.17
N ILE M 96 -38.55 -4.49 3.51
CA ILE M 96 -38.57 -4.43 2.05
C ILE M 96 -37.56 -3.40 1.54
N SER M 97 -36.66 -3.84 0.66
CA SER M 97 -35.74 -2.92 0.02
C SER M 97 -36.01 -2.84 -1.46
N CYS M 98 -36.06 -1.62 -1.98
CA CYS M 98 -36.15 -1.39 -3.42
C CYS M 98 -36.05 0.10 -3.73
N GLY M 99 -36.06 0.44 -5.02
CA GLY M 99 -35.90 1.81 -5.47
C GLY M 99 -34.48 2.01 -5.95
N SER M 100 -33.64 1.05 -5.59
CA SER M 100 -32.31 0.96 -6.09
C SER M 100 -32.33 1.06 -7.61
N SER M 101 -31.49 1.95 -8.14
CA SER M 101 -31.11 1.97 -9.55
C SER M 101 -31.78 0.87 -10.37
N ASP M 102 -31.41 -0.39 -10.12
CA ASP M 102 -31.87 -1.54 -10.92
C ASP M 102 -33.26 -2.08 -10.56
N MET M 103 -33.39 -2.69 -9.37
CA MET M 103 -34.69 -3.23 -8.94
C MET M 103 -35.63 -2.12 -8.46
N SER M 104 -36.36 -1.54 -9.41
CA SER M 104 -37.30 -0.47 -9.12
C SER M 104 -38.55 -0.97 -8.39
N CYS M 105 -38.79 -0.42 -7.20
CA CYS M 105 -39.94 -0.78 -6.32
C CYS M 105 -41.21 -1.24 -7.05
N GLU M 106 -41.52 -0.60 -8.17
CA GLU M 106 -42.56 -1.04 -9.09
C GLU M 106 -42.34 -2.51 -9.45
N ARG M 107 -41.40 -2.81 -10.34
CA ARG M 107 -41.06 -4.21 -10.66
C ARG M 107 -40.13 -4.86 -9.62
N GLY M 108 -39.61 -4.05 -8.69
CA GLY M 108 -38.71 -4.53 -7.63
C GLY M 108 -39.46 -5.20 -6.49
N ARG M 109 -40.66 -5.70 -6.83
CA ARG M 109 -41.48 -6.57 -5.99
C ARG M 109 -41.35 -6.39 -4.49
N HIS M 110 -41.16 -7.52 -3.82
CA HIS M 110 -40.96 -7.57 -2.40
C HIS M 110 -39.45 -7.55 -2.21
N GLN M 111 -38.85 -8.70 -1.89
CA GLN M 111 -37.40 -8.78 -1.68
C GLN M 111 -37.00 -8.01 -0.43
N SER M 112 -36.72 -8.74 0.64
CA SER M 112 -36.43 -8.12 1.92
C SER M 112 -34.96 -7.80 2.09
N LEU M 113 -34.66 -7.13 3.20
CA LEU M 113 -33.31 -6.83 3.62
C LEU M 113 -33.31 -6.91 5.13
N GLN M 114 -32.29 -7.58 5.67
CA GLN M 114 -32.10 -7.60 7.10
C GLN M 114 -31.24 -6.45 7.52
N CYS M 115 -31.84 -5.54 8.27
CA CYS M 115 -31.12 -4.44 8.90
C CYS M 115 -29.95 -4.96 9.72
N ARG M 116 -28.84 -4.25 9.61
CA ARG M 116 -27.57 -4.74 10.14
C ARG M 116 -27.29 -4.06 11.48
N SER M 117 -28.30 -3.32 11.97
CA SER M 117 -28.26 -2.65 13.25
C SER M 117 -29.64 -2.72 13.95
N PRO M 118 -29.67 -2.98 15.26
CA PRO M 118 -30.93 -3.09 16.01
C PRO M 118 -31.80 -1.83 16.09
N GLU M 119 -31.20 -0.65 15.96
CA GLU M 119 -31.94 0.59 15.98
C GLU M 119 -32.76 0.79 14.70
N GLU M 120 -32.33 0.16 13.62
CA GLU M 120 -32.87 0.42 12.28
C GLU M 120 -34.32 -0.02 12.15
N GLN M 121 -35.09 0.74 11.37
CA GLN M 121 -36.48 0.45 11.08
C GLN M 121 -36.67 0.30 9.57
N CYS M 122 -37.91 0.06 9.15
CA CYS M 122 -38.25 0.01 7.74
C CYS M 122 -38.58 1.42 7.24
N LEU M 123 -37.86 1.86 6.20
CA LEU M 123 -38.04 3.18 5.65
C LEU M 123 -38.80 3.13 4.33
N ASP M 124 -39.70 4.08 4.14
CA ASP M 124 -40.33 4.28 2.86
C ASP M 124 -40.26 5.78 2.65
N VAL M 125 -39.49 6.20 1.64
CA VAL M 125 -39.35 7.60 1.30
C VAL M 125 -39.75 7.78 -0.17
N VAL M 126 -40.57 8.79 -0.43
CA VAL M 126 -41.14 9.02 -1.76
C VAL M 126 -41.16 10.49 -2.15
N THR M 127 -40.85 10.77 -3.40
CA THR M 127 -40.99 12.11 -3.98
C THR M 127 -41.75 11.96 -5.26
N HIS M 128 -42.82 12.74 -5.41
CA HIS M 128 -43.63 12.69 -6.63
C HIS M 128 -43.88 14.08 -7.20
N TRP M 129 -43.60 14.24 -8.49
CA TRP M 129 -43.87 15.50 -9.20
C TRP M 129 -45.14 15.40 -10.00
N ILE M 130 -46.04 16.36 -9.79
CA ILE M 130 -47.39 16.23 -10.31
C ILE M 130 -47.52 16.67 -11.78
N GLN M 131 -46.68 17.62 -12.20
CA GLN M 131 -46.58 17.92 -13.64
C GLN M 131 -45.83 16.80 -14.37
N ASP M 140 -38.75 13.28 -12.38
CA ASP M 140 -38.76 11.82 -12.34
C ASP M 140 -38.84 11.32 -10.90
N ASP M 141 -39.84 10.47 -10.63
CA ASP M 141 -40.24 10.07 -9.27
C ASP M 141 -39.23 9.22 -8.51
N ARG M 142 -39.16 9.42 -7.20
CA ARG M 142 -38.32 8.58 -6.36
C ARG M 142 -39.14 7.80 -5.33
N HIS M 143 -38.95 6.49 -5.30
CA HIS M 143 -39.53 5.68 -4.26
C HIS M 143 -38.43 4.76 -3.77
N LEU M 144 -38.06 4.92 -2.51
CA LEU M 144 -37.01 4.11 -1.93
C LEU M 144 -37.52 3.48 -0.65
N ARG M 145 -37.27 2.17 -0.52
CA ARG M 145 -37.57 1.46 0.70
C ARG M 145 -36.30 0.78 1.12
N GLY M 146 -36.04 0.75 2.42
CA GLY M 146 -34.88 0.04 2.96
C GLY M 146 -34.83 0.05 4.47
N CYS M 147 -33.63 -0.05 5.02
CA CYS M 147 -33.42 0.11 6.46
C CYS M 147 -32.95 1.52 6.81
N GLY M 148 -33.09 1.88 8.08
CA GLY M 148 -32.61 3.18 8.53
C GLY M 148 -33.18 3.66 9.84
N TYR M 149 -32.55 4.66 10.41
CA TYR M 149 -33.06 5.30 11.61
C TYR M 149 -33.02 6.81 11.47
N LEU M 150 -34.12 7.46 11.86
CA LEU M 150 -34.25 8.91 11.87
C LEU M 150 -34.90 9.38 13.17
N PRO M 151 -34.55 10.57 13.65
CA PRO M 151 -35.29 11.21 14.73
C PRO M 151 -36.78 11.27 14.39
N GLY M 152 -37.63 10.99 15.37
CA GLY M 152 -39.10 10.96 15.16
C GLY M 152 -39.57 9.68 14.49
N CYS M 153 -38.81 8.61 14.67
CA CYS M 153 -39.15 7.33 14.12
C CYS M 153 -39.57 6.40 15.26
N PRO M 154 -40.67 5.68 15.09
CA PRO M 154 -41.45 5.65 13.85
C PRO M 154 -42.44 6.82 13.68
N GLY M 155 -43.02 6.91 12.49
CA GLY M 155 -44.05 7.90 12.19
C GLY M 155 -44.18 8.13 10.70
N SER M 156 -45.19 8.89 10.29
CA SER M 156 -45.38 9.29 8.90
C SER M 156 -45.12 10.78 8.77
N ASN M 157 -44.38 11.14 7.73
CA ASN M 157 -43.89 12.50 7.59
C ASN M 157 -44.13 12.91 6.18
N GLY M 158 -44.56 14.16 5.97
CA GLY M 158 -44.83 14.54 4.60
C GLY M 158 -45.24 15.94 4.27
N PHE M 159 -45.16 16.22 2.97
CA PHE M 159 -45.54 17.49 2.38
C PHE M 159 -46.30 17.26 1.06
N HIS M 160 -47.30 18.10 0.79
CA HIS M 160 -47.82 18.22 -0.57
C HIS M 160 -48.36 19.59 -0.96
N ASN M 161 -48.18 19.96 -2.22
CA ASN M 161 -48.90 21.06 -2.82
C ASN M 161 -49.35 20.64 -4.22
N ASN M 162 -49.84 21.57 -5.03
CA ASN M 162 -50.32 21.20 -6.37
C ASN M 162 -49.26 20.64 -7.31
N ASP M 163 -47.99 20.84 -6.97
CA ASP M 163 -46.87 20.47 -7.85
C ASP M 163 -46.06 19.28 -7.32
N THR M 164 -45.91 19.23 -6.00
CA THR M 164 -44.96 18.35 -5.32
C THR M 164 -45.60 17.51 -4.23
N PHE M 165 -45.00 16.34 -3.97
CA PHE M 165 -45.36 15.43 -2.91
C PHE M 165 -44.09 14.77 -2.37
N HIS M 166 -43.89 14.85 -1.05
CA HIS M 166 -42.74 14.26 -0.36
C HIS M 166 -43.24 13.50 0.87
N PHE M 167 -42.84 12.24 1.03
CA PHE M 167 -43.34 11.43 2.13
C PHE M 167 -42.28 10.51 2.67
N LEU M 168 -42.16 10.48 3.98
CA LEU M 168 -41.24 9.58 4.57
C LEU M 168 -41.93 8.81 5.70
N LYS M 169 -41.90 7.49 5.60
CA LYS M 169 -42.48 6.66 6.62
C LYS M 169 -41.43 5.69 7.12
N CYS M 170 -41.33 5.58 8.45
CA CYS M 170 -40.58 4.52 9.11
C CYS M 170 -41.50 3.83 10.11
N CYS M 171 -41.38 2.51 10.21
CA CYS M 171 -42.11 1.73 11.20
C CYS M 171 -41.26 0.55 11.66
N ASN M 172 -41.54 0.01 12.84
CA ASN M 172 -40.64 -0.95 13.48
C ASN M 172 -41.16 -2.39 13.65
N THR M 173 -42.01 -2.83 12.74
CA THR M 173 -42.43 -4.23 12.65
C THR M 173 -41.90 -4.84 11.36
N THR M 174 -41.79 -6.17 11.31
CA THR M 174 -41.25 -6.91 10.15
C THR M 174 -41.99 -6.54 8.87
N LYS M 175 -41.22 -6.20 7.83
CA LYS M 175 -41.73 -5.88 6.49
C LYS M 175 -42.99 -4.98 6.47
N CYS M 176 -43.08 -4.09 7.46
CA CYS M 176 -44.21 -3.17 7.55
C CYS M 176 -44.19 -2.09 6.44
N ASN M 177 -43.12 -2.07 5.64
CA ASN M 177 -43.04 -1.18 4.48
C ASN M 177 -43.42 -1.92 3.20
N GLU M 178 -44.06 -3.06 3.35
CA GLU M 178 -44.57 -3.82 2.22
C GLU M 178 -45.84 -3.16 1.72
N GLY M 179 -46.12 -3.28 0.44
CA GLY M 179 -47.33 -2.71 -0.11
C GLY M 179 -47.15 -1.90 -1.39
N PRO M 180 -48.26 -1.41 -1.91
CA PRO M 180 -48.26 -0.69 -3.17
C PRO M 180 -47.59 0.68 -3.03
N ILE M 181 -46.96 1.11 -4.11
CA ILE M 181 -46.40 2.45 -4.19
C ILE M 181 -47.44 3.38 -3.56
N LEU M 182 -47.00 4.13 -2.54
CA LEU M 182 -47.86 5.13 -1.92
C LEU M 182 -48.04 6.30 -2.87
N GLU M 183 -49.30 6.70 -3.08
CA GLU M 183 -49.57 7.89 -3.87
C GLU M 183 -50.63 8.75 -3.22
N LEU M 184 -50.59 10.05 -3.55
CA LEU M 184 -51.34 11.10 -2.85
C LEU M 184 -52.86 10.92 -2.90
N GLU M 185 -53.36 10.54 -4.08
CA GLU M 185 -54.79 10.36 -4.30
C GLU M 185 -55.39 9.23 -3.44
N ASN M 186 -54.57 8.23 -3.13
CA ASN M 186 -54.99 7.15 -2.23
C ASN M 186 -54.93 7.56 -0.76
N LEU M 187 -54.33 8.71 -0.49
CA LEU M 187 -54.42 9.31 0.83
C LEU M 187 -55.74 10.06 0.96
N PRO M 188 -56.55 9.62 1.92
CA PRO M 188 -57.86 10.18 2.15
C PRO M 188 -57.72 11.64 2.49
N GLN M 189 -58.72 12.43 2.18
CA GLN M 189 -58.73 13.84 2.49
C GLN M 189 -59.04 14.07 3.96
N ASN M 190 -58.16 14.77 4.66
CA ASN M 190 -58.44 15.26 6.01
C ASN M 190 -59.22 16.56 5.91
N GLY M 191 -59.45 17.21 7.04
CA GLY M 191 -60.19 18.47 7.06
C GLY M 191 -59.53 19.61 6.32
N ARG M 192 -58.29 19.95 6.71
CA ARG M 192 -57.64 21.24 6.42
C ARG M 192 -57.47 21.61 4.95
N GLN M 193 -57.21 22.91 4.73
CA GLN M 193 -56.87 23.44 3.41
C GLN M 193 -55.90 24.60 3.50
N CYS M 194 -54.86 24.54 2.67
CA CYS M 194 -53.77 25.53 2.66
C CYS M 194 -53.49 26.02 1.26
N TYR M 195 -52.80 27.15 1.19
CA TYR M 195 -52.34 27.68 -0.10
C TYR M 195 -51.18 26.85 -0.67
N SER M 196 -51.19 26.73 -1.98
CA SER M 196 -50.20 25.97 -2.70
C SER M 196 -49.50 26.90 -3.67
N CYS M 197 -48.17 26.85 -3.68
CA CYS M 197 -47.36 27.62 -4.63
C CYS M 197 -45.90 27.24 -4.58
N LYS M 198 -45.20 27.49 -5.67
CA LYS M 198 -43.75 27.46 -5.69
C LYS M 198 -43.23 28.63 -6.54
N GLY M 199 -42.16 29.27 -6.07
CA GLY M 199 -41.51 30.31 -6.85
C GLY M 199 -41.02 31.45 -6.01
N GLN M 200 -40.84 32.60 -6.64
CA GLN M 200 -40.43 33.81 -5.96
C GLN M 200 -41.66 34.47 -5.34
N SER M 201 -41.44 35.41 -4.43
CA SER M 201 -42.51 36.20 -3.78
C SER M 201 -43.29 37.04 -4.79
N THR M 202 -42.58 37.53 -5.80
CA THR M 202 -43.14 38.45 -6.78
C THR M 202 -43.92 37.74 -7.88
N HIS M 203 -43.54 36.51 -8.20
CA HIS M 203 -44.15 35.80 -9.33
C HIS M 203 -44.90 34.53 -8.94
N GLY M 204 -44.14 33.45 -8.72
CA GLY M 204 -44.70 32.14 -8.43
C GLY M 204 -45.57 32.08 -7.19
N CYS M 205 -45.17 32.79 -6.14
CA CYS M 205 -45.84 32.68 -4.86
C CYS M 205 -46.60 33.94 -4.40
N SER M 206 -46.87 34.83 -5.35
CA SER M 206 -47.46 36.14 -5.06
C SER M 206 -48.92 36.09 -4.59
N SER M 207 -49.82 35.95 -5.54
CA SER M 207 -51.27 35.97 -5.35
C SER M 207 -51.80 35.63 -6.73
N GLU M 208 -50.85 35.66 -7.67
CA GLU M 208 -50.99 35.07 -9.00
C GLU M 208 -51.28 33.59 -8.83
N GLU M 209 -50.23 32.81 -8.58
CA GLU M 209 -50.32 31.36 -8.60
C GLU M 209 -50.69 30.77 -7.23
N THR M 210 -51.15 31.61 -6.30
CA THR M 210 -51.45 31.11 -4.96
C THR M 210 -52.94 30.84 -4.77
N PHE M 211 -53.27 29.62 -4.35
CA PHE M 211 -54.66 29.17 -4.22
C PHE M 211 -54.78 28.09 -3.16
N LEU M 212 -55.99 27.89 -2.65
CA LEU M 212 -56.26 26.85 -1.65
C LEU M 212 -56.36 25.48 -2.29
N ILE M 213 -55.81 24.51 -1.58
CA ILE M 213 -55.73 23.13 -2.04
C ILE M 213 -56.26 22.27 -0.88
N ASP M 214 -56.81 21.09 -1.17
CA ASP M 214 -57.36 20.20 -0.14
C ASP M 214 -56.27 19.32 0.47
N CYS M 215 -56.09 19.36 1.78
CA CYS M 215 -55.01 18.56 2.41
C CYS M 215 -55.38 17.09 2.59
N ARG M 216 -54.41 16.20 2.40
CA ARG M 216 -54.72 14.77 2.22
C ARG M 216 -54.69 13.87 3.48
N GLY M 217 -53.54 13.41 3.90
CA GLY M 217 -53.52 12.35 4.91
C GLY M 217 -53.23 12.91 6.27
N PRO M 218 -52.12 12.49 6.89
CA PRO M 218 -51.67 13.05 8.16
C PRO M 218 -51.05 14.43 7.96
N MET M 219 -51.18 15.00 6.77
CA MET M 219 -50.64 16.32 6.45
C MET M 219 -51.70 17.38 6.68
N ASN M 220 -52.03 17.61 7.94
CA ASN M 220 -53.16 18.47 8.31
C ASN M 220 -52.78 19.90 8.68
N GLN M 221 -51.53 20.28 8.43
CA GLN M 221 -51.06 21.62 8.77
C GLN M 221 -50.58 22.41 7.54
N CYS M 222 -50.45 23.73 7.68
CA CYS M 222 -50.02 24.57 6.56
C CYS M 222 -48.56 25.03 6.69
N LEU M 223 -47.78 24.71 5.66
CA LEU M 223 -46.35 24.99 5.64
C LEU M 223 -46.04 26.13 4.69
N VAL M 224 -45.19 27.04 5.14
CA VAL M 224 -44.47 27.89 4.19
C VAL M 224 -42.97 27.71 4.35
N ALA M 225 -42.32 27.24 3.29
CA ALA M 225 -40.87 27.14 3.32
C ALA M 225 -40.23 28.16 2.42
N THR M 226 -39.21 28.82 2.94
CA THR M 226 -38.47 29.80 2.17
C THR M 226 -37.04 29.33 2.07
N GLY M 227 -36.36 29.76 1.00
CA GLY M 227 -35.01 29.33 0.76
C GLY M 227 -34.32 30.16 -0.30
N THR M 228 -33.16 29.69 -0.73
CA THR M 228 -32.37 30.39 -1.73
C THR M 228 -31.91 29.49 -2.88
N HIS M 229 -31.60 30.14 -3.99
CA HIS M 229 -31.21 29.50 -5.23
C HIS M 229 -30.10 30.31 -5.87
N GLU M 230 -29.16 29.62 -6.53
CA GLU M 230 -28.09 30.30 -7.26
C GLU M 230 -28.55 30.62 -8.69
N PRO M 231 -27.98 31.64 -9.33
CA PRO M 231 -26.99 32.52 -8.71
C PRO M 231 -27.65 33.64 -7.91
N LYS M 232 -26.82 34.55 -7.39
CA LYS M 232 -27.28 35.76 -6.69
C LYS M 232 -28.07 35.49 -5.40
N ASN M 233 -27.90 34.30 -4.81
CA ASN M 233 -28.59 33.91 -3.58
C ASN M 233 -30.09 34.29 -3.64
N GLN M 234 -30.75 33.83 -4.70
CA GLN M 234 -32.09 34.28 -5.09
C GLN M 234 -33.17 33.63 -4.23
N SER M 235 -33.96 34.45 -3.56
CA SER M 235 -35.03 33.95 -2.67
C SER M 235 -36.11 33.14 -3.40
N TYR M 236 -36.52 32.06 -2.76
CA TYR M 236 -37.44 31.10 -3.34
C TYR M 236 -38.37 30.63 -2.24
N MET M 237 -39.60 30.28 -2.60
CA MET M 237 -40.61 29.93 -1.63
C MET M 237 -41.37 28.66 -2.03
N VAL M 238 -41.93 27.98 -1.03
CA VAL M 238 -42.84 26.88 -1.25
C VAL M 238 -43.95 26.91 -0.20
N ARG M 239 -45.20 26.85 -0.66
CA ARG M 239 -46.32 26.72 0.27
C ARG M 239 -47.09 25.46 0.00
N GLY M 240 -47.54 24.81 1.07
CA GLY M 240 -48.39 23.63 0.94
C GLY M 240 -48.93 23.04 2.23
N CYS M 241 -49.54 21.85 2.12
CA CYS M 241 -49.93 21.03 3.26
C CYS M 241 -48.74 20.21 3.79
N ALA M 242 -48.76 19.91 5.09
CA ALA M 242 -47.62 19.22 5.73
C ALA M 242 -48.00 18.51 7.04
N THR M 243 -47.16 17.58 7.48
CA THR M 243 -47.21 17.11 8.87
C THR M 243 -46.43 18.13 9.70
N ALA M 244 -46.75 18.22 10.99
CA ALA M 244 -45.99 19.06 11.91
C ALA M 244 -44.48 18.81 11.85
N SER M 245 -44.06 17.54 11.83
CA SER M 245 -42.63 17.16 11.81
C SER M 245 -41.85 17.82 10.68
N MET M 246 -42.54 18.11 9.59
CA MET M 246 -42.00 18.83 8.45
C MET M 246 -41.37 20.15 8.86
N CYS M 247 -41.78 20.67 10.00
CA CYS M 247 -41.20 21.90 10.59
C CYS M 247 -40.26 21.58 11.74
N GLN M 248 -40.23 20.33 12.16
CA GLN M 248 -39.48 19.96 13.36
C GLN M 248 -38.10 19.40 13.04
N HIS M 249 -37.92 18.81 11.85
CA HIS M 249 -36.67 18.11 11.56
C HIS M 249 -35.94 18.60 10.32
N ALA M 250 -34.68 18.94 10.48
CA ALA M 250 -33.88 19.44 9.37
C ALA M 250 -33.85 18.44 8.21
N HIS M 251 -33.79 17.14 8.51
CA HIS M 251 -33.70 16.12 7.44
C HIS M 251 -34.95 16.06 6.58
N LEU M 252 -36.10 16.37 7.18
CA LEU M 252 -37.35 16.42 6.45
C LEU M 252 -37.38 17.61 5.49
N GLY M 253 -36.81 18.74 5.91
CA GLY M 253 -36.77 19.94 5.08
C GLY M 253 -35.76 19.83 3.95
N ASP M 254 -34.88 18.83 4.04
CA ASP M 254 -33.88 18.57 3.02
C ASP M 254 -34.56 18.09 1.73
N ALA M 255 -35.80 17.64 1.87
CA ALA M 255 -36.62 17.26 0.74
C ALA M 255 -36.71 18.39 -0.28
N PHE M 256 -36.71 19.63 0.19
CA PHE M 256 -36.91 20.79 -0.68
C PHE M 256 -35.67 21.14 -1.49
N SER M 257 -35.85 21.39 -2.78
CA SER M 257 -34.73 21.72 -3.63
C SER M 257 -34.40 23.20 -3.53
N MET M 258 -33.71 23.57 -2.46
CA MET M 258 -33.28 24.96 -2.21
C MET M 258 -32.31 25.01 -1.05
N ASN M 259 -31.52 26.09 -0.97
CA ASN M 259 -30.24 26.06 -0.27
C ASN M 259 -30.18 26.39 1.21
N HIS M 260 -30.79 27.50 1.61
CA HIS M 260 -30.88 27.82 3.04
C HIS M 260 -32.34 27.64 3.39
N ILE M 261 -32.65 26.75 4.31
CA ILE M 261 -34.04 26.36 4.46
C ILE M 261 -34.66 26.90 5.73
N ASP M 262 -35.79 27.59 5.56
CA ASP M 262 -36.58 28.04 6.66
C ASP M 262 -38.01 27.57 6.44
N VAL M 263 -38.49 26.76 7.36
CA VAL M 263 -39.80 26.13 7.23
C VAL M 263 -40.73 26.46 8.40
N SER M 264 -41.93 26.94 8.08
CA SER M 264 -42.94 27.33 9.09
C SER M 264 -44.23 26.55 8.97
N CYS M 265 -44.75 26.09 10.12
CA CYS M 265 -46.11 25.55 10.21
C CYS M 265 -47.05 26.44 11.00
N CYS M 266 -48.35 26.32 10.69
CA CYS M 266 -49.42 26.87 11.51
C CYS M 266 -50.64 25.96 11.38
N THR M 267 -51.58 26.06 12.32
CA THR M 267 -52.63 25.06 12.49
C THR M 267 -53.92 25.21 11.66
N LYS M 268 -54.57 26.36 11.68
CA LYS M 268 -55.87 26.51 11.03
C LYS M 268 -55.83 26.74 9.52
N SER M 269 -56.83 26.21 8.80
CA SER M 269 -56.89 26.31 7.35
C SER M 269 -56.59 27.71 6.82
N GLY M 270 -55.82 27.78 5.74
CA GLY M 270 -55.48 29.04 5.08
C GLY M 270 -54.49 29.96 5.79
N CYS M 271 -53.97 29.54 6.94
CA CYS M 271 -53.11 30.43 7.74
C CYS M 271 -51.72 30.65 7.16
N ASN M 272 -51.41 29.95 6.07
CA ASN M 272 -50.20 30.21 5.28
C ASN M 272 -50.42 31.15 4.08
N HIS M 273 -51.41 32.02 4.19
CA HIS M 273 -51.56 33.17 3.31
C HIS M 273 -50.23 33.93 3.33
N PRO M 274 -49.88 34.61 2.23
CA PRO M 274 -48.84 35.65 2.25
C PRO M 274 -48.88 36.54 3.51
N ASP M 275 -48.11 36.17 4.54
CA ASP M 275 -48.18 36.76 5.88
C ASP M 275 -46.90 36.65 6.72
N LEU M 276 -46.79 37.58 7.68
CA LEU M 276 -45.83 37.53 8.81
C LEU M 276 -44.34 37.22 8.50
N ASP M 277 -43.51 38.28 8.56
CA ASP M 277 -42.02 38.18 8.47
C ASP M 277 -41.48 37.98 7.06
N LYS N 1 -22.80 23.76 2.32
CA LYS N 1 -24.14 24.19 1.84
C LYS N 1 -25.19 23.07 2.01
N SER N 2 -25.38 22.22 0.99
CA SER N 2 -26.31 21.07 1.12
C SER N 2 -25.73 19.94 1.99
N ASP N 3 -26.60 19.24 2.70
CA ASP N 3 -26.21 18.20 3.62
C ASP N 3 -25.88 16.95 2.81
N ALC N 4 -24.85 16.21 3.23
CA ALC N 4 -24.44 15.00 2.52
C ALC N 4 -25.45 13.91 2.73
O ALC N 4 -25.96 13.32 1.78
CB ALC N 4 -23.07 14.55 3.00
CG ALC N 4 -22.55 13.34 2.25
CD2 ALC N 4 -22.37 13.75 0.77
CE2 ALC N 4 -21.10 13.25 0.06
CZ ALC N 4 -19.88 13.43 0.94
CE1 ALC N 4 -20.04 12.58 2.20
CD1 ALC N 4 -21.29 12.93 3.03
N PHE N 5 -25.73 13.64 4.01
CA PHE N 5 -26.71 12.63 4.36
C PHE N 5 -28.10 13.04 3.90
N DSN N 6 -28.51 14.25 4.29
CA DSN N 6 -29.75 14.82 3.78
C DSN N 6 -29.93 14.60 2.29
O DSN N 6 -30.95 14.08 1.84
CB DSN N 6 -30.94 14.28 4.57
OG DSN N 6 -30.95 14.93 5.84
N DLY N 7 -28.92 14.98 1.50
CA DLY N 7 -28.99 14.91 0.05
C DLY N 7 -29.26 13.50 -0.41
O DLY N 7 -30.07 13.24 -1.28
CB DLY N 7 -30.00 15.93 -0.49
CG DLY N 7 -29.85 17.31 0.14
CD DLY N 7 -30.57 18.40 -0.65
CE DLY N 7 -31.30 19.33 0.32
NZ DLY N 7 -31.33 20.71 -0.17
N TYR N 8 -28.54 12.56 0.20
CA TYR N 8 -28.65 11.16 -0.15
C TYR N 8 -29.93 10.51 0.29
N LEU N 9 -30.43 10.88 1.47
CA LEU N 9 -31.75 10.43 1.95
C LEU N 9 -32.85 10.70 0.94
N TRP N 10 -32.86 11.90 0.37
CA TRP N 10 -33.92 12.28 -0.57
C TRP N 10 -33.59 12.04 -2.02
N SER N 11 -32.37 11.62 -2.31
CA SER N 11 -31.92 11.53 -3.71
C SER N 11 -31.12 10.32 -4.19
N SER N 12 -30.58 9.50 -3.28
CA SER N 12 -29.63 8.45 -3.71
C SER N 12 -30.19 7.48 -4.74
N LYS N 13 -29.33 7.16 -5.70
CA LYS N 13 -29.62 6.27 -6.80
C LYS N 13 -29.72 4.81 -6.33
N LEU O 1 -32.50 20.32 -9.47
CA LEU O 1 -31.61 19.15 -9.68
C LEU O 1 -30.51 19.17 -8.65
N ARG O 2 -30.17 17.99 -8.15
CA ARG O 2 -28.98 17.84 -7.33
C ARG O 2 -27.96 16.98 -8.05
N CYS O 3 -26.69 17.34 -7.91
CA CYS O 3 -25.61 16.56 -8.46
C CYS O 3 -24.60 16.34 -7.38
N MET O 4 -23.75 15.34 -7.59
CA MET O 4 -22.48 15.27 -6.86
C MET O 4 -21.58 16.31 -7.46
N GLN O 5 -20.96 17.14 -6.64
CA GLN O 5 -19.89 18.03 -7.16
C GLN O 5 -18.53 17.64 -6.58
N CYS O 6 -17.57 17.38 -7.48
CA CYS O 6 -16.23 16.94 -7.05
C CYS O 6 -15.12 17.59 -7.80
N LYS O 7 -14.19 18.13 -7.03
CA LYS O 7 -12.97 18.65 -7.56
C LYS O 7 -12.12 17.44 -7.89
N THR O 8 -11.08 17.65 -8.70
CA THR O 8 -10.21 16.56 -9.10
C THR O 8 -9.41 15.97 -7.96
N ASN O 9 -9.19 16.76 -6.89
CA ASN O 9 -8.56 16.20 -5.69
C ASN O 9 -9.49 15.32 -4.87
N GLY O 10 -10.69 15.08 -5.43
CA GLY O 10 -11.75 14.23 -4.82
C GLY O 10 -12.44 14.78 -3.57
N ASP O 11 -12.43 16.10 -3.39
CA ASP O 11 -13.27 16.83 -2.42
C ASP O 11 -14.73 16.96 -2.96
N CYS O 12 -15.68 16.31 -2.28
CA CYS O 12 -17.03 16.11 -2.83
C CYS O 12 -18.12 16.69 -1.93
N ARG O 13 -19.25 17.03 -2.53
CA ARG O 13 -20.42 17.58 -1.83
C ARG O 13 -21.64 17.35 -2.69
N VAL O 14 -22.79 17.22 -2.07
CA VAL O 14 -24.04 17.21 -2.81
C VAL O 14 -24.31 18.67 -3.10
N GLU O 15 -24.80 18.99 -4.30
CA GLU O 15 -25.14 20.36 -4.61
C GLU O 15 -26.43 20.56 -5.40
N GLU O 16 -27.20 21.56 -4.99
CA GLU O 16 -28.39 21.98 -5.68
C GLU O 16 -27.93 22.84 -6.86
N CYS O 17 -28.38 22.50 -8.05
CA CYS O 17 -27.97 23.22 -9.25
C CYS O 17 -28.56 24.65 -9.28
N ALA O 18 -27.83 25.57 -9.89
CA ALA O 18 -28.32 26.91 -10.13
C ALA O 18 -29.41 26.83 -11.20
N LEU O 19 -30.28 27.84 -11.23
CA LEU O 19 -31.36 27.92 -12.20
C LEU O 19 -30.82 27.82 -13.63
N GLY O 20 -31.34 26.86 -14.39
CA GLY O 20 -30.90 26.65 -15.77
C GLY O 20 -29.67 25.77 -15.93
N GLN O 21 -29.31 25.04 -14.87
CA GLN O 21 -28.26 24.05 -14.94
C GLN O 21 -28.81 22.64 -14.71
N ASP O 22 -29.70 22.23 -15.61
CA ASP O 22 -30.51 21.03 -15.42
C ASP O 22 -29.83 19.69 -15.79
N LEU O 23 -28.51 19.64 -15.67
CA LEU O 23 -27.76 18.42 -15.96
C LEU O 23 -26.61 18.24 -14.96
N CYS O 24 -26.23 16.99 -14.72
CA CYS O 24 -25.00 16.69 -14.02
C CYS O 24 -23.97 16.30 -15.04
N ARG O 25 -22.71 16.44 -14.67
CA ARG O 25 -21.61 15.98 -15.53
C ARG O 25 -20.51 15.20 -14.80
N THR O 26 -19.81 14.41 -15.60
CA THR O 26 -18.68 13.66 -15.13
C THR O 26 -17.64 13.76 -16.22
N THR O 27 -16.58 14.51 -15.94
CA THR O 27 -15.43 14.61 -16.83
C THR O 27 -14.33 13.74 -16.29
N ILE O 28 -13.83 12.81 -17.11
CA ILE O 28 -12.75 11.90 -16.69
C ILE O 28 -11.66 11.88 -17.75
N VAL O 29 -10.43 12.14 -17.34
CA VAL O 29 -9.29 12.04 -18.24
C VAL O 29 -8.37 10.92 -17.75
N ARG O 30 -7.99 10.00 -18.65
CA ARG O 30 -6.95 9.00 -18.36
C ARG O 30 -5.77 9.24 -19.27
N LEU O 31 -4.57 9.13 -18.73
CA LEU O 31 -3.35 9.42 -19.50
C LEU O 31 -2.16 8.68 -18.95
N TRP O 32 -1.02 8.84 -19.63
CA TRP O 32 0.23 8.18 -19.26
C TRP O 32 1.36 9.18 -19.08
N GLU O 33 1.87 9.29 -17.86
CA GLU O 33 3.13 10.01 -17.61
C GLU O 33 4.15 9.07 -17.02
N GLU O 34 5.33 9.00 -17.64
CA GLU O 34 6.30 7.93 -17.34
C GLU O 34 5.64 6.59 -17.65
N GLY O 35 5.98 5.57 -16.87
CA GLY O 35 5.31 4.27 -16.94
C GLY O 35 4.23 4.19 -15.88
N GLU O 36 3.43 5.25 -15.79
CA GLU O 36 2.44 5.37 -14.74
C GLU O 36 1.12 5.89 -15.32
N GLU O 37 0.02 5.40 -14.78
CA GLU O 37 -1.30 5.72 -15.31
C GLU O 37 -2.03 6.70 -14.38
N LEU O 38 -2.35 7.87 -14.90
CA LEU O 38 -3.04 8.92 -14.14
C LEU O 38 -4.51 9.01 -14.52
N GLU O 39 -5.31 9.59 -13.64
CA GLU O 39 -6.74 9.74 -13.90
C GLU O 39 -7.23 10.97 -13.16
N LEU O 40 -7.99 11.82 -13.82
CA LEU O 40 -8.55 12.98 -13.17
C LEU O 40 -10.06 12.98 -13.34
N VAL O 41 -10.77 13.22 -12.25
CA VAL O 41 -12.20 13.11 -12.26
C VAL O 41 -12.84 14.36 -11.69
N GLU O 42 -13.81 14.88 -12.43
CA GLU O 42 -14.51 16.10 -12.02
C GLU O 42 -16.01 15.94 -12.20
N LYS O 43 -16.77 16.28 -11.16
CA LYS O 43 -18.21 16.19 -11.22
C LYS O 43 -18.82 17.50 -10.82
N SER O 44 -19.89 17.91 -11.52
CA SER O 44 -20.64 19.11 -11.13
C SER O 44 -21.98 19.19 -11.84
N CYS O 45 -22.83 20.08 -11.32
CA CYS O 45 -23.98 20.63 -12.04
C CYS O 45 -23.50 21.39 -13.27
N THR O 46 -24.16 21.18 -14.40
CA THR O 46 -23.79 21.87 -15.62
C THR O 46 -25.02 22.40 -16.39
N HIS O 47 -24.79 23.30 -17.34
CA HIS O 47 -25.87 23.91 -18.10
C HIS O 47 -26.61 22.90 -18.98
N SER O 48 -27.91 23.13 -19.19
CA SER O 48 -28.79 22.20 -19.93
C SER O 48 -28.39 22.02 -21.39
N GLU O 49 -27.44 22.85 -21.81
CA GLU O 49 -26.86 22.80 -23.14
C GLU O 49 -26.07 21.50 -23.31
N LYS O 50 -25.11 21.29 -22.41
CA LYS O 50 -24.06 20.29 -22.63
C LYS O 50 -24.54 18.90 -23.06
N THR O 51 -23.64 18.13 -23.66
CA THR O 51 -23.91 16.76 -24.09
C THR O 51 -22.69 15.87 -23.85
N ASN O 52 -22.87 14.56 -24.05
CA ASN O 52 -21.77 13.59 -24.05
C ASN O 52 -20.75 14.01 -25.07
N ARG O 53 -19.48 13.99 -24.68
CA ARG O 53 -18.36 14.32 -25.58
C ARG O 53 -17.06 13.59 -25.21
N THR O 54 -16.20 13.39 -26.20
CA THR O 54 -15.11 12.43 -26.07
C THR O 54 -13.90 12.85 -26.88
N LEU O 55 -12.71 12.55 -26.37
CA LEU O 55 -11.48 12.85 -27.08
C LEU O 55 -10.41 11.81 -26.76
N SER O 56 -9.72 11.34 -27.79
CA SER O 56 -8.61 10.42 -27.63
C SER O 56 -7.49 10.62 -28.64
N TYR O 57 -6.26 10.46 -28.15
CA TYR O 57 -5.09 10.41 -29.00
C TYR O 57 -3.94 9.58 -28.42
N ARG O 58 -3.13 9.07 -29.33
CA ARG O 58 -1.89 8.36 -29.02
C ARG O 58 -0.95 9.18 -28.17
N THR O 59 -0.23 8.50 -27.28
CA THR O 59 0.77 9.15 -26.41
C THR O 59 2.05 8.33 -26.35
N GLY O 60 1.92 7.03 -26.56
CA GLY O 60 3.06 6.14 -26.68
C GLY O 60 2.63 4.73 -26.99
N LEU O 61 1.44 4.60 -27.58
CA LEU O 61 0.66 3.33 -27.64
C LEU O 61 -0.19 3.19 -26.37
N LYS O 62 0.14 4.12 -25.50
CA LYS O 62 -0.64 4.48 -24.41
C LYS O 62 -1.43 5.63 -25.03
N ILE O 63 -2.64 5.82 -24.53
CA ILE O 63 -3.62 6.73 -25.09
C ILE O 63 -3.84 7.81 -24.05
N THR O 64 -4.37 8.96 -24.44
CA THR O 64 -4.96 9.87 -23.48
C THR O 64 -6.41 9.95 -23.83
N SER O 65 -7.25 9.50 -22.91
CA SER O 65 -8.68 9.48 -23.13
C SER O 65 -9.31 10.59 -22.35
N LEU O 66 -10.36 11.17 -22.92
CA LEU O 66 -11.09 12.21 -22.24
C LEU O 66 -12.55 12.00 -22.50
N THR O 67 -13.30 11.89 -21.42
CA THR O 67 -14.67 11.45 -21.50
C THR O 67 -15.52 12.44 -20.70
N GLU O 68 -16.72 12.72 -21.18
CA GLU O 68 -17.60 13.61 -20.48
C GLU O 68 -19.00 13.17 -20.71
N VAL O 69 -19.65 12.68 -19.67
CA VAL O 69 -21.03 12.28 -19.82
C VAL O 69 -21.89 13.21 -19.01
N VAL O 70 -23.17 13.21 -19.34
CA VAL O 70 -24.11 14.18 -18.85
C VAL O 70 -25.42 13.42 -18.60
N CYS O 71 -26.18 13.82 -17.59
CA CYS O 71 -27.50 13.24 -17.31
C CYS O 71 -28.40 14.18 -16.50
N GLY O 72 -29.72 14.00 -16.60
CA GLY O 72 -30.70 14.92 -16.00
C GLY O 72 -31.46 14.46 -14.77
N LEU O 73 -30.91 13.49 -14.05
CA LEU O 73 -31.57 12.92 -12.88
C LEU O 73 -30.72 13.11 -11.62
N ASP O 74 -31.38 13.22 -10.47
CA ASP O 74 -30.69 13.47 -9.18
C ASP O 74 -29.54 12.49 -8.86
N LEU O 75 -28.39 13.05 -8.54
CA LEU O 75 -27.13 12.32 -8.31
C LEU O 75 -26.84 11.18 -9.30
N CYS O 76 -27.31 11.31 -10.54
CA CYS O 76 -27.01 10.32 -11.59
C CYS O 76 -25.49 10.29 -11.77
N ASN O 77 -24.90 11.34 -11.22
CA ASN O 77 -23.50 11.62 -11.15
C ASN O 77 -22.68 10.75 -10.20
N GLN O 78 -23.32 10.01 -9.30
CA GLN O 78 -22.62 9.34 -8.21
C GLN O 78 -21.64 8.23 -8.62
N GLY O 79 -21.79 7.69 -9.83
CA GLY O 79 -20.88 6.68 -10.38
C GLY O 79 -19.62 7.25 -11.03
N ASN O 80 -18.99 6.47 -11.91
CA ASN O 80 -17.82 6.92 -12.68
C ASN O 80 -17.86 6.55 -14.17
N SER O 81 -18.95 6.93 -14.84
CA SER O 81 -19.15 6.71 -16.27
C SER O 81 -17.91 6.32 -17.08
N TYR O 92 -12.80 0.36 -32.90
CA TYR O 92 -13.85 0.66 -33.87
C TYR O 92 -13.30 1.35 -35.11
N LEU O 93 -13.55 2.64 -35.25
CA LEU O 93 -13.09 3.38 -36.42
C LEU O 93 -11.62 3.70 -36.31
N GLU O 94 -10.88 3.46 -37.39
CA GLU O 94 -9.46 3.77 -37.45
C GLU O 94 -9.25 5.24 -37.76
N CYS O 95 -8.26 5.86 -37.12
CA CYS O 95 -7.97 7.28 -37.35
C CYS O 95 -6.51 7.59 -37.20
N ILE O 96 -6.08 8.69 -37.79
CA ILE O 96 -4.73 9.18 -37.56
C ILE O 96 -4.67 9.82 -36.18
N SER O 97 -3.54 9.67 -35.51
CA SER O 97 -3.35 10.30 -34.21
C SER O 97 -1.92 10.75 -34.03
N CYS O 98 -1.76 12.05 -33.87
CA CYS O 98 -0.47 12.67 -33.64
C CYS O 98 -0.72 14.01 -33.01
N GLY O 99 0.34 14.63 -32.51
CA GLY O 99 0.23 15.95 -31.89
C GLY O 99 0.41 15.94 -30.39
N SER O 100 0.85 14.80 -29.84
CA SER O 100 1.20 14.75 -28.44
C SER O 100 2.57 15.39 -28.29
N SER O 101 2.92 15.78 -27.06
CA SER O 101 4.10 16.62 -26.81
C SER O 101 5.38 16.19 -27.55
N ASP O 102 5.52 14.90 -27.79
CA ASP O 102 6.69 14.38 -28.54
C ASP O 102 6.34 13.32 -29.57
N MET O 103 5.23 13.54 -30.28
CA MET O 103 4.84 12.72 -31.44
C MET O 103 4.09 13.64 -32.37
N SER O 104 4.82 14.54 -33.01
CA SER O 104 4.22 15.62 -33.79
C SER O 104 3.45 15.18 -35.02
N CYS O 105 2.44 15.98 -35.39
CA CYS O 105 1.72 15.78 -36.64
C CYS O 105 2.61 16.09 -37.84
N GLU O 106 3.43 17.14 -37.70
CA GLU O 106 4.53 17.41 -38.64
C GLU O 106 5.50 16.22 -38.67
N ARG O 107 5.32 15.34 -39.66
CA ARG O 107 6.03 14.05 -39.74
C ARG O 107 5.59 13.02 -38.69
N GLY O 108 4.35 13.13 -38.23
CA GLY O 108 3.67 12.09 -37.46
C GLY O 108 2.38 11.70 -38.16
N ARG O 109 2.13 12.38 -39.28
CA ARG O 109 0.97 12.21 -40.18
C ARG O 109 0.46 10.77 -40.41
N HIS O 110 1.26 9.76 -40.10
CA HIS O 110 0.89 8.39 -40.48
C HIS O 110 0.56 7.43 -39.33
N GLN O 111 0.81 7.85 -38.08
CA GLN O 111 0.46 7.05 -36.91
C GLN O 111 -1.05 6.93 -36.81
N SER O 112 -1.54 5.71 -36.64
CA SER O 112 -2.98 5.45 -36.60
C SER O 112 -3.47 4.93 -35.25
N LEU O 113 -4.79 4.85 -35.08
CA LEU O 113 -5.41 4.56 -33.80
C LEU O 113 -6.87 4.10 -33.94
N GLN O 114 -7.19 3.00 -33.28
CA GLN O 114 -8.53 2.45 -33.28
C GLN O 114 -9.32 3.13 -32.18
N CYS O 115 -10.31 3.94 -32.56
CA CYS O 115 -11.21 4.59 -31.59
C CYS O 115 -11.85 3.59 -30.65
N ARG O 116 -12.03 3.99 -29.39
CA ARG O 116 -12.56 3.05 -28.38
C ARG O 116 -14.08 3.09 -28.21
N SER O 117 -14.74 4.10 -28.78
CA SER O 117 -16.19 4.16 -28.78
C SER O 117 -16.71 4.06 -30.22
N PRO O 118 -17.90 3.49 -30.40
CA PRO O 118 -18.49 3.37 -31.72
C PRO O 118 -18.94 4.70 -32.33
N GLU O 119 -19.29 5.68 -31.48
CA GLU O 119 -19.72 6.99 -31.98
C GLU O 119 -18.59 7.97 -32.18
N GLU O 120 -17.40 7.63 -31.68
CA GLU O 120 -16.22 8.46 -31.90
C GLU O 120 -15.89 8.56 -33.38
N GLN O 121 -15.47 9.76 -33.80
CA GLN O 121 -15.06 10.05 -35.17
C GLN O 121 -13.61 10.53 -35.17
N CYS O 122 -13.03 10.73 -36.35
CA CYS O 122 -11.65 11.20 -36.45
C CYS O 122 -11.56 12.72 -36.34
N LEU O 123 -10.61 13.18 -35.52
CA LEU O 123 -10.39 14.61 -35.31
C LEU O 123 -9.16 15.18 -36.00
N ASP O 124 -9.34 16.36 -36.58
CA ASP O 124 -8.23 17.22 -36.90
C ASP O 124 -8.48 18.56 -36.24
N VAL O 125 -7.66 18.92 -35.27
CA VAL O 125 -7.77 20.26 -34.70
C VAL O 125 -6.45 21.03 -34.84
N VAL O 126 -6.55 22.22 -35.41
CA VAL O 126 -5.38 23.08 -35.68
C VAL O 126 -5.52 24.53 -35.17
N THR O 127 -4.45 25.05 -34.59
CA THR O 127 -4.35 26.46 -34.30
C THR O 127 -3.03 26.95 -34.88
N HIS O 128 -3.10 27.95 -35.76
CA HIS O 128 -1.90 28.59 -36.27
C HIS O 128 -1.91 30.09 -35.96
N TRP O 129 -0.76 30.60 -35.56
CA TRP O 129 -0.53 32.04 -35.42
C TRP O 129 0.62 32.47 -36.35
N ILE O 130 0.55 33.70 -36.89
CA ILE O 130 1.76 34.41 -37.32
C ILE O 130 1.69 35.89 -36.93
N GLN O 131 2.83 36.40 -36.42
CA GLN O 131 3.02 37.82 -36.12
C GLN O 131 4.51 38.17 -36.19
N ASP O 140 1.82 29.48 -29.34
CA ASP O 140 2.43 28.57 -30.32
C ASP O 140 1.37 27.84 -31.18
N ASP O 141 1.84 27.24 -32.27
CA ASP O 141 0.98 26.47 -33.19
C ASP O 141 0.67 25.08 -32.62
N ARG O 142 -0.61 24.75 -32.59
CA ARG O 142 -1.01 23.43 -32.15
C ARG O 142 -1.68 22.65 -33.26
N HIS O 143 -1.32 21.38 -33.38
CA HIS O 143 -1.95 20.47 -34.29
C HIS O 143 -2.20 19.17 -33.55
N LEU O 144 -3.40 18.63 -33.71
CA LEU O 144 -3.76 17.40 -33.06
C LEU O 144 -4.76 16.63 -33.87
N ARG O 145 -4.56 15.32 -33.96
CA ARG O 145 -5.46 14.43 -34.66
C ARG O 145 -5.69 13.26 -33.74
N GLY O 146 -6.91 12.74 -33.74
CA GLY O 146 -7.23 11.58 -32.92
C GLY O 146 -8.69 11.19 -33.03
N CYS O 147 -9.25 10.77 -31.91
CA CYS O 147 -10.64 10.31 -31.87
C CYS O 147 -11.46 11.29 -31.07
N GLY O 148 -12.70 11.48 -31.48
CA GLY O 148 -13.54 12.43 -30.78
C GLY O 148 -15.00 12.34 -31.12
N TYR O 149 -15.83 12.70 -30.14
CA TYR O 149 -17.26 12.82 -30.32
C TYR O 149 -17.61 14.21 -29.82
N LEU O 150 -18.01 15.06 -30.76
CA LEU O 150 -18.48 16.41 -30.47
C LEU O 150 -19.85 16.65 -31.11
N PRO O 151 -20.66 17.55 -30.54
CA PRO O 151 -21.90 18.00 -31.15
C PRO O 151 -21.69 18.45 -32.60
N GLY O 152 -22.68 18.19 -33.45
CA GLY O 152 -22.65 18.63 -34.84
C GLY O 152 -21.54 18.03 -35.69
N CYS O 153 -21.29 16.74 -35.53
CA CYS O 153 -20.30 16.03 -36.33
C CYS O 153 -21.03 14.95 -37.14
N PRO O 154 -20.60 14.69 -38.38
CA PRO O 154 -19.35 15.20 -38.96
C PRO O 154 -19.46 16.63 -39.48
N GLY O 155 -18.35 17.21 -39.93
CA GLY O 155 -18.35 18.57 -40.45
C GLY O 155 -17.08 19.34 -40.17
N SER O 156 -16.88 20.42 -40.93
CA SER O 156 -15.70 21.27 -40.80
C SER O 156 -16.03 22.60 -40.15
N ASN O 157 -15.23 22.99 -39.18
CA ASN O 157 -15.49 24.18 -38.42
C ASN O 157 -14.25 25.01 -38.32
N GLY O 158 -14.40 26.33 -38.33
CA GLY O 158 -13.23 27.17 -38.27
C GLY O 158 -13.40 28.66 -38.15
N PHE O 159 -12.28 29.32 -37.84
CA PHE O 159 -12.20 30.76 -37.75
C PHE O 159 -10.83 31.23 -38.23
N HIS O 160 -10.81 32.31 -39.01
CA HIS O 160 -9.58 33.05 -39.24
C HIS O 160 -9.77 34.56 -39.28
N ASN O 161 -8.84 35.27 -38.64
CA ASN O 161 -8.58 36.69 -38.91
C ASN O 161 -7.08 36.85 -39.18
N ASN O 162 -6.57 38.08 -39.22
CA ASN O 162 -5.18 38.32 -39.65
C ASN O 162 -4.07 37.92 -38.69
N ASP O 163 -4.44 37.40 -37.52
CA ASP O 163 -3.44 36.92 -36.55
C ASP O 163 -3.65 35.45 -36.23
N THR O 164 -4.86 34.95 -36.41
CA THR O 164 -5.15 33.62 -35.90
C THR O 164 -6.00 32.80 -36.86
N PHE O 165 -5.63 31.52 -36.93
CA PHE O 165 -6.41 30.51 -37.61
C PHE O 165 -6.76 29.41 -36.58
N HIS O 166 -8.05 29.10 -36.44
CA HIS O 166 -8.52 27.94 -35.67
C HIS O 166 -9.37 27.08 -36.61
N PHE O 167 -9.21 25.76 -36.53
CA PHE O 167 -9.98 24.88 -37.40
C PHE O 167 -10.23 23.55 -36.74
N LEU O 168 -11.45 23.04 -36.88
CA LEU O 168 -11.74 21.71 -36.39
C LEU O 168 -12.55 20.89 -37.39
N LYS O 169 -12.00 19.70 -37.71
CA LYS O 169 -12.59 18.76 -38.63
C LYS O 169 -12.97 17.47 -37.91
N CYS O 170 -14.17 16.99 -38.16
CA CYS O 170 -14.54 15.64 -37.73
C CYS O 170 -15.31 14.94 -38.84
N CYS O 171 -15.11 13.63 -38.92
CA CYS O 171 -15.67 12.82 -39.97
C CYS O 171 -15.80 11.37 -39.50
N ASN O 172 -16.60 10.58 -40.21
CA ASN O 172 -16.88 9.20 -39.81
C ASN O 172 -16.36 8.10 -40.77
N THR O 173 -15.55 8.47 -41.75
CA THR O 173 -14.90 7.48 -42.63
C THR O 173 -13.47 7.17 -42.22
N THR O 174 -13.04 5.95 -42.49
CA THR O 174 -11.72 5.44 -42.12
C THR O 174 -10.61 6.42 -42.49
N LYS O 175 -9.77 6.75 -41.51
CA LYS O 175 -8.52 7.49 -41.74
C LYS O 175 -8.67 8.83 -42.47
N CYS O 176 -9.86 9.42 -42.41
CA CYS O 176 -10.13 10.62 -43.20
C CYS O 176 -9.38 11.85 -42.69
N ASN O 177 -8.81 11.73 -41.50
CA ASN O 177 -8.06 12.82 -40.92
C ASN O 177 -6.61 12.74 -41.32
N GLU O 178 -6.31 11.88 -42.29
CA GLU O 178 -4.95 11.79 -42.82
C GLU O 178 -4.70 12.91 -43.82
N GLY O 179 -3.43 13.14 -44.12
CA GLY O 179 -3.07 14.13 -45.12
C GLY O 179 -2.24 15.24 -44.53
N PRO O 180 -1.83 16.18 -45.37
CA PRO O 180 -0.93 17.26 -44.95
C PRO O 180 -1.54 18.11 -43.83
N ILE O 181 -0.68 18.77 -43.06
CA ILE O 181 -1.10 19.83 -42.15
C ILE O 181 -1.98 20.80 -42.95
N LEU O 182 -3.21 21.01 -42.47
CA LEU O 182 -4.09 22.01 -43.07
C LEU O 182 -3.53 23.39 -42.80
N GLU O 183 -3.42 24.19 -43.86
CA GLU O 183 -2.90 25.54 -43.76
C GLU O 183 -3.89 26.51 -44.38
N LEU O 184 -3.99 27.69 -43.78
CA LEU O 184 -4.96 28.67 -44.22
C LEU O 184 -4.74 29.07 -45.69
N GLU O 185 -3.48 29.27 -46.05
CA GLU O 185 -3.07 29.77 -47.35
C GLU O 185 -3.63 28.96 -48.51
N ASN O 186 -3.84 27.65 -48.30
CA ASN O 186 -4.35 26.79 -49.36
C ASN O 186 -5.79 26.38 -49.14
N LEU O 187 -6.52 27.27 -48.47
CA LEU O 187 -7.96 27.22 -48.47
C LEU O 187 -8.34 28.38 -49.39
N PRO O 188 -8.94 28.07 -50.54
CA PRO O 188 -9.30 29.10 -51.53
C PRO O 188 -10.33 30.10 -51.01
N GLN O 189 -10.04 31.40 -51.21
CA GLN O 189 -10.94 32.54 -50.85
C GLN O 189 -12.40 32.37 -51.27
N ASN O 190 -13.32 32.95 -50.50
CA ASN O 190 -14.75 32.64 -50.59
C ASN O 190 -15.58 33.52 -51.52
N GLY O 191 -15.21 34.79 -51.59
CA GLY O 191 -16.09 35.82 -52.10
C GLY O 191 -16.50 36.69 -50.93
N ARG O 192 -16.79 36.05 -49.79
CA ARG O 192 -17.22 36.78 -48.59
C ARG O 192 -16.02 37.39 -47.89
N GLN O 193 -16.26 38.55 -47.26
CA GLN O 193 -15.19 39.35 -46.67
C GLN O 193 -15.61 39.88 -45.31
N CYS O 194 -14.66 39.99 -44.38
CA CYS O 194 -14.94 40.32 -43.00
C CYS O 194 -13.86 41.15 -42.36
N TYR O 195 -14.23 41.89 -41.31
CA TYR O 195 -13.28 42.72 -40.56
C TYR O 195 -12.41 41.88 -39.62
N SER O 196 -11.13 42.23 -39.54
CA SER O 196 -10.17 41.53 -38.71
C SER O 196 -9.62 42.42 -37.61
N CYS O 197 -9.76 41.97 -36.36
CA CYS O 197 -9.12 42.65 -35.23
C CYS O 197 -8.92 41.74 -34.04
N LYS O 198 -8.11 42.20 -33.09
CA LYS O 198 -7.78 41.43 -31.88
C LYS O 198 -7.39 42.35 -30.72
N GLY O 199 -8.23 42.39 -29.69
CA GLY O 199 -7.93 43.14 -28.47
C GLY O 199 -9.14 43.81 -27.82
N GLN O 200 -8.89 44.79 -26.96
CA GLN O 200 -9.95 45.61 -26.40
C GLN O 200 -10.52 46.47 -27.51
N SER O 201 -11.68 47.07 -27.29
CA SER O 201 -12.10 48.17 -28.15
C SER O 201 -11.23 49.37 -27.79
N THR O 202 -10.44 49.81 -28.77
CA THR O 202 -9.40 50.86 -28.60
C THR O 202 -8.17 50.27 -27.90
N HIS O 203 -7.29 49.71 -28.72
CA HIS O 203 -6.14 48.91 -28.28
C HIS O 203 -5.75 48.05 -29.46
N GLY O 204 -6.74 47.31 -30.00
CA GLY O 204 -6.52 46.39 -31.11
C GLY O 204 -7.80 46.08 -31.88
N CYS O 205 -8.95 46.32 -31.25
CA CYS O 205 -10.23 46.25 -31.93
C CYS O 205 -10.85 47.63 -31.97
N SER O 206 -10.02 48.62 -32.29
CA SER O 206 -10.45 50.00 -32.43
C SER O 206 -11.30 50.13 -33.71
N SER O 207 -10.92 51.08 -34.56
CA SER O 207 -11.55 51.26 -35.86
C SER O 207 -10.49 51.75 -36.83
N GLU O 208 -10.57 51.28 -38.08
CA GLU O 208 -9.42 51.23 -39.00
C GLU O 208 -8.13 50.64 -38.40
N GLU O 209 -8.18 50.38 -37.10
CA GLU O 209 -7.28 49.43 -36.44
C GLU O 209 -7.78 48.04 -36.79
N THR O 210 -9.01 48.00 -37.28
CA THR O 210 -9.68 46.77 -37.75
C THR O 210 -9.92 46.92 -39.26
N PHE O 211 -9.66 45.86 -40.03
CA PHE O 211 -9.71 45.97 -41.49
C PHE O 211 -10.30 44.75 -42.19
N LEU O 212 -10.65 44.93 -43.46
CA LEU O 212 -11.18 43.85 -44.30
C LEU O 212 -10.16 42.76 -44.65
N ILE O 213 -10.64 41.52 -44.67
CA ILE O 213 -9.84 40.39 -45.14
C ILE O 213 -10.72 39.43 -45.95
N ASP O 214 -10.09 38.74 -46.90
CA ASP O 214 -10.76 37.73 -47.72
C ASP O 214 -10.83 36.45 -46.92
N CYS O 215 -12.04 36.01 -46.64
CA CYS O 215 -12.27 34.74 -45.94
C CYS O 215 -12.07 33.61 -46.92
N ARG O 216 -11.52 32.51 -46.44
CA ARG O 216 -11.38 31.32 -47.27
C ARG O 216 -12.10 30.13 -46.68
N GLY O 217 -12.33 29.13 -47.53
CA GLY O 217 -12.82 27.81 -47.12
C GLY O 217 -14.30 27.76 -46.82
N PRO O 218 -14.68 26.95 -45.84
CA PRO O 218 -16.06 26.94 -45.37
C PRO O 218 -16.34 28.18 -44.50
N MET O 219 -15.28 28.89 -44.10
CA MET O 219 -15.43 30.07 -43.27
C MET O 219 -15.97 31.22 -44.09
N ASN O 220 -17.27 31.17 -44.34
CA ASN O 220 -17.92 32.14 -45.24
C ASN O 220 -18.88 33.12 -44.55
N GLN O 221 -18.82 33.17 -43.23
CA GLN O 221 -19.62 34.15 -42.48
C GLN O 221 -18.74 35.16 -41.70
N CYS O 222 -19.36 36.16 -41.08
CA CYS O 222 -18.59 37.15 -40.33
C CYS O 222 -18.84 36.98 -38.87
N LEU O 223 -17.76 36.91 -38.09
CA LEU O 223 -17.88 36.72 -36.64
C LEU O 223 -17.35 37.90 -35.84
N VAL O 224 -17.94 38.10 -34.68
CA VAL O 224 -17.38 38.96 -33.63
C VAL O 224 -17.66 38.25 -32.31
N ALA O 225 -16.64 38.21 -31.46
CA ALA O 225 -16.77 37.56 -30.18
C ALA O 225 -16.23 38.42 -29.06
N THR O 226 -17.04 38.64 -28.03
CA THR O 226 -16.61 39.43 -26.87
C THR O 226 -16.54 38.58 -25.61
N GLY O 227 -15.50 38.83 -24.82
CA GLY O 227 -15.27 38.10 -23.58
C GLY O 227 -14.29 38.81 -22.67
N THR O 228 -13.63 38.06 -21.78
CA THR O 228 -12.72 38.62 -20.80
C THR O 228 -11.43 37.80 -20.60
N HIS O 229 -10.30 38.47 -20.81
CA HIS O 229 -9.00 37.96 -20.42
C HIS O 229 -8.65 38.50 -19.03
N GLU O 230 -7.94 37.71 -18.23
CA GLU O 230 -7.29 38.18 -17.02
C GLU O 230 -6.26 39.25 -17.47
N PRO O 231 -6.11 40.38 -16.76
CA PRO O 231 -6.53 40.60 -15.35
C PRO O 231 -8.04 40.57 -15.05
N LYS O 232 -8.35 40.34 -13.76
CA LYS O 232 -9.72 40.09 -13.26
C LYS O 232 -10.85 40.29 -14.28
N ASN O 233 -11.14 41.55 -14.59
CA ASN O 233 -12.07 41.91 -15.67
C ASN O 233 -11.45 42.89 -16.67
N GLN O 234 -11.12 42.39 -17.85
CA GLN O 234 -10.68 43.24 -18.95
C GLN O 234 -11.37 42.79 -20.22
N SER O 235 -12.25 43.65 -20.76
CA SER O 235 -13.04 43.32 -21.95
C SER O 235 -12.17 43.12 -23.18
N TYR O 236 -12.27 41.92 -23.77
CA TYR O 236 -11.48 41.54 -24.94
C TYR O 236 -12.41 41.30 -26.13
N MET O 237 -11.89 41.47 -27.34
CA MET O 237 -12.70 41.33 -28.55
C MET O 237 -11.93 40.56 -29.61
N VAL O 238 -12.65 39.92 -30.51
CA VAL O 238 -12.07 39.25 -31.68
C VAL O 238 -13.04 39.40 -32.84
N ARG O 239 -12.52 39.80 -33.99
CA ARG O 239 -13.34 39.87 -35.17
C ARG O 239 -12.67 39.11 -36.28
N GLY O 240 -13.46 38.35 -37.03
CA GLY O 240 -12.93 37.60 -38.15
C GLY O 240 -13.94 36.82 -38.99
N CYS O 241 -13.37 36.02 -39.89
CA CYS O 241 -14.11 35.10 -40.74
C CYS O 241 -14.31 33.81 -39.98
N ALA O 242 -15.53 33.28 -40.01
CA ALA O 242 -15.81 32.04 -39.31
C ALA O 242 -16.89 31.24 -40.01
N THR O 243 -16.88 29.95 -39.73
CA THR O 243 -17.97 29.07 -40.10
C THR O 243 -19.10 29.34 -39.10
N ALA O 244 -20.35 29.04 -39.50
CA ALA O 244 -21.53 29.32 -38.67
C ALA O 244 -21.47 28.61 -37.32
N SER O 245 -20.77 27.47 -37.33
CA SER O 245 -20.48 26.67 -36.15
C SER O 245 -19.92 27.47 -34.98
N MET O 246 -18.95 28.32 -35.27
CA MET O 246 -18.21 29.04 -34.25
C MET O 246 -19.12 29.81 -33.32
N CYS O 247 -20.31 30.18 -33.82
CA CYS O 247 -21.30 30.90 -33.04
C CYS O 247 -22.32 29.98 -32.33
N GLN O 248 -22.25 28.68 -32.62
CA GLN O 248 -23.25 27.72 -32.12
C GLN O 248 -22.78 26.88 -30.93
N HIS O 249 -21.59 26.28 -31.02
CA HIS O 249 -21.13 25.34 -30.02
C HIS O 249 -20.06 25.93 -29.11
N ALA O 250 -20.32 25.91 -27.81
CA ALA O 250 -19.34 26.34 -26.80
C ALA O 250 -17.93 25.73 -26.98
N HIS O 251 -17.85 24.47 -27.41
CA HIS O 251 -16.56 23.82 -27.58
C HIS O 251 -15.81 24.36 -28.79
N LEU O 252 -16.54 24.99 -29.71
CA LEU O 252 -15.94 25.71 -30.82
C LEU O 252 -15.58 27.11 -30.35
N GLY O 253 -16.38 27.66 -29.45
CA GLY O 253 -16.13 28.99 -28.91
C GLY O 253 -14.89 28.98 -28.03
N ASP O 254 -14.63 27.83 -27.40
CA ASP O 254 -13.49 27.65 -26.53
C ASP O 254 -12.16 27.93 -27.22
N ALA O 255 -12.14 27.85 -28.56
CA ALA O 255 -10.91 28.08 -29.31
C ALA O 255 -10.31 29.45 -28.96
N PHE O 256 -11.19 30.43 -28.81
CA PHE O 256 -10.82 31.74 -28.33
C PHE O 256 -10.65 31.59 -26.84
N SER O 257 -9.43 31.78 -26.37
CA SER O 257 -9.20 31.60 -24.95
C SER O 257 -9.73 32.80 -24.14
N MET O 258 -11.02 32.78 -23.82
CA MET O 258 -11.65 33.88 -23.07
C MET O 258 -12.94 33.53 -22.30
N ASN O 259 -13.11 34.18 -21.15
CA ASN O 259 -14.29 34.01 -20.30
C ASN O 259 -15.47 34.88 -20.73
N HIS O 260 -16.68 34.50 -20.29
CA HIS O 260 -17.94 35.19 -20.66
C HIS O 260 -18.01 35.46 -22.15
N ILE O 261 -17.99 34.39 -22.92
CA ILE O 261 -17.91 34.45 -24.36
C ILE O 261 -19.28 34.80 -24.97
N ASP O 262 -19.27 35.68 -25.97
CA ASP O 262 -20.45 35.92 -26.80
C ASP O 262 -20.04 36.00 -28.26
N VAL O 263 -20.46 34.99 -29.02
CA VAL O 263 -20.09 34.85 -30.42
C VAL O 263 -21.28 35.12 -31.37
N SER O 264 -21.23 36.27 -32.07
CA SER O 264 -22.25 36.61 -33.05
C SER O 264 -21.71 36.43 -34.47
N CYS O 265 -22.55 35.87 -35.36
CA CYS O 265 -22.21 35.66 -36.76
C CYS O 265 -23.28 36.23 -37.67
N CYS O 266 -22.86 37.02 -38.67
CA CYS O 266 -23.79 37.52 -39.66
C CYS O 266 -23.54 36.92 -41.04
N THR O 267 -24.61 36.77 -41.82
CA THR O 267 -24.58 36.03 -43.07
C THR O 267 -23.91 36.75 -44.26
N LYS O 268 -24.20 38.03 -44.44
CA LYS O 268 -23.64 38.80 -45.56
C LYS O 268 -22.24 39.27 -45.18
N SER O 269 -21.51 39.80 -46.17
CA SER O 269 -20.17 40.33 -45.93
C SER O 269 -20.24 41.78 -45.51
N GLY O 270 -19.49 42.12 -44.46
CA GLY O 270 -19.35 43.52 -44.05
C GLY O 270 -19.47 43.82 -42.57
N CYS O 271 -20.41 43.17 -41.89
CA CYS O 271 -20.75 43.53 -40.51
C CYS O 271 -19.75 43.03 -39.48
N ASN O 272 -19.00 43.97 -38.90
CA ASN O 272 -18.08 43.70 -37.79
C ASN O 272 -17.79 44.90 -36.89
N HIS O 273 -17.92 46.13 -37.43
CA HIS O 273 -17.41 47.31 -36.71
C HIS O 273 -18.41 48.13 -35.86
N PRO O 274 -19.63 48.42 -36.33
CA PRO O 274 -20.60 49.11 -35.50
C PRO O 274 -21.60 48.13 -34.86
N ASP O 275 -21.28 47.64 -33.66
CA ASP O 275 -22.08 46.61 -32.98
C ASP O 275 -22.99 47.17 -31.87
N LEU O 276 -23.19 46.39 -30.80
CA LEU O 276 -23.98 46.83 -29.62
C LEU O 276 -23.16 47.71 -28.67
N LYS P 1 -12.84 31.23 -15.45
CA LYS P 1 -11.90 30.07 -15.56
C LYS P 1 -12.39 29.08 -16.64
N SER P 2 -11.44 28.51 -17.38
CA SER P 2 -11.73 27.66 -18.56
C SER P 2 -12.32 26.27 -18.29
N ASP P 3 -12.97 25.72 -19.33
CA ASP P 3 -13.54 24.36 -19.30
C ASP P 3 -12.44 23.30 -19.29
N ALC P 4 -12.68 22.22 -18.55
CA ALC P 4 -11.74 21.12 -18.47
C ALC P 4 -11.67 20.34 -19.75
O ALC P 4 -10.57 20.09 -20.26
CB ALC P 4 -12.15 20.23 -17.33
CG ALC P 4 -11.20 19.06 -17.13
CD2 ALC P 4 -9.92 19.59 -16.50
CE2 ALC P 4 -8.97 18.43 -16.16
CZ ALC P 4 -9.62 17.36 -15.30
CE1 ALC P 4 -10.97 16.89 -15.87
CD1 ALC P 4 -11.88 18.07 -16.19
N PHE P 5 -12.81 19.94 -20.29
CA PHE P 5 -12.83 19.27 -21.58
C PHE P 5 -12.34 20.21 -22.68
N DSN P 6 -12.97 21.38 -22.78
CA DSN P 6 -12.61 22.41 -23.78
C DSN P 6 -11.12 22.64 -23.92
O DSN P 6 -10.58 22.62 -25.02
CB DSN P 6 -13.24 22.08 -25.13
OG DSN P 6 -14.64 22.34 -25.04
N DLY P 7 -10.46 22.83 -22.77
CA DLY P 7 -9.02 23.09 -22.68
C DLY P 7 -8.17 22.01 -23.30
O DLY P 7 -7.12 22.27 -23.88
CB DLY P 7 -8.68 24.46 -23.29
CG DLY P 7 -8.31 25.46 -22.22
CD DLY P 7 -8.60 26.88 -22.69
CE DLY P 7 -7.50 27.83 -22.23
NZ DLY P 7 -6.78 28.38 -23.38
N TYR P 8 -8.61 20.76 -23.17
CA TYR P 8 -7.95 19.65 -23.83
C TYR P 8 -8.12 19.72 -25.33
N LEU P 9 -9.31 20.09 -25.78
CA LEU P 9 -9.58 20.15 -27.21
C LEU P 9 -8.62 21.09 -27.92
N TRP P 10 -8.36 22.25 -27.31
CA TRP P 10 -7.62 23.32 -27.97
C TRP P 10 -6.19 23.54 -27.48
N SER P 11 -5.86 23.01 -26.31
CA SER P 11 -4.54 23.28 -25.72
C SER P 11 -3.71 22.05 -25.38
N SER P 12 -4.36 20.91 -25.15
CA SER P 12 -3.70 19.72 -24.59
C SER P 12 -2.66 19.02 -25.45
N LYS P 13 -1.70 18.42 -24.76
CA LYS P 13 -0.58 17.68 -25.37
C LYS P 13 -0.49 16.20 -24.91
C1 NAG Q . 22.85 -9.64 23.17
C2 NAG Q . 23.41 -9.27 24.55
C3 NAG Q . 22.39 -8.55 25.44
C4 NAG Q . 21.51 -7.53 24.71
C5 NAG Q . 21.13 -7.97 23.29
C6 NAG Q . 20.53 -6.84 22.47
C7 NAG Q . 25.18 -10.44 25.76
C8 NAG Q . 26.40 -10.26 24.90
N2 NAG Q . 23.97 -10.45 25.21
O3 NAG Q . 23.13 -7.82 26.39
O4 NAG Q . 20.33 -7.25 25.43
O5 NAG Q . 22.26 -8.47 22.62
O6 NAG Q . 20.96 -5.56 22.88
O7 NAG Q . 25.33 -10.58 26.97
C1 NAG Q . 20.53 -6.16 26.36
C2 NAG Q . 19.82 -4.89 25.90
C3 NAG Q . 18.31 -4.90 26.22
C4 NAG Q . 17.92 -5.83 27.38
C5 NAG Q . 19.07 -6.07 28.36
C6 NAG Q . 18.72 -7.05 29.49
C7 NAG Q . 20.29 -2.45 25.99
C8 NAG Q . 21.44 -1.74 25.32
N2 NAG Q . 20.51 -3.71 26.41
O3 NAG Q . 17.61 -5.29 25.05
O4 NAG Q . 16.83 -5.25 28.07
O5 NAG Q . 20.23 -6.59 27.69
O6 NAG Q . 17.93 -6.46 30.51
O7 NAG Q . 19.22 -1.88 26.13
C1 FUC Q . 22.05 -5.11 22.04
C2 FUC Q . 22.94 -4.09 22.76
C3 FUC Q . 24.18 -3.84 21.89
C4 FUC Q . 24.11 -4.58 20.55
C5 FUC Q . 22.74 -4.49 19.87
C6 FUC Q . 22.58 -5.63 18.86
O2 FUC Q . 23.33 -4.56 24.04
O3 FUC Q . 24.32 -2.45 21.69
O4 FUC Q . 25.09 -4.07 19.67
O5 FUC Q . 21.67 -4.54 20.80
C1 NAG R . 24.90 -6.43 -17.39
C2 NAG R . 26.23 -5.80 -17.81
C3 NAG R . 26.80 -4.99 -16.66
C4 NAG R . 25.84 -3.88 -16.31
C5 NAG R . 24.46 -4.47 -16.00
C6 NAG R . 23.41 -3.37 -15.91
C7 NAG R . 27.96 -6.52 -19.34
C8 NAG R . 27.22 -6.17 -20.61
N2 NAG R . 27.21 -6.77 -18.26
O3 NAG R . 28.05 -4.45 -17.01
O4 NAG R . 26.37 -3.16 -15.22
O5 NAG R . 24.01 -5.40 -16.99
O6 NAG R . 22.36 -3.69 -16.81
O7 NAG R . 29.19 -6.56 -19.33
C1 FUC R . 21.90 -2.54 -17.57
C2 FUC R . 21.51 -3.03 -18.96
C3 FUC R . 20.89 -1.86 -19.71
C4 FUC R . 21.89 -0.70 -19.78
C5 FUC R . 23.15 -1.01 -18.96
C6 FUC R . 24.12 0.16 -18.89
O2 FUC R . 20.64 -4.13 -18.87
O3 FUC R . 20.45 -2.28 -20.99
O4 FUC R . 22.22 -0.39 -21.12
O5 FUC R . 22.81 -1.43 -17.65
C1 NAG S . 16.33 -37.27 -16.99
C2 NAG S . 16.90 -36.74 -15.67
C3 NAG S . 18.43 -36.50 -15.62
C4 NAG S . 19.17 -36.35 -16.95
C5 NAG S . 18.22 -36.04 -18.12
C6 NAG S . 18.86 -36.15 -19.51
C7 NAG S . 15.43 -35.43 -14.19
C8 NAG S . 13.95 -35.35 -14.40
N2 NAG S . 16.20 -35.53 -15.29
O3 NAG S . 19.04 -37.52 -14.86
O4 NAG S . 20.06 -35.25 -16.79
O5 NAG S . 17.03 -36.83 -18.18
O6 NAG S . 20.02 -36.97 -19.58
O7 NAG S . 15.92 -35.41 -13.06
C1 NAG S . 21.45 -35.49 -17.14
C2 NAG S . 22.05 -34.10 -17.47
C3 NAG S . 23.32 -33.67 -16.70
C4 NAG S . 23.93 -34.69 -15.76
C5 NAG S . 23.57 -36.13 -16.17
C6 NAG S . 24.19 -37.18 -15.22
C7 NAG S . 22.19 -32.81 -19.54
C8 NAG S . 23.46 -32.30 -20.17
N2 NAG S . 22.28 -33.98 -18.89
O3 NAG S . 23.04 -32.49 -15.97
O4 NAG S . 25.34 -34.51 -15.74
O5 NAG S . 22.16 -36.24 -16.15
O6 NAG S . 25.60 -37.14 -15.28
O7 NAG S . 21.14 -32.17 -19.63
C1 FUC S . 19.72 -38.33 -19.98
C2 FUC S . 21.02 -39.11 -20.18
C3 FUC S . 20.94 -40.06 -21.38
C4 FUC S . 20.47 -39.36 -22.66
C5 FUC S . 19.38 -38.31 -22.38
C6 FUC S . 18.24 -38.41 -23.39
O2 FUC S . 21.28 -39.86 -19.01
O3 FUC S . 22.19 -40.68 -21.58
O4 FUC S . 21.55 -38.73 -23.32
O5 FUC S . 18.82 -38.48 -21.08
C1 NAG T . -12.82 -19.87 -24.38
C2 NAG T . -13.59 -19.69 -25.69
C3 NAG T . -13.20 -18.43 -26.48
C4 NAG T . -12.89 -17.18 -25.64
C5 NAG T . -12.39 -17.51 -24.23
C6 NAG T . -12.69 -16.37 -23.28
C7 NAG T . -14.49 -21.49 -27.09
C8 NAG T . -15.85 -21.42 -26.45
N2 NAG T . -13.43 -20.88 -26.52
O3 NAG T . -14.29 -18.12 -27.33
O4 NAG T . -11.90 -16.37 -26.26
O5 NAG T . -13.00 -18.67 -23.67
O6 NAG T . -13.88 -16.75 -22.62
O7 NAG T . -14.36 -22.12 -28.14
C1 NAG T . -12.38 -15.32 -27.17
C2 NAG T . -12.16 -13.91 -26.56
C3 NAG T . -12.38 -12.80 -27.60
C4 NAG T . -11.52 -13.05 -28.83
C5 NAG T . -11.90 -14.42 -29.41
C6 NAG T . -11.09 -14.74 -30.67
C7 NAG T . -12.76 -12.81 -24.46
C8 NAG T . -13.81 -11.79 -24.14
N2 NAG T . -13.05 -13.68 -25.44
O3 NAG T . -12.10 -11.53 -27.05
O4 NAG T . -11.71 -12.01 -29.77
O5 NAG T . -11.71 -15.44 -28.43
O6 NAG T . -11.84 -15.56 -31.55
O7 NAG T . -11.69 -12.83 -23.86
C1 FUC T . -14.65 -15.60 -22.20
C2 FUC T . -15.52 -16.05 -21.01
C3 FUC T . -16.92 -15.45 -20.99
C4 FUC T . -17.60 -15.33 -22.37
C5 FUC T . -16.62 -15.68 -23.50
C6 FUC T . -17.14 -15.32 -24.90
O2 FUC T . -14.87 -15.73 -19.80
O3 FUC T . -17.68 -16.27 -20.12
O4 FUC T . -18.76 -16.14 -22.44
O5 FUC T . -15.39 -15.01 -23.25
C1 NAG U . -31.66 -24.79 -25.16
C2 NAG U . -31.21 -24.99 -26.61
C3 NAG U . -31.45 -26.43 -27.06
C4 NAG U . -32.09 -27.34 -26.01
C5 NAG U . -33.19 -26.70 -25.13
C6 NAG U . -33.40 -27.50 -23.81
C7 NAG U . -31.59 -22.67 -27.34
C8 NAG U . -32.75 -21.82 -26.90
N2 NAG U . -31.83 -23.99 -27.47
O3 NAG U . -30.21 -27.02 -27.43
O4 NAG U . -32.63 -28.45 -26.68
O5 NAG U . -32.96 -25.31 -24.91
O6 NAG U . -34.13 -26.84 -22.77
O7 NAG U . -30.48 -22.16 -27.54
C1 FUC U . -34.50 -27.76 -21.69
C2 FUC U . -35.48 -27.19 -20.65
C3 FUC U . -36.06 -28.30 -19.77
C4 FUC U . -35.18 -29.57 -19.66
C5 FUC U . -33.70 -29.41 -20.10
C6 FUC U . -33.14 -30.69 -20.72
O2 FUC U . -36.56 -26.53 -21.27
O3 FUC U . -36.41 -27.78 -18.49
O4 FUC U . -35.23 -30.10 -18.34
O5 FUC U . -33.41 -28.31 -20.98
C1 NAG V . -15.61 -20.99 16.46
C2 NAG V . -17.06 -21.45 16.71
C3 NAG V . -17.98 -20.93 15.60
C4 NAG V . -17.87 -19.41 15.53
C5 NAG V . -16.42 -18.99 15.30
C6 NAG V . -16.41 -17.45 15.26
C7 NAG V . -18.08 -23.50 17.58
C8 NAG V . -18.24 -24.98 17.41
N2 NAG V . -17.15 -22.90 16.81
O3 NAG V . -19.32 -21.29 15.83
O4 NAG V . -18.74 -18.90 14.54
O5 NAG V . -15.56 -19.57 16.29
O6 NAG V . -15.36 -16.80 15.95
O7 NAG V . -18.80 -22.91 18.37
C1 FUC V . -15.53 -16.81 17.39
C2 FUC V . -16.43 -15.71 17.94
C3 FUC V . -16.37 -15.83 19.46
C4 FUC V . -14.97 -15.46 19.95
C5 FUC V . -13.93 -15.75 18.86
C6 FUC V . -12.56 -15.97 19.48
O2 FUC V . -17.76 -15.90 17.52
O3 FUC V . -17.37 -15.05 20.09
O4 FUC V . -14.93 -14.08 20.28
O5 FUC V . -14.28 -16.87 18.07
C1 NAG W . 14.10 -35.97 43.39
C2 NAG W . 15.61 -35.85 43.10
C3 NAG W . 16.42 -35.80 44.41
C4 NAG W . 15.83 -34.80 45.42
C5 NAG W . 14.33 -35.10 45.60
C6 NAG W . 13.60 -34.13 46.52
C7 NAG W . 16.53 -36.76 40.97
C8 NAG W . 15.59 -36.84 39.79
N2 NAG W . 16.02 -36.93 42.21
O3 NAG W . 17.76 -35.46 44.16
O4 NAG W . 16.53 -34.87 46.65
O5 NAG W . 13.70 -35.01 44.34
O6 NAG W . 12.44 -34.75 47.04
O7 NAG W . 17.73 -36.55 40.75
C1 NAG W . 17.03 -33.58 47.08
C2 NAG W . 16.98 -33.50 48.62
C3 NAG W . 17.57 -32.18 49.13
C4 NAG W . 18.97 -31.98 48.55
C5 NAG W . 18.91 -32.05 47.03
C6 NAG W . 20.29 -31.87 46.38
C7 NAG W . 14.71 -33.02 49.62
C8 NAG W . 14.33 -33.27 51.06
N2 NAG W . 15.63 -33.86 49.10
O3 NAG W . 17.63 -32.15 50.55
O4 NAG W . 19.52 -30.76 49.00
O5 NAG W . 18.34 -33.28 46.60
O6 NAG W . 21.09 -33.02 46.55
O7 NAG W . 14.18 -32.11 48.99
C1 NAG X . 10.72 -39.98 14.43
C2 NAG X . 10.10 -40.28 13.06
C3 NAG X . 8.57 -40.42 13.14
C4 NAG X . 8.08 -41.24 14.35
C5 NAG X . 8.80 -40.87 15.65
C6 NAG X . 9.49 -42.09 16.28
C7 NAG X . 11.26 -39.46 11.04
C8 NAG X . 12.74 -39.63 11.26
N2 NAG X . 10.49 -39.24 12.11
O3 NAG X . 8.05 -41.04 11.97
O4 NAG X . 6.68 -41.05 14.50
O5 NAG X . 9.71 -39.80 15.43
O6 NAG X . 9.40 -42.13 17.70
O7 NAG X . 10.80 -39.51 9.89
C1 FUC X . 8.96 -43.46 18.13
C2 FUC X . 8.91 -43.63 19.65
C3 FUC X . 7.80 -44.66 19.91
C4 FUC X . 7.80 -45.73 18.79
C5 FUC X . 9.16 -45.85 18.09
C6 FUC X . 9.13 -46.84 16.92
O2 FUC X . 8.68 -42.42 20.32
O3 FUC X . 7.96 -45.22 21.19
O4 FUC X . 7.36 -46.98 19.27
O5 FUC X . 9.66 -44.59 17.61
C1 NAG Y . 14.76 21.37 -17.21
C2 NAG Y . 15.33 21.37 -18.63
C3 NAG Y . 14.60 20.35 -19.48
C4 NAG Y . 14.91 19.00 -18.86
C5 NAG Y . 14.37 18.98 -17.43
C6 NAG Y . 14.76 17.69 -16.74
C7 NAG Y . 16.35 23.09 -19.97
C8 NAG Y . 17.73 22.68 -19.55
N2 NAG Y . 15.32 22.68 -19.24
O3 NAG Y . 15.02 20.41 -20.83
O4 NAG Y . 14.37 17.95 -19.64
O5 NAG Y . 14.87 20.07 -16.65
O6 NAG Y . 15.75 18.00 -15.79
O7 NAG Y . 16.19 23.79 -20.97
C1 FUC Y . 16.21 16.80 -15.15
C2 FUC Y . 16.99 17.27 -13.92
C3 FUC Y . 18.40 16.66 -13.76
C4 FUC Y . 19.12 16.29 -15.08
C5 FUC Y . 18.24 16.51 -16.30
C6 FUC Y . 18.82 15.88 -17.56
O2 FUC Y . 16.21 16.97 -12.79
O3 FUC Y . 19.16 17.57 -12.99
O4 FUC Y . 20.32 17.02 -15.25
O5 FUC Y . 16.96 15.98 -16.01
C1 NAG Z . 28.89 48.17 12.61
C2 NAG Z . 28.92 49.40 13.51
C3 NAG Z . 30.20 49.44 14.34
C4 NAG Z . 30.52 48.08 14.97
C5 NAG Z . 30.58 47.00 13.88
C6 NAG Z . 29.74 45.77 14.21
C7 NAG Z . 28.03 51.65 13.11
C8 NAG Z . 26.97 51.42 14.15
N2 NAG Z . 28.83 50.63 12.76
O3 NAG Z . 30.07 50.45 15.31
O4 NAG Z . 31.77 48.17 15.65
O5 NAG Z . 30.15 47.51 12.63
O6 NAG Z . 30.43 44.96 15.13
O7 NAG Z . 28.15 52.77 12.61
C1 NAG Z . 31.61 48.14 17.08
C2 NAG Z . 32.92 47.71 17.75
C3 NAG Z . 32.83 47.85 19.27
C4 NAG Z . 32.25 49.19 19.73
C5 NAG Z . 30.94 49.37 18.97
C6 NAG Z . 30.21 50.65 19.35
C7 NAG Z . 34.26 45.96 16.66
C8 NAG Z . 35.00 47.02 15.91
N2 NAG Z . 33.24 46.33 17.44
O3 NAG Z . 34.10 47.67 19.84
O4 NAG Z . 32.00 49.11 21.11
O5 NAG Z . 31.22 49.38 17.59
O6 NAG Z . 30.80 51.75 18.70
O7 NAG Z . 34.61 44.78 16.52
C1 BMA Z . 32.76 50.02 21.93
C2 BMA Z . 31.99 50.09 23.24
C3 BMA Z . 32.79 50.70 24.39
C4 BMA Z . 34.07 49.89 24.60
C5 BMA Z . 34.76 49.38 23.32
C6 BMA Z . 35.00 47.87 23.46
O2 BMA Z . 31.57 48.79 23.59
O3 BMA Z . 31.97 50.47 25.51
O4 BMA Z . 35.01 50.60 25.37
O5 BMA Z . 34.12 49.63 22.08
O6 BMA Z . 36.18 47.59 24.17
C1 MAN Z . 31.40 51.55 26.29
C2 MAN Z . 30.35 52.49 25.68
C3 MAN Z . 29.37 52.65 26.85
C4 MAN Z . 30.03 52.31 28.19
C5 MAN Z . 31.50 52.77 28.30
C6 MAN Z . 32.13 52.29 29.62
O2 MAN Z . 29.69 52.03 24.52
O3 MAN Z . 28.30 51.75 26.67
O4 MAN Z . 29.26 52.87 29.24
O5 MAN Z . 32.24 52.29 27.17
O6 MAN Z . 32.75 53.33 30.35
C1 MAN Z . 35.90 46.53 25.09
C2 MAN Z . 36.96 46.36 26.19
C3 MAN Z . 36.34 45.53 27.32
C4 MAN Z . 35.37 44.52 26.69
C5 MAN Z . 35.88 44.18 25.29
C6 MAN Z . 35.27 42.93 24.66
O2 MAN Z . 37.54 47.59 26.63
O3 MAN Z . 35.67 46.37 28.24
O4 MAN Z . 35.29 43.34 27.46
O5 MAN Z . 35.69 45.29 24.43
O6 MAN Z . 36.25 41.90 24.70
C1 NAG AA . 1.49 44.34 1.07
C2 NAG AA . 0.19 44.41 0.23
C3 NAG AA . 0.49 43.98 -1.21
C4 NAG AA . 1.79 44.66 -1.66
C5 NAG AA . 2.93 43.97 -0.91
C6 NAG AA . 4.23 44.77 -0.79
C7 NAG AA . -1.17 42.37 0.73
C8 NAG AA . -2.50 42.02 0.11
N2 NAG AA . -0.91 43.68 0.87
O3 NAG AA . -0.57 44.34 -2.06
O4 NAG AA . 1.97 44.56 -3.07
O5 NAG AA . 2.52 43.61 0.41
O6 NAG AA . 4.21 45.95 -1.56
O7 NAG AA . -0.39 41.48 1.09
C1 FUC AA . 4.83 47.00 -0.80
C2 FUC AA . 3.79 48.09 -0.51
C3 FUC AA . 4.45 49.47 -0.34
C4 FUC AA . 5.87 49.35 0.24
C5 FUC AA . 6.77 48.42 -0.58
C6 FUC AA . 7.73 47.67 0.34
O2 FUC AA . 3.03 47.76 0.63
O3 FUC AA . 4.49 50.12 -1.60
O4 FUC AA . 6.47 50.62 0.36
O5 FUC AA . 6.01 47.51 -1.39
C1 NAG BA . 13.82 21.07 23.27
C2 NAG BA . 15.09 21.62 23.95
C3 NAG BA . 16.35 21.20 23.16
C4 NAG BA . 16.35 19.67 22.98
C5 NAG BA . 15.07 19.29 22.21
C6 NAG BA . 15.03 17.80 21.87
C7 NAG BA . 14.82 23.57 25.36
C8 NAG BA . 13.65 24.52 25.53
N2 NAG BA . 15.01 23.06 24.15
O3 NAG BA . 17.51 21.64 23.83
O4 NAG BA . 17.60 19.11 22.56
O5 NAG BA . 13.97 19.67 23.03
O6 NAG BA . 13.78 17.17 22.08
O7 NAG BA . 15.53 23.30 26.34
C1 NAG BA . 18.04 19.19 21.16
C2 NAG BA . 19.55 19.35 21.08
C3 NAG BA . 20.28 18.02 21.35
C4 NAG BA . 19.81 16.90 20.43
C5 NAG BA . 18.40 17.08 19.82
C6 NAG BA . 17.62 15.77 19.85
C7 NAG BA . 21.08 20.63 19.56
C8 NAG BA . 22.43 19.94 19.58
N2 NAG BA . 19.98 19.90 19.79
O3 NAG BA . 20.17 17.62 22.70
O4 NAG BA . 20.75 16.74 19.39
O5 NAG BA . 17.55 18.06 20.41
O6 NAG BA . 18.48 14.64 19.70
O7 NAG BA . 21.05 21.84 19.32
C1 FUC BA . 13.64 16.62 23.42
C2 FUC BA . 14.91 15.93 23.97
C3 FUC BA . 14.54 14.78 24.89
C4 FUC BA . 13.29 15.12 25.73
C5 FUC BA . 12.09 15.47 24.84
C6 FUC BA . 11.29 16.65 25.42
O2 FUC BA . 15.69 16.85 24.72
O3 FUC BA . 14.31 13.63 24.12
O4 FUC BA . 13.02 14.02 26.56
O5 FUC BA . 12.49 15.77 23.51
C1 NAG CA . -23.20 31.31 42.66
C2 NAG CA . -24.46 32.16 42.97
C3 NAG CA . -25.37 31.52 44.01
C4 NAG CA . -25.49 30.02 43.81
C5 NAG CA . -24.12 29.35 43.75
C6 NAG CA . -24.14 28.26 42.68
C7 NAG CA . -24.74 34.58 42.76
C8 NAG CA . -25.42 34.41 41.44
N2 NAG CA . -24.16 33.53 43.36
O3 NAG CA . -26.67 32.05 43.88
O4 NAG CA . -26.19 29.49 44.91
O5 NAG CA . -23.02 30.27 43.60
O6 NAG CA . -24.03 27.03 43.33
O7 NAG CA . -24.74 35.70 43.27
C1 NAG CA . -27.53 29.07 44.58
C2 NAG CA . -27.87 27.95 45.55
C3 NAG CA . -29.28 27.44 45.37
C4 NAG CA . -30.27 28.58 45.34
C5 NAG CA . -29.78 29.62 44.34
C6 NAG CA . -30.79 30.76 44.13
C7 NAG CA . -26.24 26.29 46.31
C8 NAG CA . -26.17 26.98 47.63
N2 NAG CA . -26.98 26.84 45.35
O3 NAG CA . -29.59 26.63 46.46
O4 NAG CA . -31.48 28.01 44.92
O5 NAG CA . -28.49 30.10 44.72
O6 NAG CA . -30.14 31.99 44.35
O7 NAG CA . -25.64 25.24 46.12
C1 BMA CA . -32.52 28.14 45.89
C2 BMA CA . -33.77 28.51 45.11
C3 BMA CA . -35.08 28.48 45.90
C4 BMA CA . -35.12 27.28 46.86
C5 BMA CA . -33.74 26.90 47.47
C6 BMA CA . -33.73 25.53 48.14
O2 BMA CA . -33.88 27.55 44.08
O3 BMA CA . -36.06 28.30 44.89
O4 BMA CA . -35.96 27.61 47.93
O5 BMA CA . -32.71 26.90 46.51
O6 BMA CA . -34.01 24.53 47.18
C1 MAN CA . -37.24 29.12 44.76
C2 MAN CA . -37.13 30.23 43.73
C3 MAN CA . -38.48 30.17 43.03
C4 MAN CA . -39.61 29.75 44.00
C5 MAN CA . -39.32 29.99 45.49
C6 MAN CA . -40.38 29.31 46.37
O2 MAN CA . -36.14 30.03 42.76
O3 MAN CA . -38.35 29.24 41.98
O4 MAN CA . -40.78 30.47 43.65
O5 MAN CA . -37.98 29.61 45.87
O6 MAN CA . -41.60 30.04 46.50
C1 MAN CA . -33.74 23.18 47.62
C2 MAN CA . -34.10 22.29 46.43
C3 MAN CA . -35.60 22.27 46.19
C4 MAN CA . -36.43 22.08 47.44
C5 MAN CA . -35.92 23.00 48.53
C6 MAN CA . -36.70 22.91 49.81
O2 MAN CA . -33.63 21.00 46.68
O3 MAN CA . -35.96 21.21 45.35
O4 MAN CA . -37.76 22.39 47.13
O5 MAN CA . -34.52 22.77 48.72
O6 MAN CA . -36.10 23.87 50.63
C1 NAG DA . -24.24 7.05 18.07
C2 NAG DA . -24.75 6.60 19.45
C3 NAG DA . -23.56 6.15 20.29
C4 NAG DA . -23.02 4.89 19.62
C5 NAG DA . -22.61 5.21 18.17
C6 NAG DA . -22.22 3.91 17.48
C7 NAG DA . -26.61 7.16 20.84
C8 NAG DA . -26.95 7.91 22.09
N2 NAG DA . -25.55 7.58 20.15
O3 NAG DA . -23.96 5.89 21.61
O4 NAG DA . -21.94 4.34 20.37
O5 NAG DA . -23.64 5.90 17.45
O6 NAG DA . -22.73 3.88 16.16
O7 NAG DA . -27.28 6.18 20.49
C1 FUC DA . -23.02 2.53 15.69
C2 FUC DA . -24.31 2.60 14.87
C3 FUC DA . -24.62 1.21 14.32
C4 FUC DA . -24.76 0.20 15.47
C5 FUC DA . -23.49 0.20 16.33
C6 FUC DA . -22.33 -0.56 15.68
O2 FUC DA . -24.15 3.52 13.81
O3 FUC DA . -25.77 1.24 13.49
O4 FUC DA . -25.88 0.49 16.28
O5 FUC DA . -23.09 1.52 16.71
C1 NAG EA . -52.40 21.97 -10.31
C2 NAG EA . -53.23 22.97 -11.10
C3 NAG EA . -54.34 22.33 -11.94
C4 NAG EA . -53.86 21.05 -12.59
C5 NAG EA . -53.38 20.07 -11.50
C6 NAG EA . -52.24 19.14 -11.90
C7 NAG EA . -53.72 25.25 -10.51
C8 NAG EA . -52.58 25.68 -11.39
N2 NAG EA . -53.85 23.96 -10.25
O3 NAG EA . -54.75 23.26 -12.90
O4 NAG EA . -54.93 20.47 -13.33
O5 NAG EA . -53.05 20.71 -10.28
O6 NAG EA . -51.99 19.29 -13.27
O7 NAG EA . -54.48 26.09 -10.04
C1 NAG EA . -54.76 20.66 -14.74
C2 NAG EA . -55.46 19.54 -15.48
C3 NAG EA . -55.39 19.76 -16.98
C4 NAG EA . -55.91 21.13 -17.34
C5 NAG EA . -55.20 22.21 -16.55
C6 NAG EA . -55.87 23.56 -16.77
C7 NAG EA . -55.46 17.36 -14.41
C8 NAG EA . -54.71 16.09 -14.17
N2 NAG EA . -54.85 18.26 -15.18
O3 NAG EA . -56.23 18.82 -17.60
O4 NAG EA . -55.68 21.31 -18.71
O5 NAG EA . -55.29 21.91 -15.16
O6 NAG EA . -55.34 24.56 -15.94
O7 NAG EA . -56.59 17.55 -13.91
C1 BMA EA . -56.92 21.36 -19.47
C2 BMA EA . -56.61 22.33 -20.60
C3 BMA EA . -57.66 22.41 -21.69
C4 BMA EA . -58.03 20.99 -22.12
C5 BMA EA . -58.31 20.03 -20.95
C6 BMA EA . -58.43 18.58 -21.41
O2 BMA EA . -55.40 21.86 -21.16
O3 BMA EA . -56.97 23.00 -22.77
O4 BMA EA . -59.14 21.00 -22.98
O5 BMA EA . -57.28 20.09 -19.97
O6 BMA EA . -57.20 18.03 -21.82
C1 MAN EA . -57.21 24.35 -23.24
C2 MAN EA . -56.48 25.57 -22.66
C3 MAN EA . -55.96 26.22 -23.95
C4 MAN EA . -56.76 25.58 -25.11
C5 MAN EA . -58.28 25.61 -24.83
C6 MAN EA . -59.15 25.20 -26.04
O2 MAN EA . -55.44 25.36 -21.73
O3 MAN EA . -54.60 25.92 -24.11
O4 MAN EA . -56.40 26.16 -26.34
O5 MAN EA . -58.49 24.77 -23.69
O6 MAN EA . -60.07 26.20 -26.47
C1 MAN EA . -57.31 16.70 -22.36
C2 MAN EA . -56.14 16.40 -23.31
C3 MAN EA . -56.39 16.94 -24.74
C4 MAN EA . -57.76 16.56 -25.27
C5 MAN EA . -58.80 16.98 -24.25
C6 MAN EA . -60.22 16.67 -24.69
O2 MAN EA . -55.93 15.01 -23.33
O3 MAN EA . -55.46 16.42 -25.65
O4 MAN EA . -57.97 17.20 -26.51
O5 MAN EA . -58.53 16.34 -23.02
O6 MAN EA . -61.07 17.58 -24.04
C1 NAG FA . -41.88 0.29 18.04
C2 NAG FA . -41.13 0.13 19.38
C3 NAG FA . -42.10 0.29 20.57
C4 NAG FA . -43.01 1.51 20.47
C5 NAG FA . -43.65 1.57 19.07
C6 NAG FA . -44.41 2.86 18.79
C7 NAG FA . -39.14 -1.35 18.99
C8 NAG FA . -38.95 -2.30 17.83
N2 NAG FA . -40.41 -1.15 19.42
O3 NAG FA . -41.39 0.32 21.80
O4 NAG FA . -43.98 1.37 21.50
O5 NAG FA . -42.65 1.49 18.07
O6 NAG FA . -45.15 2.73 17.60
O7 NAG FA . -38.15 -0.82 19.50
C1 NAG FA . -44.50 2.60 22.06
C2 NAG FA . -46.04 2.54 22.04
C3 NAG FA . -46.66 1.91 23.28
C4 NAG FA . -45.67 1.29 24.26
C5 NAG FA . -44.38 2.10 24.47
C6 NAG FA . -43.19 1.20 24.87
C7 NAG FA . -47.76 4.03 21.07
C8 NAG FA . -48.71 5.09 21.58
N2 NAG FA . -46.63 3.86 21.77
O3 NAG FA . -47.55 0.90 22.85
O4 NAG FA . -46.31 1.11 25.51
O5 NAG FA . -44.02 2.93 23.37
O6 NAG FA . -43.54 0.25 25.84
O7 NAG FA . -48.06 3.36 20.07
C1 NAG GA . -24.18 9.63 -22.43
C2 NAG GA . -25.39 9.07 -23.17
C3 NAG GA . -26.03 7.91 -22.39
C4 NAG GA . -24.99 6.84 -22.06
C5 NAG GA . -23.84 7.55 -21.33
C6 NAG GA . -22.71 6.69 -20.78
C7 NAG GA . -26.74 10.36 -24.70
C8 NAG GA . -26.34 11.66 -25.34
N2 NAG GA . -26.35 10.13 -23.45
O3 NAG GA . -27.12 7.32 -23.07
O4 NAG GA . -25.59 5.82 -21.28
O5 NAG GA . -23.30 8.55 -22.18
O6 NAG GA . -22.31 5.63 -21.62
O7 NAG GA . -27.39 9.52 -25.33
C1 FUC GA . -21.36 6.00 -22.66
C2 FUC GA . -20.86 4.79 -23.45
C3 FUC GA . -20.27 5.32 -24.75
C4 FUC GA . -19.21 6.42 -24.51
C5 FUC GA . -19.56 7.40 -23.36
C6 FUC GA . -20.33 8.63 -23.88
O2 FUC GA . -21.93 3.91 -23.75
O3 FUC GA . -19.72 4.26 -25.52
O4 FUC GA . -17.94 5.85 -24.27
O5 FUC GA . -20.23 6.76 -22.27
C1 NAG HA . -1.80 41.00 -41.20
C2 NAG HA . -1.24 42.44 -41.28
C3 NAG HA . 0.00 42.60 -42.14
C4 NAG HA . 0.95 41.41 -42.18
C5 NAG HA . 0.22 40.05 -42.13
C6 NAG HA . 0.64 39.24 -40.89
C7 NAG HA . -2.75 44.25 -40.81
C8 NAG HA . -2.59 45.73 -41.03
N2 NAG HA . -2.23 43.42 -41.73
O3 NAG HA . 0.71 43.71 -41.65
O4 NAG HA . 1.81 41.54 -43.32
O5 NAG HA . -1.20 40.18 -42.18
O6 NAG HA . 1.66 38.34 -41.23
O7 NAG HA . -3.32 43.85 -39.81
C1 NAG HA . 3.11 42.06 -42.92
C2 NAG HA . 4.25 41.44 -43.72
C3 NAG HA . 5.58 41.98 -43.22
C4 NAG HA . 5.62 43.51 -43.24
C5 NAG HA . 4.40 44.02 -42.46
C6 NAG HA . 4.30 45.54 -42.42
C7 NAG HA . 3.85 39.19 -44.50
C8 NAG HA . 3.95 37.72 -44.16
N2 NAG HA . 4.26 40.00 -43.54
O3 NAG HA . 6.61 41.41 -43.99
O4 NAG HA . 6.83 43.94 -42.66
O5 NAG HA . 3.20 43.47 -43.00
O6 NAG HA . 2.96 45.96 -42.19
O7 NAG HA . 3.42 39.58 -45.59
C1 BMA HA . 7.61 44.81 -43.51
C2 BMA HA . 8.57 45.65 -42.68
C3 BMA HA . 9.52 46.55 -43.49
C4 BMA HA . 10.09 45.81 -44.72
C5 BMA HA . 9.08 44.84 -45.36
C6 BMA HA . 9.82 43.86 -46.23
O2 BMA HA . 9.32 44.75 -41.89
O3 BMA HA . 10.64 46.84 -42.68
O4 BMA HA . 10.59 46.73 -45.67
O5 BMA HA . 8.39 44.07 -44.40
O6 BMA HA . 10.20 42.77 -45.42
C1 MAN HA . 10.91 48.21 -42.33
C2 MAN HA . 10.21 48.67 -41.06
C3 MAN HA . 11.20 49.61 -40.40
C4 MAN HA . 11.98 50.38 -41.47
C5 MAN HA . 11.31 50.47 -42.87
C6 MAN HA . 12.31 50.92 -43.94
O2 MAN HA . 9.93 47.60 -40.20
O3 MAN HA . 12.09 48.82 -39.63
O4 MAN HA . 12.22 51.69 -40.98
O5 MAN HA . 10.71 49.23 -43.28
O6 MAN HA . 12.84 52.23 -43.74
C1 MAN HA . 11.55 42.44 -45.76
C2 MAN HA . 11.64 40.94 -45.84
C3 MAN HA . 12.48 40.39 -44.71
C4 MAN HA . 13.87 41.02 -44.70
C5 MAN HA . 13.86 42.52 -44.96
C6 MAN HA . 14.64 42.91 -46.24
O2 MAN HA . 12.27 40.65 -47.07
O3 MAN HA . 12.57 38.99 -44.86
O4 MAN HA . 14.38 40.85 -43.42
O5 MAN HA . 12.52 43.02 -44.89
O6 MAN HA . 13.81 42.97 -47.39
C1 NAG IA . 52.81 -23.23 -3.75
C2 NAG IA . 53.01 -24.27 -4.86
C3 NAG IA . 54.50 -24.42 -5.21
C4 NAG IA . 55.33 -23.17 -4.91
C5 NAG IA . 54.54 -21.85 -4.86
C6 NAG IA . 54.40 -21.21 -6.25
C7 NAG IA . 51.20 -25.91 -4.97
C8 NAG IA . 51.10 -27.31 -5.52
N2 NAG IA . 52.41 -25.54 -4.50
O3 NAG IA . 54.62 -24.72 -6.58
O4 NAG IA . 55.99 -23.32 -3.67
O5 NAG IA . 53.27 -21.95 -4.20
O6 NAG IA . 55.66 -20.78 -6.75
O7 NAG IA . 50.21 -25.17 -4.96
C1 NAG JA . 40.27 -2.58 24.43
C2 NAG JA . 39.76 -2.02 25.76
C3 NAG JA . 40.92 -1.31 26.46
C4 NAG JA . 41.93 -2.38 26.89
C5 NAG JA . 42.27 -3.34 25.73
C6 NAG JA . 41.98 -4.79 26.12
C7 NAG JA . 37.42 -1.33 26.32
C8 NAG JA . 37.40 -2.02 27.67
N2 NAG JA . 38.58 -1.16 25.65
O3 NAG JA . 40.44 -0.59 27.59
O4 NAG JA . 43.09 -1.76 27.41
O5 NAG JA . 41.64 -3.00 24.48
O6 NAG JA . 43.20 -5.47 26.17
O7 NAG JA . 36.35 -0.93 25.86
S SO4 KA . 15.65 -22.35 2.85
O1 SO4 KA . 14.37 -22.58 2.17
O2 SO4 KA . 15.64 -21.10 3.61
O3 SO4 KA . 16.73 -22.28 1.87
O4 SO4 KA . 15.89 -23.51 3.70
S SO4 LA . 32.14 -18.35 17.56
O1 SO4 LA . 33.01 -17.89 18.62
O2 SO4 LA . 30.81 -17.76 17.73
O3 SO4 LA . 32.02 -19.82 17.62
O4 SO4 LA . 32.67 -17.95 16.26
S SO4 MA . 34.43 10.80 3.31
O1 SO4 MA . 33.22 11.08 4.07
O2 SO4 MA . 34.78 11.98 2.52
O3 SO4 MA . 34.25 9.68 2.38
O4 SO4 MA . 35.47 10.50 4.30
C1 NAG NA . 9.50 -35.14 -45.16
C2 NAG NA . 9.89 -36.26 -46.12
C3 NAG NA . 8.63 -36.96 -46.62
C4 NAG NA . 7.33 -36.37 -46.09
C5 NAG NA . 7.32 -34.83 -46.15
C6 NAG NA . 6.25 -34.25 -45.21
C7 NAG NA . 11.46 -36.41 -48.02
C8 NAG NA . 12.94 -36.25 -47.87
N2 NAG NA . 10.68 -35.69 -47.21
O3 NAG NA . 8.71 -38.33 -46.28
O4 NAG NA . 6.24 -36.88 -46.84
O5 NAG NA . 8.59 -34.28 -45.84
O6 NAG NA . 6.72 -33.09 -44.56
O7 NAG NA . 11.02 -37.18 -48.88
C1 NAG OA . 27.64 -3.57 -36.31
C2 NAG OA . 28.31 -4.64 -37.20
C3 NAG OA . 28.99 -5.71 -36.35
C4 NAG OA . 29.85 -5.12 -35.23
C5 NAG OA . 29.06 -4.07 -34.44
C6 NAG OA . 29.88 -3.41 -33.33
C7 NAG OA . 27.54 -5.96 -39.17
C8 NAG OA . 27.32 -5.31 -40.52
N2 NAG OA . 27.30 -5.22 -38.09
O3 NAG OA . 29.80 -6.55 -37.15
O4 NAG OA . 30.30 -6.17 -34.40
O5 NAG OA . 28.58 -3.07 -35.35
O6 NAG OA . 31.14 -4.03 -33.16
O7 NAG OA . 27.91 -7.15 -39.12
S SO4 PA . 24.32 -18.90 -23.79
O1 SO4 PA . 22.92 -18.48 -23.92
O2 SO4 PA . 25.06 -18.43 -24.96
O3 SO4 PA . 24.40 -20.36 -23.67
O4 SO4 PA . 24.95 -18.30 -22.61
S SO4 QA . 3.03 3.50 -36.10
O1 SO4 QA . 1.69 2.98 -35.84
O2 SO4 QA . 2.99 4.31 -37.33
O3 SO4 QA . 4.00 2.41 -36.22
O4 SO4 QA . 3.52 4.37 -35.04
S SO4 RA . 11.02 -29.20 -31.97
O1 SO4 RA . 9.93 -29.83 -32.69
O2 SO4 RA . 12.06 -28.74 -32.89
O3 SO4 RA . 11.61 -30.15 -31.02
O4 SO4 RA . 10.51 -28.03 -31.26
C1 NAG SA . -28.72 -51.75 0.21
C2 NAG SA . -28.86 -53.07 0.98
C3 NAG SA . -29.18 -52.89 2.47
C4 NAG SA . -29.13 -51.42 2.93
C5 NAG SA . -29.84 -50.46 1.95
C6 NAG SA . -29.28 -49.05 2.11
C7 NAG SA . -29.87 -55.23 0.30
C8 NAG SA . -30.97 -55.98 1.02
N2 NAG SA . -29.91 -53.88 0.36
O3 NAG SA . -28.26 -53.61 3.27
O4 NAG SA . -29.75 -51.33 4.19
O5 NAG SA . -29.78 -50.88 0.59
O6 NAG SA . -30.17 -48.28 2.89
O7 NAG SA . -29.00 -55.84 -0.31
S SO4 TA . -14.54 -32.99 -19.41
O1 SO4 TA . -13.61 -31.99 -19.92
O2 SO4 TA . -15.91 -32.56 -19.66
O3 SO4 TA . -14.35 -33.14 -17.98
O4 SO4 TA . -14.27 -34.27 -20.08
S SO4 UA . -34.08 -12.03 -3.07
O1 SO4 UA . -35.07 -11.38 -2.20
O2 SO4 UA . -33.39 -11.07 -3.91
O3 SO4 UA . -34.70 -12.95 -4.01
O4 SO4 UA . -33.16 -12.71 -2.18
S SO4 VA . -18.49 -41.61 -4.22
O1 SO4 VA . -17.31 -42.41 -4.49
O2 SO4 VA . -18.13 -40.49 -3.33
O3 SO4 VA . -19.51 -42.44 -3.55
O4 SO4 VA . -19.03 -41.09 -5.48
C1 NAG WA . -19.74 -22.19 34.49
C2 NAG WA . -19.31 -23.66 34.52
C3 NAG WA . -20.03 -24.52 35.59
C4 NAG WA . -21.45 -24.04 35.94
C5 NAG WA . -21.68 -22.52 35.84
C6 NAG WA . -22.33 -22.03 37.14
C7 NAG WA . -20.31 -25.11 32.75
C8 NAG WA . -21.48 -24.59 31.95
N2 NAG WA . -19.41 -24.22 33.16
O3 NAG WA . -19.22 -24.60 36.75
O4 NAG WA . -22.38 -24.70 35.11
O5 NAG WA . -20.47 -21.81 35.65
O6 NAG WA . -23.45 -21.19 36.87
O7 NAG WA . -20.21 -26.32 33.02
S SO4 XA . 1.16 -26.91 -4.59
O1 SO4 XA . 0.20 -26.26 -5.49
O2 SO4 XA . 1.43 -26.07 -3.43
O3 SO4 XA . 2.45 -27.16 -5.24
O4 SO4 XA . 0.61 -28.20 -4.15
S SO4 YA . -7.18 -31.07 22.16
O1 SO4 YA . -8.18 -31.06 23.23
O2 SO4 YA . -5.99 -30.31 22.52
O3 SO4 YA . -7.76 -30.46 20.97
O4 SO4 YA . -6.84 -32.47 21.89
S SO4 ZA . -3.53 -1.15 35.91
O1 SO4 ZA . -4.87 -0.60 36.17
O2 SO4 ZA . -3.25 -1.04 34.49
O3 SO4 ZA . -3.61 -2.55 36.31
O4 SO4 ZA . -2.47 -0.43 36.60
S SO4 AB . 9.52 -31.75 30.14
O1 SO4 AB . 9.55 -32.53 28.90
O2 SO4 AB . 10.60 -32.20 31.03
O3 SO4 AB . 8.25 -31.92 30.83
O4 SO4 AB . 9.68 -30.32 29.88
C1 NAG BB . 33.09 27.03 -17.17
C2 NAG BB . 34.03 28.09 -17.81
C3 NAG BB . 33.67 28.42 -19.27
C4 NAG BB . 32.18 28.72 -19.46
C5 NAG BB . 31.31 27.92 -18.49
C6 NAG BB . 29.97 27.54 -19.13
C7 NAG BB . 35.04 29.60 -16.10
C8 NAG BB . 36.50 29.41 -16.48
N2 NAG BB . 34.10 29.32 -17.02
O3 NAG BB . 34.00 27.35 -20.11
O4 NAG BB . 31.95 30.10 -19.29
O5 NAG BB . 32.00 26.76 -18.05
O6 NAG BB . 29.19 26.82 -18.20
O7 NAG BB . 34.77 30.03 -14.97
S SO4 CB . -10.78 24.75 -7.29
O1 SO4 CB . -11.35 24.88 -5.96
O2 SO4 CB . -11.09 25.94 -8.09
O3 SO4 CB . -11.26 23.52 -7.94
O4 SO4 CB . -9.32 24.69 -7.16
S SO4 DB . 16.09 34.14 -11.28
O1 SO4 DB . 15.20 33.20 -11.96
O2 SO4 DB . 15.51 35.48 -11.34
O3 SO4 DB . 17.38 34.15 -11.97
O4 SO4 DB . 16.31 33.74 -9.89
S SO4 EB . 19.06 40.44 5.94
O1 SO4 EB . 20.02 40.37 4.84
O2 SO4 EB . 19.43 41.52 6.87
O3 SO4 EB . 19.03 39.16 6.63
O4 SO4 EB . 17.71 40.72 5.42
C1 NAG FB . 11.95 18.25 41.77
C2 NAG FB . 13.14 18.06 40.80
C3 NAG FB . 14.50 18.36 41.47
C4 NAG FB . 14.47 19.49 42.53
C5 NAG FB . 13.16 19.54 43.32
C6 NAG FB . 13.01 20.76 44.24
C7 NAG FB . 13.90 15.68 40.38
C8 NAG FB . 13.66 14.84 41.62
N2 NAG FB . 13.09 16.73 40.15
O3 NAG FB . 15.44 18.66 40.46
O4 NAG FB . 15.53 19.31 43.44
O5 NAG FB . 12.06 19.49 42.43
O6 NAG FB . 13.83 21.84 43.82
O7 NAG FB . 14.82 15.36 39.63
C1 NAG GB . -12.09 40.30 15.55
C2 NAG GB . -11.16 40.03 14.35
C3 NAG GB . -9.90 40.90 14.40
C4 NAG GB . -9.88 41.99 15.50
C5 NAG GB . -10.45 41.54 16.86
C6 NAG GB . -11.11 42.71 17.59
C7 NAG GB . -11.27 37.81 13.24
C8 NAG GB . -10.81 36.37 13.29
N2 NAG GB . -10.83 38.61 14.23
O3 NAG GB . -9.80 41.54 13.14
O4 NAG GB . -8.56 42.44 15.71
O5 NAG GB . -11.35 40.45 16.77
O6 NAG GB . -11.49 42.29 18.88
O7 NAG GB . -12.01 38.16 12.33
S SO4 HB . -6.21 25.84 8.84
O1 SO4 HB . -5.50 24.82 9.63
O2 SO4 HB . -6.68 26.92 9.69
O3 SO4 HB . -7.36 25.24 8.17
O4 SO4 HB . -5.29 26.37 7.83
S SO4 IB . 4.24 30.16 29.00
O1 SO4 IB . 2.84 29.81 28.75
O2 SO4 IB . 4.34 31.58 29.31
O3 SO4 IB . 5.01 29.88 27.79
O4 SO4 IB . 4.75 29.36 30.11
C1 NAG JB . -28.17 34.26 1.26
C2 NAG JB . -27.13 34.90 2.19
C3 NAG JB . -27.33 34.47 3.65
C4 NAG JB . -28.79 34.55 4.06
C5 NAG JB . -29.70 33.75 3.13
C6 NAG JB . -30.96 34.52 2.79
C7 NAG JB . -24.93 35.58 1.39
C8 NAG JB . -23.82 35.88 2.36
N2 NAG JB . -25.78 34.60 1.73
O3 NAG JB . -26.56 35.30 4.49
O4 NAG JB . -28.94 34.09 5.39
O5 NAG JB . -29.04 33.35 1.92
O6 NAG JB . -32.02 34.13 3.65
O7 NAG JB . -25.03 36.23 0.35
S SO4 KB . -33.01 16.87 12.73
O1 SO4 KB . -33.99 16.02 13.41
O2 SO4 KB . -33.47 18.26 12.81
O3 SO4 KB . -32.90 16.44 11.33
O4 SO4 KB . -31.72 16.79 13.42
S SO4 LB . -39.55 21.20 -3.97
O1 SO4 LB . -38.74 20.88 -5.15
O2 SO4 LB . -38.86 22.23 -3.18
O3 SO4 LB . -39.73 20.00 -3.16
O4 SO4 LB . -40.86 21.69 -4.40
C1 NAG MB . -21.55 9.30 -41.28
C2 NAG MB . -22.76 9.99 -40.60
C3 NAG MB . -23.96 10.28 -41.53
C4 NAG MB . -24.21 9.21 -42.61
C5 NAG MB . -23.14 8.11 -42.55
C6 NAG MB . -23.20 7.15 -43.75
C7 NAG MB . -22.66 9.26 -38.24
C8 NAG MB . -23.24 10.26 -37.27
N2 NAG MB . -23.22 9.21 -39.46
O3 NAG MB . -23.78 11.54 -42.13
O4 NAG MB . -25.50 8.66 -42.46
O5 NAG MB . -21.87 8.72 -42.53
O6 NAG MB . -22.43 6.01 -43.43
O7 NAG MB . -21.73 8.52 -37.91
S SO4 NB . -22.18 22.87 -27.48
O1 SO4 NB . -22.64 22.21 -28.71
O2 SO4 NB . -20.71 22.96 -27.46
O3 SO4 NB . -22.62 22.13 -26.31
O4 SO4 NB . -22.78 24.21 -27.41
#